data_1I11
#
_entry.id   1I11
#
_cell.length_a   1.000
_cell.length_b   1.000
_cell.length_c   1.000
_cell.angle_alpha   90.00
_cell.angle_beta   90.00
_cell.angle_gamma   90.00
#
_symmetry.space_group_name_H-M   'P 1'
#
_entity_poly.entity_id   1
_entity_poly.type   'polypeptide(L)'
_entity_poly.pdbx_seq_one_letter_code
;GSPHIKRPMNAFMVWAKDERRKILQAFPDMHNSNISKILGSRWKAMTNLEKQPYYEEQARLSKQHLEKYPDYKYKPRPKR
T
;
_entity_poly.pdbx_strand_id   A
#
# COMPACT_ATOMS: atom_id res chain seq x y z
N PRO A 3 -9.84 7.26 1.35
CA PRO A 3 -8.62 7.78 0.65
C PRO A 3 -7.79 8.63 1.61
N HIS A 4 -8.43 9.44 2.41
CA HIS A 4 -7.67 10.29 3.37
C HIS A 4 -8.08 9.92 4.79
N ILE A 5 -8.00 8.67 5.15
CA ILE A 5 -8.38 8.24 6.52
C ILE A 5 -7.15 7.65 7.22
N LYS A 6 -7.16 7.63 8.52
CA LYS A 6 -5.99 7.08 9.26
C LYS A 6 -6.05 5.55 9.25
N ARG A 7 -6.20 4.96 8.09
CA ARG A 7 -6.26 3.47 8.01
C ARG A 7 -4.86 2.90 8.28
N PRO A 8 -4.82 1.63 8.59
CA PRO A 8 -3.56 0.93 8.87
C PRO A 8 -2.81 0.63 7.57
N MET A 9 -2.34 1.65 6.90
CA MET A 9 -1.58 1.43 5.65
C MET A 9 -0.11 1.71 5.93
N ASN A 10 0.68 1.84 4.92
CA ASN A 10 2.12 2.11 5.19
C ASN A 10 2.86 2.16 3.85
N ALA A 11 4.13 2.37 3.86
CA ALA A 11 4.87 2.45 2.58
C ALA A 11 4.58 1.19 1.79
N PHE A 12 4.42 0.10 2.47
CA PHE A 12 4.13 -1.16 1.77
C PHE A 12 2.72 -1.12 1.20
N MET A 13 1.74 -1.00 2.04
CA MET A 13 0.35 -0.91 1.50
C MET A 13 0.30 0.31 0.61
N VAL A 14 1.27 1.18 0.75
CA VAL A 14 1.31 2.40 -0.07
C VAL A 14 1.96 2.05 -1.40
N TRP A 15 3.04 1.35 -1.34
CA TRP A 15 3.76 0.97 -2.58
C TRP A 15 3.07 -0.23 -3.20
N ALA A 16 2.59 -1.11 -2.37
CA ALA A 16 1.92 -2.34 -2.84
C ALA A 16 0.55 -2.00 -3.43
N LYS A 17 -0.05 -0.91 -3.03
CA LYS A 17 -1.38 -0.57 -3.58
C LYS A 17 -1.20 -0.25 -5.06
N ASP A 18 -0.05 0.24 -5.41
CA ASP A 18 0.22 0.54 -6.83
C ASP A 18 0.92 -0.67 -7.41
N GLU A 19 1.67 -1.34 -6.60
CA GLU A 19 2.38 -2.55 -7.05
C GLU A 19 1.35 -3.65 -7.33
N ARG A 20 0.31 -3.71 -6.53
CA ARG A 20 -0.74 -4.74 -6.78
C ARG A 20 -1.55 -4.27 -7.97
N ARG A 21 -1.74 -2.98 -8.07
CA ARG A 21 -2.47 -2.43 -9.21
C ARG A 21 -1.58 -2.64 -10.43
N LYS A 22 -0.31 -2.45 -10.23
CA LYS A 22 0.66 -2.64 -11.34
C LYS A 22 0.82 -4.12 -11.62
N ILE A 23 0.46 -4.94 -10.68
CA ILE A 23 0.59 -6.41 -10.89
C ILE A 23 -0.77 -6.94 -11.35
N LEU A 24 -1.80 -6.57 -10.67
CA LEU A 24 -3.15 -7.04 -11.05
C LEU A 24 -3.35 -6.85 -12.54
N GLN A 25 -2.72 -5.85 -13.07
CA GLN A 25 -2.85 -5.59 -14.52
C GLN A 25 -2.29 -6.80 -15.23
N ALA A 26 -1.24 -7.27 -14.66
CA ALA A 26 -0.54 -8.46 -15.19
C ALA A 26 -1.25 -9.71 -14.68
N PHE A 27 -1.95 -9.58 -13.58
CA PHE A 27 -2.68 -10.72 -12.99
C PHE A 27 -4.03 -10.21 -12.47
N PRO A 28 -4.90 -9.94 -13.40
CA PRO A 28 -6.26 -9.42 -13.12
C PRO A 28 -7.11 -10.49 -12.39
N ASP A 29 -6.57 -11.67 -12.22
CA ASP A 29 -7.32 -12.72 -11.50
C ASP A 29 -6.72 -12.85 -10.11
N MET A 30 -5.46 -12.53 -10.00
CA MET A 30 -4.79 -12.59 -8.68
C MET A 30 -5.47 -11.60 -7.77
N HIS A 31 -6.46 -12.06 -7.09
CA HIS A 31 -7.21 -11.15 -6.20
C HIS A 31 -6.43 -10.89 -4.91
N ASN A 32 -7.02 -10.18 -3.98
CA ASN A 32 -6.32 -9.84 -2.71
C ASN A 32 -5.73 -11.11 -2.06
N SER A 33 -6.56 -12.05 -1.72
CA SER A 33 -6.04 -13.28 -1.06
C SER A 33 -4.77 -13.79 -1.73
N ASN A 34 -4.50 -13.43 -2.97
CA ASN A 34 -3.28 -13.93 -3.64
C ASN A 34 -2.26 -12.79 -3.83
N ILE A 35 -2.66 -11.73 -4.46
CA ILE A 35 -1.70 -10.61 -4.69
C ILE A 35 -1.08 -10.22 -3.35
N SER A 36 -1.74 -10.53 -2.28
CA SER A 36 -1.19 -10.20 -0.94
C SER A 36 0.20 -10.80 -0.77
N LYS A 37 0.34 -12.07 -1.07
CA LYS A 37 1.68 -12.69 -0.92
C LYS A 37 2.58 -12.12 -2.00
N ILE A 38 1.99 -11.62 -3.05
CA ILE A 38 2.79 -11.03 -4.15
C ILE A 38 3.39 -9.71 -3.66
N LEU A 39 2.55 -8.86 -3.17
CA LEU A 39 3.00 -7.54 -2.68
C LEU A 39 4.00 -7.73 -1.54
N GLY A 40 3.56 -8.37 -0.50
CA GLY A 40 4.45 -8.60 0.68
C GLY A 40 5.69 -9.37 0.24
N SER A 41 5.64 -9.93 -0.93
CA SER A 41 6.81 -10.67 -1.44
C SER A 41 7.51 -9.77 -2.43
N ARG A 42 6.81 -8.78 -2.88
CA ARG A 42 7.42 -7.82 -3.82
C ARG A 42 8.06 -6.75 -2.96
N TRP A 43 7.49 -6.57 -1.80
CA TRP A 43 8.00 -5.59 -0.83
C TRP A 43 9.34 -6.04 -0.28
N LYS A 44 9.36 -7.20 0.34
CA LYS A 44 10.64 -7.69 0.89
C LYS A 44 11.60 -7.85 -0.27
N ALA A 45 11.06 -7.91 -1.46
CA ALA A 45 11.88 -8.05 -2.66
C ALA A 45 12.36 -6.68 -3.13
N MET A 46 12.14 -5.65 -2.34
CA MET A 46 12.57 -4.29 -2.73
C MET A 46 14.02 -4.10 -2.28
N THR A 47 14.36 -2.99 -1.67
CA THR A 47 15.77 -2.81 -1.24
C THR A 47 15.85 -1.99 0.05
N ASN A 48 14.73 -1.74 0.68
CA ASN A 48 14.75 -0.95 1.94
C ASN A 48 15.08 0.50 1.62
N LEU A 49 16.21 0.75 1.03
CA LEU A 49 16.58 2.15 0.69
C LEU A 49 15.69 2.65 -0.44
N GLU A 50 15.09 1.76 -1.18
CA GLU A 50 14.19 2.20 -2.28
C GLU A 50 12.82 2.58 -1.71
N LYS A 51 12.66 2.44 -0.42
CA LYS A 51 11.35 2.80 0.21
C LYS A 51 11.31 4.29 0.53
N GLN A 52 12.21 5.06 -0.02
CA GLN A 52 12.24 6.53 0.26
C GLN A 52 10.92 7.22 -0.15
N PRO A 53 10.45 6.91 -1.33
CA PRO A 53 9.22 7.53 -1.88
C PRO A 53 7.96 6.92 -1.27
N TYR A 54 7.90 5.62 -1.20
CA TYR A 54 6.69 4.99 -0.62
C TYR A 54 6.64 5.33 0.86
N TYR A 55 7.71 5.88 1.37
CA TYR A 55 7.72 6.23 2.82
C TYR A 55 7.06 7.59 3.00
N GLU A 56 7.57 8.60 2.34
CA GLU A 56 6.97 9.96 2.47
C GLU A 56 5.55 9.92 1.92
N GLU A 57 5.29 9.03 1.00
CA GLU A 57 3.92 8.95 0.42
C GLU A 57 2.94 8.53 1.53
N GLN A 58 3.44 7.99 2.60
CA GLN A 58 2.54 7.57 3.71
C GLN A 58 2.26 8.78 4.58
N ALA A 59 3.29 9.43 5.01
CA ALA A 59 3.12 10.62 5.87
C ALA A 59 2.28 11.66 5.11
N ARG A 60 2.34 11.65 3.81
CA ARG A 60 1.54 12.64 3.03
C ARG A 60 0.07 12.28 3.13
N LEU A 61 -0.30 11.11 2.67
CA LEU A 61 -1.72 10.69 2.74
C LEU A 61 -2.20 10.79 4.19
N SER A 62 -1.31 10.67 5.13
CA SER A 62 -1.71 10.78 6.56
C SER A 62 -1.88 12.27 6.87
N LYS A 63 -1.10 13.09 6.22
CA LYS A 63 -1.20 14.56 6.45
C LYS A 63 -2.44 15.08 5.73
N GLN A 64 -2.78 14.48 4.61
CA GLN A 64 -3.98 14.91 3.86
C GLN A 64 -5.24 14.55 4.65
N HIS A 65 -5.15 13.56 5.50
CA HIS A 65 -6.34 13.15 6.30
C HIS A 65 -6.61 14.18 7.39
N LEU A 66 -5.67 14.36 8.26
CA LEU A 66 -5.88 15.34 9.38
C LEU A 66 -6.15 16.73 8.83
N GLU A 67 -5.40 17.16 7.86
CA GLU A 67 -5.62 18.51 7.29
C GLU A 67 -7.07 18.62 6.84
N LYS A 68 -7.66 17.51 6.56
CA LYS A 68 -9.08 17.51 6.08
C LYS A 68 -10.02 17.71 7.26
N TYR A 69 -9.64 17.25 8.42
CA TYR A 69 -10.52 17.43 9.61
C TYR A 69 -9.93 18.49 10.55
N PRO A 70 -10.42 19.70 10.44
CA PRO A 70 -9.97 20.84 11.26
C PRO A 70 -10.59 20.77 12.65
N ASP A 71 -11.89 20.81 12.70
CA ASP A 71 -12.60 20.77 14.00
C ASP A 71 -12.48 19.38 14.62
N TYR A 72 -11.28 18.89 14.77
CA TYR A 72 -11.09 17.55 15.37
C TYR A 72 -11.40 17.60 16.86
N PRO A 3 -14.93 0.96 9.18
CA PRO A 3 -15.96 0.62 8.15
C PRO A 3 -15.29 0.37 6.80
N HIS A 4 -14.41 1.24 6.40
CA HIS A 4 -13.72 1.05 5.08
C HIS A 4 -12.69 2.16 4.87
N ILE A 5 -11.78 2.34 5.79
CA ILE A 5 -10.75 3.40 5.64
C ILE A 5 -9.36 2.78 5.62
N LYS A 6 -8.80 2.64 4.46
CA LYS A 6 -7.44 2.04 4.36
C LYS A 6 -6.40 3.01 4.94
N ARG A 7 -6.18 2.93 6.22
CA ARG A 7 -5.19 3.85 6.86
C ARG A 7 -3.78 3.55 6.33
N PRO A 8 -3.21 4.52 5.63
CA PRO A 8 -1.86 4.40 5.06
C PRO A 8 -0.82 4.61 6.14
N MET A 9 -0.52 3.59 6.89
CA MET A 9 0.47 3.70 7.97
C MET A 9 1.76 3.02 7.52
N ASN A 10 1.63 2.18 6.54
CA ASN A 10 2.79 1.43 6.04
C ASN A 10 3.04 1.76 4.58
N ALA A 11 4.28 1.98 4.25
CA ALA A 11 4.64 2.29 2.84
C ALA A 11 4.37 1.07 1.97
N PHE A 12 4.22 -0.05 2.59
CA PHE A 12 3.97 -1.31 1.84
C PHE A 12 2.58 -1.29 1.23
N MET A 13 1.57 -1.14 2.01
CA MET A 13 0.22 -1.08 1.43
C MET A 13 0.18 0.15 0.55
N VAL A 14 1.13 1.04 0.74
CA VAL A 14 1.18 2.26 -0.09
C VAL A 14 1.88 1.94 -1.38
N TRP A 15 2.98 1.29 -1.26
CA TRP A 15 3.75 0.94 -2.48
C TRP A 15 3.12 -0.27 -3.14
N ALA A 16 2.62 -1.16 -2.33
CA ALA A 16 1.97 -2.39 -2.85
C ALA A 16 0.61 -2.09 -3.46
N LYS A 17 -0.04 -1.04 -3.03
CA LYS A 17 -1.37 -0.73 -3.59
C LYS A 17 -1.20 -0.37 -5.06
N ASP A 18 -0.05 0.14 -5.40
CA ASP A 18 0.20 0.48 -6.82
C ASP A 18 0.94 -0.70 -7.44
N GLU A 19 1.71 -1.37 -6.63
CA GLU A 19 2.44 -2.56 -7.11
C GLU A 19 1.44 -3.68 -7.39
N ARG A 20 0.41 -3.75 -6.59
CA ARG A 20 -0.62 -4.80 -6.83
C ARG A 20 -1.47 -4.31 -7.98
N ARG A 21 -1.69 -3.03 -8.05
CA ARG A 21 -2.45 -2.49 -9.18
C ARG A 21 -1.59 -2.68 -10.42
N LYS A 22 -0.31 -2.47 -10.25
CA LYS A 22 0.62 -2.64 -11.39
C LYS A 22 0.78 -4.13 -11.71
N ILE A 23 0.45 -4.97 -10.78
CA ILE A 23 0.58 -6.44 -11.03
C ILE A 23 -0.79 -6.97 -11.46
N LEU A 24 -1.81 -6.63 -10.72
CA LEU A 24 -3.16 -7.09 -11.07
C LEU A 24 -3.42 -6.83 -12.54
N GLN A 25 -2.81 -5.83 -13.06
CA GLN A 25 -2.99 -5.50 -14.49
C GLN A 25 -2.45 -6.68 -15.27
N ALA A 26 -1.40 -7.20 -14.75
CA ALA A 26 -0.74 -8.36 -15.37
C ALA A 26 -1.27 -9.65 -14.74
N PHE A 27 -2.03 -9.53 -13.68
CA PHE A 27 -2.61 -10.71 -13.01
C PHE A 27 -4.00 -10.36 -12.50
N PRO A 28 -4.91 -10.20 -13.44
CA PRO A 28 -6.32 -9.85 -13.16
C PRO A 28 -7.04 -11.01 -12.47
N ASP A 29 -6.37 -12.11 -12.28
CA ASP A 29 -7.01 -13.25 -11.57
C ASP A 29 -6.44 -13.26 -10.16
N MET A 30 -5.20 -12.89 -10.03
CA MET A 30 -4.56 -12.81 -8.71
C MET A 30 -5.28 -11.74 -7.92
N HIS A 31 -6.27 -12.13 -7.19
CA HIS A 31 -7.04 -11.14 -6.43
C HIS A 31 -6.27 -10.71 -5.16
N ASN A 32 -6.95 -10.11 -4.22
CA ASN A 32 -6.26 -9.64 -2.98
C ASN A 32 -5.63 -10.80 -2.22
N SER A 33 -6.42 -11.73 -1.74
CA SER A 33 -5.87 -12.87 -0.97
C SER A 33 -4.58 -13.41 -1.61
N ASN A 34 -4.40 -13.20 -2.89
CA ASN A 34 -3.16 -13.73 -3.54
C ASN A 34 -2.16 -12.59 -3.80
N ILE A 35 -2.59 -11.56 -4.45
CA ILE A 35 -1.66 -10.42 -4.72
C ILE A 35 -1.02 -9.97 -3.41
N SER A 36 -1.75 -10.07 -2.34
CA SER A 36 -1.21 -9.66 -1.02
C SER A 36 0.09 -10.40 -0.74
N LYS A 37 0.10 -11.69 -0.93
CA LYS A 37 1.34 -12.46 -0.68
C LYS A 37 2.36 -12.03 -1.72
N ILE A 38 1.87 -11.65 -2.86
CA ILE A 38 2.77 -11.19 -3.93
C ILE A 38 3.42 -9.89 -3.48
N LEU A 39 2.60 -8.92 -3.19
CA LEU A 39 3.10 -7.61 -2.72
C LEU A 39 4.10 -7.83 -1.60
N GLY A 40 3.66 -8.47 -0.55
CA GLY A 40 4.55 -8.73 0.61
C GLY A 40 5.80 -9.46 0.14
N SER A 41 5.76 -9.99 -1.04
CA SER A 41 6.95 -10.68 -1.57
C SER A 41 7.65 -9.73 -2.51
N ARG A 42 6.95 -8.73 -2.93
CA ARG A 42 7.55 -7.72 -3.81
C ARG A 42 8.17 -6.68 -2.91
N TRP A 43 7.57 -6.52 -1.76
CA TRP A 43 8.06 -5.57 -0.76
C TRP A 43 9.40 -6.05 -0.21
N LYS A 44 9.42 -7.23 0.35
CA LYS A 44 10.69 -7.74 0.89
C LYS A 44 11.66 -7.80 -0.27
N ALA A 45 11.13 -7.86 -1.46
CA ALA A 45 11.96 -7.92 -2.67
C ALA A 45 12.50 -6.53 -2.98
N MET A 46 12.13 -5.54 -2.21
CA MET A 46 12.60 -4.16 -2.47
C MET A 46 14.00 -4.00 -1.86
N THR A 47 14.38 -2.81 -1.49
CA THR A 47 15.74 -2.62 -0.91
C THR A 47 15.67 -1.74 0.34
N ASN A 48 14.49 -1.41 0.77
CA ASN A 48 14.34 -0.53 1.97
C ASN A 48 14.60 0.92 1.57
N LEU A 49 15.73 1.19 1.00
CA LEU A 49 16.04 2.58 0.58
C LEU A 49 15.03 3.00 -0.49
N GLU A 50 14.58 2.08 -1.28
CA GLU A 50 13.59 2.42 -2.34
C GLU A 50 12.19 2.49 -1.71
N LYS A 51 12.04 1.91 -0.55
CA LYS A 51 10.71 1.92 0.14
C LYS A 51 10.57 3.22 0.96
N GLN A 52 11.63 3.97 1.06
CA GLN A 52 11.59 5.24 1.85
C GLN A 52 10.56 6.25 1.31
N PRO A 53 10.48 6.38 0.01
CA PRO A 53 9.55 7.34 -0.61
C PRO A 53 8.11 6.86 -0.55
N TYR A 54 7.90 5.58 -0.53
CA TYR A 54 6.51 5.08 -0.43
C TYR A 54 6.02 5.32 0.98
N TYR A 55 6.91 5.77 1.84
CA TYR A 55 6.52 6.05 3.23
C TYR A 55 5.89 7.44 3.28
N GLU A 56 6.67 8.44 3.02
CA GLU A 56 6.11 9.82 3.01
C GLU A 56 5.00 9.87 1.98
N GLU A 57 5.09 9.04 0.96
CA GLU A 57 4.04 9.01 -0.07
C GLU A 57 2.74 8.52 0.57
N GLN A 58 2.85 7.91 1.72
CA GLN A 58 1.62 7.42 2.41
C GLN A 58 0.91 8.62 3.01
N ALA A 59 1.65 9.41 3.71
CA ALA A 59 1.08 10.61 4.36
C ALA A 59 0.33 11.44 3.30
N ARG A 60 0.86 11.51 2.11
CA ARG A 60 0.17 12.30 1.04
C ARG A 60 -1.11 11.56 0.64
N LEU A 61 -0.99 10.34 0.22
CA LEU A 61 -2.20 9.57 -0.17
C LEU A 61 -3.12 9.41 1.03
N SER A 62 -2.67 9.75 2.20
CA SER A 62 -3.55 9.64 3.39
C SER A 62 -4.50 10.82 3.37
N LYS A 63 -4.01 11.94 2.92
CA LYS A 63 -4.86 13.16 2.83
C LYS A 63 -5.98 12.89 1.82
N GLN A 64 -5.62 12.44 0.65
CA GLN A 64 -6.66 12.15 -0.38
C GLN A 64 -7.61 11.09 0.16
N HIS A 65 -7.15 10.27 1.06
CA HIS A 65 -8.03 9.22 1.64
C HIS A 65 -9.27 9.87 2.21
N LEU A 66 -9.11 10.69 3.21
CA LEU A 66 -10.28 11.36 3.83
C LEU A 66 -11.17 11.93 2.72
N GLU A 67 -10.57 12.51 1.72
CA GLU A 67 -11.38 13.08 0.62
C GLU A 67 -12.28 11.99 0.04
N LYS A 68 -11.93 10.76 0.27
CA LYS A 68 -12.75 9.64 -0.26
C LYS A 68 -14.01 9.48 0.59
N TYR A 69 -13.84 9.28 1.87
CA TYR A 69 -15.02 9.12 2.75
C TYR A 69 -14.86 10.00 4.00
N PRO A 70 -14.82 11.29 3.77
CA PRO A 70 -14.66 12.27 4.85
C PRO A 70 -16.00 12.49 5.55
N ASP A 71 -16.93 13.07 4.85
CA ASP A 71 -18.27 13.35 5.44
C ASP A 71 -19.16 12.12 5.26
N TYR A 72 -18.76 10.99 5.76
CA TYR A 72 -19.59 9.76 5.62
C TYR A 72 -20.93 10.01 6.30
N PRO A 3 -14.49 0.94 4.07
CA PRO A 3 -13.83 0.40 5.30
C PRO A 3 -13.53 1.55 6.27
N HIS A 4 -12.97 2.61 5.76
CA HIS A 4 -12.65 3.78 6.65
C HIS A 4 -11.74 3.33 7.80
N ILE A 5 -10.66 2.68 7.49
CA ILE A 5 -9.73 2.21 8.56
C ILE A 5 -8.29 2.53 8.18
N LYS A 6 -7.39 2.48 9.13
CA LYS A 6 -5.96 2.78 8.81
C LYS A 6 -5.35 1.63 8.02
N ARG A 7 -5.68 1.52 6.77
CA ARG A 7 -5.11 0.42 5.94
C ARG A 7 -3.65 0.73 5.60
N PRO A 8 -3.43 1.90 5.05
CA PRO A 8 -2.09 2.35 4.66
C PRO A 8 -1.33 2.88 5.88
N MET A 9 -0.84 1.99 6.71
CA MET A 9 -0.09 2.42 7.90
C MET A 9 1.39 2.25 7.62
N ASN A 10 1.67 1.41 6.66
CA ASN A 10 3.06 1.13 6.28
C ASN A 10 3.25 1.52 4.83
N ALA A 11 4.45 1.83 4.44
CA ALA A 11 4.70 2.21 3.03
C ALA A 11 4.42 1.01 2.14
N PHE A 12 4.28 -0.13 2.72
CA PHE A 12 4.02 -1.36 1.94
C PHE A 12 2.65 -1.29 1.30
N MET A 13 1.61 -1.34 2.07
CA MET A 13 0.26 -1.25 1.46
C MET A 13 0.22 0.05 0.67
N VAL A 14 1.14 0.94 0.96
CA VAL A 14 1.18 2.23 0.23
C VAL A 14 1.86 2.00 -1.09
N TRP A 15 2.99 1.36 -1.06
CA TRP A 15 3.73 1.11 -2.31
C TRP A 15 3.10 -0.08 -3.03
N ALA A 16 2.59 -0.99 -2.26
CA ALA A 16 1.94 -2.19 -2.82
C ALA A 16 0.59 -1.82 -3.42
N LYS A 17 0.05 -0.68 -3.08
CA LYS A 17 -1.27 -0.30 -3.64
C LYS A 17 -1.10 -0.07 -5.13
N ASP A 18 0.03 0.42 -5.53
CA ASP A 18 0.28 0.64 -6.97
C ASP A 18 0.90 -0.62 -7.53
N GLU A 19 1.65 -1.30 -6.71
CA GLU A 19 2.26 -2.57 -7.12
C GLU A 19 1.15 -3.60 -7.31
N ARG A 20 0.11 -3.48 -6.53
CA ARG A 20 -1.05 -4.38 -6.64
C ARG A 20 -1.68 -4.12 -7.99
N ARG A 21 -1.89 -2.87 -8.25
CA ARG A 21 -2.47 -2.45 -9.54
C ARG A 21 -1.46 -2.76 -10.63
N LYS A 22 -0.22 -2.51 -10.35
CA LYS A 22 0.83 -2.77 -11.35
C LYS A 22 0.93 -4.28 -11.59
N ILE A 23 0.51 -5.06 -10.64
CA ILE A 23 0.56 -6.54 -10.81
C ILE A 23 -0.80 -7.04 -11.27
N LEU A 24 -1.83 -6.60 -10.63
CA LEU A 24 -3.19 -7.02 -11.02
C LEU A 24 -3.34 -6.90 -12.51
N GLN A 25 -2.67 -5.96 -13.08
CA GLN A 25 -2.75 -5.76 -14.54
C GLN A 25 -2.14 -6.98 -15.18
N ALA A 26 -1.10 -7.43 -14.56
CA ALA A 26 -0.38 -8.63 -15.04
C ALA A 26 -1.07 -9.87 -14.47
N PHE A 27 -1.96 -9.66 -13.53
CA PHE A 27 -2.68 -10.80 -12.93
C PHE A 27 -4.04 -10.28 -12.41
N PRO A 28 -4.92 -10.01 -13.33
CA PRO A 28 -6.27 -9.51 -13.04
C PRO A 28 -7.11 -10.58 -12.35
N ASP A 29 -6.59 -11.76 -12.20
CA ASP A 29 -7.34 -12.82 -11.49
C ASP A 29 -6.75 -12.91 -10.10
N MET A 30 -5.47 -12.67 -10.00
CA MET A 30 -4.80 -12.67 -8.68
C MET A 30 -5.43 -11.57 -7.85
N HIS A 31 -6.42 -11.91 -7.13
CA HIS A 31 -7.13 -10.89 -6.33
C HIS A 31 -6.33 -10.53 -5.06
N ASN A 32 -6.99 -10.00 -4.07
CA ASN A 32 -6.27 -9.59 -2.83
C ASN A 32 -5.68 -10.81 -2.11
N SER A 33 -6.51 -11.70 -1.62
CA SER A 33 -5.99 -12.90 -0.89
C SER A 33 -4.73 -13.44 -1.57
N ASN A 34 -4.56 -13.23 -2.84
CA ASN A 34 -3.35 -13.77 -3.53
C ASN A 34 -2.33 -12.65 -3.76
N ILE A 35 -2.76 -11.55 -4.31
CA ILE A 35 -1.81 -10.43 -4.57
C ILE A 35 -1.07 -10.09 -3.28
N SER A 36 -1.71 -10.27 -2.15
CA SER A 36 -1.06 -9.96 -0.86
C SER A 36 0.29 -10.67 -0.78
N LYS A 37 0.32 -11.92 -1.15
CA LYS A 37 1.60 -12.66 -1.09
C LYS A 37 2.52 -12.07 -2.15
N ILE A 38 1.93 -11.52 -3.16
CA ILE A 38 2.74 -10.91 -4.24
C ILE A 38 3.34 -9.61 -3.71
N LEU A 39 2.50 -8.71 -3.30
CA LEU A 39 2.97 -7.42 -2.76
C LEU A 39 4.01 -7.68 -1.67
N GLY A 40 3.57 -8.32 -0.62
CA GLY A 40 4.48 -8.62 0.53
C GLY A 40 5.68 -9.40 0.04
N SER A 41 5.61 -9.93 -1.15
CA SER A 41 6.76 -10.66 -1.69
C SER A 41 7.49 -9.73 -2.63
N ARG A 42 6.81 -8.69 -3.03
CA ARG A 42 7.44 -7.69 -3.91
C ARG A 42 8.12 -6.69 -2.99
N TRP A 43 7.52 -6.52 -1.85
CA TRP A 43 8.05 -5.61 -0.82
C TRP A 43 9.38 -6.13 -0.31
N LYS A 44 9.39 -7.30 0.25
CA LYS A 44 10.66 -7.86 0.76
C LYS A 44 11.62 -7.92 -0.41
N ALA A 45 11.05 -7.90 -1.59
CA ALA A 45 11.86 -7.98 -2.81
C ALA A 45 12.28 -6.59 -3.29
N MET A 46 12.00 -5.57 -2.53
CA MET A 46 12.39 -4.20 -2.98
C MET A 46 13.83 -3.93 -2.53
N THR A 47 14.12 -2.78 -1.97
CA THR A 47 15.53 -2.51 -1.57
C THR A 47 15.63 -1.60 -0.34
N ASN A 48 14.60 -1.50 0.43
CA ASN A 48 14.67 -0.62 1.64
C ASN A 48 14.78 0.85 1.22
N LEU A 49 15.76 1.18 0.44
CA LEU A 49 15.90 2.59 -0.01
C LEU A 49 14.77 2.92 -0.98
N GLU A 50 14.12 1.91 -1.49
CA GLU A 50 13.01 2.16 -2.44
C GLU A 50 11.73 2.46 -1.67
N LYS A 51 11.56 1.86 -0.52
CA LYS A 51 10.34 2.11 0.28
C LYS A 51 10.51 3.36 1.14
N GLN A 52 11.66 3.97 1.09
CA GLN A 52 11.90 5.18 1.92
C GLN A 52 10.90 6.30 1.58
N PRO A 53 10.73 6.56 0.32
CA PRO A 53 9.81 7.61 -0.15
C PRO A 53 8.37 7.12 -0.07
N TYR A 54 8.18 5.83 -0.09
CA TYR A 54 6.80 5.30 0.06
C TYR A 54 6.44 5.37 1.52
N TYR A 55 7.40 5.76 2.32
CA TYR A 55 7.16 5.85 3.78
C TYR A 55 6.47 7.17 4.10
N GLU A 56 7.08 8.26 3.76
CA GLU A 56 6.46 9.57 4.04
C GLU A 56 5.20 9.71 3.17
N GLU A 57 5.20 9.09 2.02
CA GLU A 57 4.01 9.17 1.14
C GLU A 57 2.86 8.42 1.80
N GLN A 58 3.16 7.63 2.79
CA GLN A 58 2.09 6.88 3.50
C GLN A 58 1.50 7.79 4.57
N ALA A 59 2.32 8.23 5.46
CA ALA A 59 1.83 9.15 6.51
C ALA A 59 1.06 10.29 5.85
N ARG A 60 1.36 10.55 4.59
CA ARG A 60 0.63 11.65 3.87
C ARG A 60 -0.80 11.22 3.64
N LEU A 61 -0.99 10.19 2.85
CA LEU A 61 -2.36 9.70 2.57
C LEU A 61 -3.02 9.25 3.88
N SER A 62 -2.24 9.03 4.90
CA SER A 62 -2.82 8.61 6.20
C SER A 62 -3.39 9.85 6.88
N LYS A 63 -2.85 10.99 6.55
CA LYS A 63 -3.35 12.26 7.15
C LYS A 63 -4.73 12.57 6.56
N GLN A 64 -4.81 12.71 5.27
CA GLN A 64 -6.12 13.01 4.63
C GLN A 64 -7.07 11.84 4.89
N HIS A 65 -6.54 10.70 5.26
CA HIS A 65 -7.42 9.53 5.54
C HIS A 65 -8.31 9.85 6.72
N LEU A 66 -7.74 10.02 7.88
CA LEU A 66 -8.56 10.35 9.07
C LEU A 66 -9.54 11.47 8.71
N GLU A 67 -9.09 12.39 7.90
CA GLU A 67 -9.99 13.50 7.49
C GLU A 67 -11.23 12.94 6.80
N LYS A 68 -11.19 11.70 6.40
CA LYS A 68 -12.37 11.09 5.71
C LYS A 68 -13.36 10.59 6.74
N TYR A 69 -12.89 9.90 7.75
CA TYR A 69 -13.82 9.38 8.79
C TYR A 69 -13.39 9.92 10.16
N PRO A 70 -13.91 11.07 10.50
CA PRO A 70 -13.59 11.75 11.77
C PRO A 70 -14.38 11.13 12.93
N ASP A 71 -15.66 11.39 12.97
CA ASP A 71 -16.49 10.86 14.08
C ASP A 71 -16.94 9.43 13.78
N TYR A 72 -16.27 8.75 12.90
CA TYR A 72 -16.68 7.36 12.58
C TYR A 72 -16.09 6.41 13.64
N PRO A 3 -11.45 6.53 1.87
CA PRO A 3 -12.38 7.64 2.24
C PRO A 3 -12.91 7.41 3.66
N HIS A 4 -13.34 6.22 3.96
CA HIS A 4 -13.87 5.95 5.33
C HIS A 4 -13.97 4.43 5.54
N ILE A 5 -12.87 3.74 5.50
CA ILE A 5 -12.90 2.26 5.72
C ILE A 5 -11.72 1.85 6.60
N LYS A 6 -11.89 0.81 7.37
CA LYS A 6 -10.78 0.36 8.25
C LYS A 6 -9.80 -0.50 7.44
N ARG A 7 -9.03 0.12 6.60
CA ARG A 7 -8.05 -0.65 5.78
C ARG A 7 -6.65 -0.54 6.39
N PRO A 8 -6.15 -1.62 6.91
CA PRO A 8 -4.82 -1.67 7.53
C PRO A 8 -3.75 -1.65 6.45
N MET A 9 -3.41 -0.48 5.99
CA MET A 9 -2.38 -0.35 4.94
C MET A 9 -1.13 0.18 5.58
N ASN A 10 -0.18 0.58 4.80
CA ASN A 10 1.07 1.09 5.37
C ASN A 10 2.00 1.39 4.19
N ALA A 11 3.22 1.79 4.42
CA ALA A 11 4.10 2.07 3.26
C ALA A 11 4.03 0.90 2.32
N PHE A 12 3.88 -0.26 2.86
CA PHE A 12 3.79 -1.46 2.03
C PHE A 12 2.47 -1.48 1.28
N MET A 13 1.38 -1.55 1.98
CA MET A 13 0.08 -1.53 1.28
C MET A 13 -0.02 -0.21 0.54
N VAL A 14 0.84 0.71 0.89
CA VAL A 14 0.86 2.02 0.23
C VAL A 14 1.66 1.89 -1.04
N TRP A 15 2.78 1.28 -0.95
CA TRP A 15 3.62 1.11 -2.17
C TRP A 15 3.08 -0.08 -2.97
N ALA A 16 2.56 -1.03 -2.26
CA ALA A 16 2.01 -2.25 -2.90
C ALA A 16 0.66 -1.97 -3.57
N LYS A 17 -0.02 -0.92 -3.19
CA LYS A 17 -1.33 -0.64 -3.83
C LYS A 17 -1.09 -0.31 -5.28
N ASP A 18 0.06 0.21 -5.59
CA ASP A 18 0.37 0.52 -7.01
C ASP A 18 1.10 -0.69 -7.57
N GLU A 19 1.89 -1.31 -6.74
CA GLU A 19 2.63 -2.52 -7.17
C GLU A 19 1.63 -3.63 -7.44
N ARG A 20 0.58 -3.69 -6.64
CA ARG A 20 -0.47 -4.72 -6.86
C ARG A 20 -1.31 -4.26 -8.03
N ARG A 21 -1.49 -2.98 -8.14
CA ARG A 21 -2.26 -2.44 -9.27
C ARG A 21 -1.41 -2.70 -10.51
N LYS A 22 -0.12 -2.55 -10.37
CA LYS A 22 0.79 -2.78 -11.50
C LYS A 22 0.88 -4.28 -11.78
N ILE A 23 0.50 -5.08 -10.83
CA ILE A 23 0.54 -6.55 -11.02
C ILE A 23 -0.84 -7.04 -11.41
N LEU A 24 -1.84 -6.54 -10.75
CA LEU A 24 -3.22 -6.95 -11.06
C LEU A 24 -3.45 -6.78 -12.55
N GLN A 25 -2.78 -5.84 -13.13
CA GLN A 25 -2.93 -5.63 -14.59
C GLN A 25 -2.38 -6.88 -15.25
N ALA A 26 -1.37 -7.38 -14.64
CA ALA A 26 -0.72 -8.62 -15.13
C ALA A 26 -1.40 -9.84 -14.50
N PHE A 27 -2.20 -9.61 -13.48
CA PHE A 27 -2.92 -10.72 -12.81
C PHE A 27 -4.23 -10.16 -12.26
N PRO A 28 -5.14 -9.88 -13.15
CA PRO A 28 -6.47 -9.33 -12.83
C PRO A 28 -7.31 -10.36 -12.07
N ASP A 29 -6.82 -11.55 -11.93
CA ASP A 29 -7.57 -12.58 -11.17
C ASP A 29 -6.97 -12.65 -9.78
N MET A 30 -5.68 -12.45 -9.70
CA MET A 30 -4.98 -12.45 -8.40
C MET A 30 -5.52 -11.28 -7.60
N HIS A 31 -6.52 -11.52 -6.84
CA HIS A 31 -7.13 -10.43 -6.07
C HIS A 31 -6.29 -10.10 -4.82
N ASN A 32 -6.71 -9.13 -4.06
CA ASN A 32 -5.96 -8.73 -2.84
C ASN A 32 -5.50 -9.96 -2.04
N SER A 33 -6.44 -10.67 -1.46
CA SER A 33 -6.08 -11.87 -0.65
C SER A 33 -4.90 -12.62 -1.27
N ASN A 34 -4.73 -12.55 -2.56
CA ASN A 34 -3.60 -13.28 -3.20
C ASN A 34 -2.47 -12.30 -3.52
N ILE A 35 -2.77 -11.20 -4.14
CA ILE A 35 -1.70 -10.22 -4.46
C ILE A 35 -0.93 -9.91 -3.18
N SER A 36 -1.58 -10.04 -2.07
CA SER A 36 -0.91 -9.78 -0.77
C SER A 36 0.42 -10.52 -0.71
N LYS A 37 0.40 -11.79 -1.01
CA LYS A 37 1.67 -12.56 -0.98
C LYS A 37 2.56 -12.04 -2.08
N ILE A 38 1.95 -11.59 -3.13
CA ILE A 38 2.74 -11.04 -4.26
C ILE A 38 3.39 -9.74 -3.79
N LEU A 39 2.60 -8.85 -3.28
CA LEU A 39 3.14 -7.56 -2.78
C LEU A 39 4.13 -7.84 -1.68
N GLY A 40 3.69 -8.52 -0.66
CA GLY A 40 4.58 -8.86 0.48
C GLY A 40 5.83 -9.58 -0.04
N SER A 41 5.82 -9.98 -1.28
CA SER A 41 7.00 -10.65 -1.85
C SER A 41 7.70 -9.63 -2.72
N ARG A 42 6.99 -8.61 -3.10
CA ARG A 42 7.58 -7.55 -3.91
C ARG A 42 8.16 -6.56 -2.92
N TRP A 43 7.50 -6.45 -1.80
CA TRP A 43 7.92 -5.57 -0.71
C TRP A 43 9.24 -6.07 -0.12
N LYS A 44 9.23 -7.29 0.35
CA LYS A 44 10.47 -7.84 0.92
C LYS A 44 11.53 -7.71 -0.16
N ALA A 45 11.08 -7.69 -1.37
CA ALA A 45 11.98 -7.56 -2.52
C ALA A 45 12.59 -6.15 -2.55
N MET A 46 12.15 -5.29 -1.67
CA MET A 46 12.69 -3.90 -1.63
C MET A 46 13.89 -3.85 -0.69
N THR A 47 14.09 -2.75 -0.03
CA THR A 47 15.24 -2.65 0.90
C THR A 47 14.93 -1.68 2.04
N ASN A 48 15.16 -0.42 1.82
CA ASN A 48 14.88 0.61 2.87
C ASN A 48 14.82 1.97 2.19
N LEU A 49 15.73 2.23 1.30
CA LEU A 49 15.73 3.53 0.59
C LEU A 49 14.57 3.54 -0.40
N GLU A 50 14.03 2.38 -0.68
CA GLU A 50 12.88 2.31 -1.62
C GLU A 50 11.58 2.61 -0.86
N LYS A 51 11.40 2.00 0.27
CA LYS A 51 10.16 2.24 1.06
C LYS A 51 10.31 3.53 1.87
N GLN A 52 11.33 4.30 1.62
CA GLN A 52 11.54 5.55 2.38
C GLN A 52 10.38 6.53 2.19
N PRO A 53 10.09 6.85 0.95
CA PRO A 53 9.03 7.80 0.61
C PRO A 53 7.66 7.17 0.76
N TYR A 54 7.58 5.88 0.68
CA TYR A 54 6.24 5.24 0.86
C TYR A 54 5.95 5.22 2.35
N TYR A 55 6.91 5.64 3.13
CA TYR A 55 6.71 5.66 4.60
C TYR A 55 6.02 6.96 5.00
N GLU A 56 6.49 8.07 4.52
CA GLU A 56 5.86 9.37 4.88
C GLU A 56 4.47 9.44 4.26
N GLU A 57 4.32 8.96 3.06
CA GLU A 57 2.98 8.99 2.42
C GLU A 57 2.07 8.04 3.18
N GLN A 58 2.63 7.19 3.99
CA GLN A 58 1.80 6.24 4.78
C GLN A 58 1.35 6.96 6.04
N ALA A 59 2.29 7.35 6.84
CA ALA A 59 1.96 8.07 8.08
C ALA A 59 1.02 9.24 7.75
N ARG A 60 1.06 9.72 6.53
CA ARG A 60 0.16 10.84 6.15
C ARG A 60 -1.27 10.34 6.11
N LEU A 61 -1.53 9.39 5.25
CA LEU A 61 -2.90 8.83 5.14
C LEU A 61 -3.24 8.03 6.40
N SER A 62 -2.26 7.59 7.12
CA SER A 62 -2.54 6.80 8.36
C SER A 62 -2.94 7.78 9.47
N LYS A 63 -2.35 8.93 9.47
CA LYS A 63 -2.67 9.94 10.51
C LYS A 63 -4.11 10.41 10.33
N GLN A 64 -4.51 10.69 9.13
CA GLN A 64 -5.91 11.16 8.88
C GLN A 64 -6.86 9.96 8.86
N HIS A 65 -6.33 8.76 8.87
CA HIS A 65 -7.21 7.56 8.84
C HIS A 65 -7.89 7.36 10.19
N LEU A 66 -7.13 7.14 11.21
CA LEU A 66 -7.74 6.90 12.55
C LEU A 66 -8.11 8.21 13.24
N GLU A 67 -7.30 9.21 13.11
CA GLU A 67 -7.62 10.50 13.75
C GLU A 67 -9.01 10.93 13.29
N LYS A 68 -9.39 10.47 12.15
CA LYS A 68 -10.72 10.83 11.60
C LYS A 68 -11.76 9.80 12.00
N TYR A 69 -11.47 8.54 11.83
CA TYR A 69 -12.45 7.48 12.21
C TYR A 69 -11.71 6.25 12.74
N PRO A 70 -11.53 6.22 14.04
CA PRO A 70 -10.85 5.10 14.70
C PRO A 70 -11.81 3.91 14.84
N ASP A 71 -12.57 3.89 15.90
CA ASP A 71 -13.54 2.78 16.09
C ASP A 71 -14.89 3.17 15.50
N TYR A 72 -14.92 3.52 14.25
CA TYR A 72 -16.21 3.91 13.63
C TYR A 72 -17.19 2.74 13.70
N PRO A 3 -15.23 1.41 6.61
CA PRO A 3 -15.58 2.35 7.73
C PRO A 3 -14.53 3.47 7.82
N HIS A 4 -14.52 4.21 8.90
CA HIS A 4 -13.52 5.31 9.03
C HIS A 4 -12.66 5.05 10.26
N ILE A 5 -11.75 4.12 10.17
CA ILE A 5 -10.87 3.82 11.33
C ILE A 5 -9.41 3.94 10.92
N LYS A 6 -8.51 3.71 11.84
CA LYS A 6 -7.07 3.78 11.50
C LYS A 6 -6.63 2.45 10.92
N ARG A 7 -6.90 2.20 9.67
CA ARG A 7 -6.50 0.91 9.06
C ARG A 7 -4.98 0.79 9.07
N PRO A 8 -4.52 -0.44 9.12
CA PRO A 8 -3.07 -0.75 9.14
C PRO A 8 -2.46 -0.63 7.75
N MET A 9 -2.24 0.57 7.30
CA MET A 9 -1.61 0.77 5.97
C MET A 9 -0.18 1.19 6.22
N ASN A 10 0.59 1.36 5.19
CA ASN A 10 1.99 1.77 5.42
C ASN A 10 2.69 1.89 4.06
N ALA A 11 3.91 2.27 4.04
CA ALA A 11 4.62 2.40 2.74
C ALA A 11 4.39 1.15 1.95
N PHE A 12 4.28 0.05 2.61
CA PHE A 12 4.06 -1.22 1.90
C PHE A 12 2.65 -1.27 1.33
N MET A 13 1.67 -1.26 2.17
CA MET A 13 0.29 -1.27 1.63
C MET A 13 0.15 -0.02 0.79
N VAL A 14 1.03 0.91 1.00
CA VAL A 14 0.99 2.17 0.24
C VAL A 14 1.63 1.96 -1.12
N TRP A 15 2.78 1.38 -1.12
CA TRP A 15 3.49 1.15 -2.39
C TRP A 15 2.91 -0.09 -3.06
N ALA A 16 2.38 -0.96 -2.26
CA ALA A 16 1.80 -2.21 -2.76
C ALA A 16 0.49 -1.93 -3.50
N LYS A 17 -0.21 -0.87 -3.17
CA LYS A 17 -1.46 -0.58 -3.89
C LYS A 17 -1.14 -0.30 -5.35
N ASP A 18 0.02 0.26 -5.59
CA ASP A 18 0.42 0.53 -6.98
C ASP A 18 1.12 -0.71 -7.50
N GLU A 19 1.88 -1.33 -6.65
CA GLU A 19 2.59 -2.57 -7.03
C GLU A 19 1.55 -3.64 -7.33
N ARG A 20 0.49 -3.65 -6.59
CA ARG A 20 -0.59 -4.64 -6.82
C ARG A 20 -1.38 -4.17 -8.02
N ARG A 21 -1.53 -2.88 -8.16
CA ARG A 21 -2.23 -2.34 -9.32
C ARG A 21 -1.37 -2.63 -10.53
N LYS A 22 -0.08 -2.49 -10.36
CA LYS A 22 0.86 -2.76 -11.47
C LYS A 22 0.91 -4.26 -11.76
N ILE A 23 0.57 -5.06 -10.79
CA ILE A 23 0.59 -6.54 -11.02
C ILE A 23 -0.81 -7.02 -11.39
N LEU A 24 -1.80 -6.48 -10.74
CA LEU A 24 -3.19 -6.87 -11.05
C LEU A 24 -3.41 -6.79 -12.54
N GLN A 25 -2.76 -5.87 -13.17
CA GLN A 25 -2.91 -5.73 -14.62
C GLN A 25 -2.33 -6.98 -15.23
N ALA A 26 -1.27 -7.40 -14.63
CA ALA A 26 -0.57 -8.63 -15.07
C ALA A 26 -1.32 -9.83 -14.51
N PHE A 27 -2.18 -9.60 -13.55
CA PHE A 27 -2.97 -10.70 -12.95
C PHE A 27 -4.24 -10.12 -12.35
N PRO A 28 -5.16 -9.77 -13.23
CA PRO A 28 -6.46 -9.20 -12.84
C PRO A 28 -7.33 -10.23 -12.11
N ASP A 29 -6.86 -11.44 -12.02
CA ASP A 29 -7.63 -12.48 -11.29
C ASP A 29 -6.98 -12.61 -9.92
N MET A 30 -5.69 -12.48 -9.88
CA MET A 30 -4.96 -12.55 -8.61
C MET A 30 -5.43 -11.40 -7.75
N HIS A 31 -6.42 -11.65 -6.96
CA HIS A 31 -6.99 -10.58 -6.13
C HIS A 31 -6.14 -10.32 -4.88
N ASN A 32 -6.70 -9.63 -3.92
CA ASN A 32 -5.95 -9.30 -2.67
C ASN A 32 -5.42 -10.55 -1.97
N SER A 33 -6.30 -11.38 -1.45
CA SER A 33 -5.86 -12.61 -0.74
C SER A 33 -4.65 -13.23 -1.45
N ASN A 34 -4.54 -13.03 -2.73
CA ASN A 34 -3.39 -13.62 -3.47
C ASN A 34 -2.33 -12.56 -3.72
N ILE A 35 -2.70 -11.46 -4.31
CA ILE A 35 -1.68 -10.40 -4.56
C ILE A 35 -0.99 -10.06 -3.26
N SER A 36 -1.64 -10.32 -2.16
CA SER A 36 -1.04 -10.02 -0.84
C SER A 36 0.31 -10.70 -0.73
N LYS A 37 0.40 -11.95 -1.11
CA LYS A 37 1.71 -12.64 -1.02
C LYS A 37 2.60 -12.05 -2.09
N ILE A 38 2.00 -11.51 -3.12
CA ILE A 38 2.79 -10.89 -4.21
C ILE A 38 3.40 -9.59 -3.69
N LEU A 39 2.57 -8.72 -3.19
CA LEU A 39 3.07 -7.43 -2.66
C LEU A 39 4.05 -7.69 -1.53
N GLY A 40 3.61 -8.41 -0.54
CA GLY A 40 4.49 -8.71 0.61
C GLY A 40 5.72 -9.48 0.10
N SER A 41 5.66 -9.93 -1.12
CA SER A 41 6.81 -10.65 -1.69
C SER A 41 7.52 -9.69 -2.61
N ARG A 42 6.84 -8.65 -2.99
CA ARG A 42 7.45 -7.64 -3.84
C ARG A 42 8.13 -6.66 -2.92
N TRP A 43 7.48 -6.41 -1.82
CA TRP A 43 8.04 -5.52 -0.78
C TRP A 43 9.34 -6.11 -0.25
N LYS A 44 9.29 -7.32 0.22
CA LYS A 44 10.53 -7.94 0.72
C LYS A 44 11.51 -7.93 -0.44
N ALA A 45 10.99 -7.89 -1.62
CA ALA A 45 11.82 -7.87 -2.83
C ALA A 45 12.20 -6.43 -3.16
N MET A 46 11.72 -5.48 -2.41
CA MET A 46 12.06 -4.06 -2.67
C MET A 46 13.43 -3.74 -2.11
N THR A 47 13.81 -2.50 -2.13
CA THR A 47 15.12 -2.12 -1.58
C THR A 47 14.89 -1.01 -0.58
N ASN A 48 14.79 -1.35 0.67
CA ASN A 48 14.53 -0.34 1.75
C ASN A 48 14.89 1.08 1.31
N LEU A 49 16.03 1.26 0.71
CA LEU A 49 16.44 2.63 0.27
C LEU A 49 15.41 3.20 -0.73
N GLU A 50 14.80 2.34 -1.50
CA GLU A 50 13.80 2.82 -2.50
C GLU A 50 12.48 3.12 -1.80
N LYS A 51 12.39 2.88 -0.52
CA LYS A 51 11.13 3.15 0.22
C LYS A 51 11.08 4.63 0.64
N GLN A 52 11.90 5.46 0.06
CA GLN A 52 11.91 6.91 0.43
C GLN A 52 10.55 7.57 0.12
N PRO A 53 10.03 7.34 -1.06
CA PRO A 53 8.76 7.95 -1.50
C PRO A 53 7.55 7.25 -0.91
N TYR A 54 7.50 5.95 -0.96
CA TYR A 54 6.33 5.25 -0.37
C TYR A 54 6.33 5.51 1.11
N TYR A 55 7.42 6.02 1.62
CA TYR A 55 7.48 6.31 3.07
C TYR A 55 6.82 7.65 3.34
N GLU A 56 7.20 8.66 2.61
CA GLU A 56 6.59 9.99 2.81
C GLU A 56 5.13 9.95 2.39
N GLU A 57 4.83 9.20 1.35
CA GLU A 57 3.42 9.11 0.88
C GLU A 57 2.55 8.57 2.03
N GLN A 58 3.15 7.98 3.02
CA GLN A 58 2.36 7.45 4.16
C GLN A 58 2.05 8.61 5.10
N ALA A 59 3.07 9.29 5.48
CA ALA A 59 2.90 10.44 6.40
C ALA A 59 1.88 11.42 5.81
N ARG A 60 1.76 11.45 4.51
CA ARG A 60 0.78 12.39 3.87
C ARG A 60 -0.64 11.89 4.17
N LEU A 61 -0.96 10.71 3.73
CA LEU A 61 -2.32 10.15 3.96
C LEU A 61 -2.55 10.00 5.46
N SER A 62 -1.53 10.11 6.26
CA SER A 62 -1.71 9.98 7.74
C SER A 62 -2.26 11.30 8.28
N LYS A 63 -1.86 12.38 7.68
CA LYS A 63 -2.33 13.72 8.12
C LYS A 63 -3.79 13.91 7.71
N GLN A 64 -4.08 13.71 6.46
CA GLN A 64 -5.49 13.89 5.98
C GLN A 64 -6.38 12.84 6.64
N HIS A 65 -5.82 11.76 7.08
CA HIS A 65 -6.64 10.70 7.75
C HIS A 65 -7.18 11.24 9.07
N LEU A 66 -6.32 11.54 9.98
CA LEU A 66 -6.80 12.06 11.29
C LEU A 66 -7.81 13.18 11.04
N GLU A 67 -7.62 13.95 10.01
CA GLU A 67 -8.57 15.05 9.72
C GLU A 67 -9.93 14.45 9.37
N LYS A 68 -9.98 13.17 9.12
CA LYS A 68 -11.28 12.53 8.78
C LYS A 68 -12.02 12.19 10.07
N TYR A 69 -11.29 11.86 11.10
CA TYR A 69 -11.95 11.53 12.40
C TYR A 69 -10.96 11.79 13.55
N PRO A 70 -10.75 13.06 13.83
CA PRO A 70 -9.84 13.49 14.91
C PRO A 70 -10.52 13.30 16.26
N ASP A 71 -11.56 14.05 16.48
CA ASP A 71 -12.30 13.93 17.76
C ASP A 71 -13.11 12.65 17.73
N TYR A 72 -12.44 11.53 17.56
CA TYR A 72 -13.15 10.23 17.48
C TYR A 72 -13.91 9.96 18.79
N PRO A 3 -14.19 7.73 14.02
CA PRO A 3 -15.39 7.93 13.15
C PRO A 3 -15.11 7.37 11.75
N HIS A 4 -13.99 7.71 11.18
CA HIS A 4 -13.67 7.20 9.82
C HIS A 4 -12.20 7.51 9.49
N ILE A 5 -11.32 7.20 10.39
CA ILE A 5 -9.87 7.47 10.14
C ILE A 5 -9.15 6.14 9.97
N LYS A 6 -9.62 5.29 9.10
CA LYS A 6 -8.96 3.98 8.90
C LYS A 6 -7.61 4.18 8.24
N ARG A 7 -6.58 4.41 9.00
CA ARG A 7 -5.23 4.61 8.39
C ARG A 7 -4.24 3.48 8.75
N PRO A 8 -4.71 2.25 8.85
CA PRO A 8 -3.81 1.11 9.15
C PRO A 8 -3.07 0.68 7.88
N MET A 9 -2.49 1.61 7.19
CA MET A 9 -1.74 1.29 5.95
C MET A 9 -0.27 1.49 6.24
N ASN A 10 0.54 1.62 5.23
CA ASN A 10 1.97 1.82 5.50
C ASN A 10 2.72 1.92 4.17
N ALA A 11 3.99 2.13 4.21
CA ALA A 11 4.77 2.25 2.95
C ALA A 11 4.49 1.04 2.10
N PHE A 12 4.30 -0.08 2.72
CA PHE A 12 4.04 -1.31 1.98
C PHE A 12 2.66 -1.26 1.36
N MET A 13 1.65 -1.13 2.17
CA MET A 13 0.29 -1.04 1.59
C MET A 13 0.26 0.23 0.75
N VAL A 14 1.21 1.09 0.95
CA VAL A 14 1.29 2.34 0.17
C VAL A 14 1.98 2.04 -1.14
N TRP A 15 3.04 1.34 -1.07
CA TRP A 15 3.79 1.00 -2.30
C TRP A 15 3.11 -0.18 -2.99
N ALA A 16 2.56 -1.05 -2.21
CA ALA A 16 1.89 -2.25 -2.75
C ALA A 16 0.57 -1.88 -3.43
N LYS A 17 -0.04 -0.77 -3.08
CA LYS A 17 -1.32 -0.42 -3.74
C LYS A 17 -1.07 -0.15 -5.21
N ASP A 18 0.09 0.32 -5.54
CA ASP A 18 0.41 0.56 -6.96
C ASP A 18 1.09 -0.70 -7.48
N GLU A 19 1.82 -1.35 -6.63
CA GLU A 19 2.50 -2.60 -7.00
C GLU A 19 1.45 -3.68 -7.25
N ARG A 20 0.38 -3.64 -6.51
CA ARG A 20 -0.71 -4.64 -6.71
C ARG A 20 -1.51 -4.22 -7.92
N ARG A 21 -1.67 -2.94 -8.07
CA ARG A 21 -2.40 -2.41 -9.24
C ARG A 21 -1.56 -2.68 -10.47
N LYS A 22 -0.28 -2.45 -10.36
CA LYS A 22 0.61 -2.67 -11.53
C LYS A 22 0.78 -4.17 -11.76
N ILE A 23 0.45 -4.98 -10.80
CA ILE A 23 0.58 -6.44 -10.97
C ILE A 23 -0.78 -7.01 -11.36
N LEU A 24 -1.80 -6.61 -10.67
CA LEU A 24 -3.15 -7.11 -11.00
C LEU A 24 -3.40 -6.95 -12.49
N GLN A 25 -2.79 -5.98 -13.07
CA GLN A 25 -2.96 -5.76 -14.52
C GLN A 25 -2.37 -6.96 -15.20
N ALA A 26 -1.31 -7.42 -14.63
CA ALA A 26 -0.59 -8.59 -15.15
C ALA A 26 -1.21 -9.86 -14.56
N PHE A 27 -2.11 -9.70 -13.62
CA PHE A 27 -2.77 -10.87 -12.99
C PHE A 27 -4.12 -10.41 -12.42
N PRO A 28 -5.05 -10.18 -13.31
CA PRO A 28 -6.40 -9.73 -12.96
C PRO A 28 -7.19 -10.83 -12.24
N ASP A 29 -6.61 -11.98 -12.09
CA ASP A 29 -7.31 -13.07 -11.35
C ASP A 29 -6.67 -13.14 -9.96
N MET A 30 -5.41 -12.82 -9.91
CA MET A 30 -4.71 -12.79 -8.61
C MET A 30 -5.37 -11.75 -7.75
N HIS A 31 -6.31 -12.17 -6.97
CA HIS A 31 -7.04 -11.20 -6.13
C HIS A 31 -6.22 -10.79 -4.91
N ASN A 32 -6.86 -10.25 -3.91
CA ASN A 32 -6.13 -9.79 -2.68
C ASN A 32 -5.37 -10.96 -2.03
N SER A 33 -6.08 -11.85 -1.38
CA SER A 33 -5.40 -12.99 -0.68
C SER A 33 -4.21 -13.50 -1.50
N ASN A 34 -4.21 -13.33 -2.79
CA ASN A 34 -3.07 -13.82 -3.60
C ASN A 34 -2.10 -12.67 -3.87
N ILE A 35 -2.59 -11.60 -4.43
CA ILE A 35 -1.70 -10.44 -4.72
C ILE A 35 -1.00 -10.02 -3.42
N SER A 36 -1.67 -10.18 -2.32
CA SER A 36 -1.05 -9.81 -1.02
C SER A 36 0.27 -10.56 -0.87
N LYS A 37 0.27 -11.82 -1.18
CA LYS A 37 1.52 -12.60 -1.07
C LYS A 37 2.47 -12.06 -2.13
N ILE A 38 1.92 -11.53 -3.17
CA ILE A 38 2.76 -10.96 -4.25
C ILE A 38 3.36 -9.66 -3.73
N LEU A 39 2.52 -8.79 -3.27
CA LEU A 39 3.00 -7.50 -2.73
C LEU A 39 3.97 -7.75 -1.59
N GLY A 40 3.51 -8.43 -0.59
CA GLY A 40 4.38 -8.73 0.58
C GLY A 40 5.63 -9.47 0.10
N SER A 41 5.60 -9.96 -1.10
CA SER A 41 6.77 -10.67 -1.64
C SER A 41 7.48 -9.71 -2.58
N ARG A 42 6.77 -8.71 -3.02
CA ARG A 42 7.36 -7.70 -3.90
C ARG A 42 7.98 -6.66 -2.98
N TRP A 43 7.38 -6.55 -1.83
CA TRP A 43 7.85 -5.62 -0.80
C TRP A 43 9.20 -6.05 -0.26
N LYS A 44 9.24 -7.22 0.33
CA LYS A 44 10.51 -7.71 0.88
C LYS A 44 11.49 -7.84 -0.28
N ALA A 45 10.95 -7.90 -1.47
CA ALA A 45 11.80 -8.01 -2.67
C ALA A 45 12.37 -6.64 -3.02
N MET A 46 11.98 -5.62 -2.30
CA MET A 46 12.49 -4.25 -2.59
C MET A 46 13.93 -4.16 -2.06
N THR A 47 14.31 -3.04 -1.52
CA THR A 47 15.70 -2.92 -1.02
C THR A 47 15.71 -2.26 0.36
N ASN A 48 15.50 -0.98 0.37
CA ASN A 48 15.49 -0.21 1.64
C ASN A 48 15.46 1.26 1.27
N LEU A 49 16.31 1.65 0.35
CA LEU A 49 16.32 3.05 -0.11
C LEU A 49 15.05 3.24 -0.93
N GLU A 50 14.57 2.19 -1.53
CA GLU A 50 13.32 2.27 -2.32
C GLU A 50 12.14 2.37 -1.35
N LYS A 51 12.37 2.05 -0.10
CA LYS A 51 11.28 2.13 0.91
C LYS A 51 11.18 3.56 1.48
N GLN A 52 12.23 4.33 1.34
CA GLN A 52 12.22 5.72 1.88
C GLN A 52 11.13 6.61 1.21
N PRO A 53 10.87 6.42 -0.08
CA PRO A 53 9.86 7.23 -0.78
C PRO A 53 8.45 6.77 -0.42
N TYR A 54 8.15 5.51 -0.57
CA TYR A 54 6.80 5.03 -0.19
C TYR A 54 6.66 5.23 1.31
N TYR A 55 7.75 5.50 1.98
CA TYR A 55 7.71 5.72 3.44
C TYR A 55 7.11 7.10 3.72
N GLU A 56 7.76 8.12 3.25
CA GLU A 56 7.23 9.50 3.48
C GLU A 56 5.92 9.68 2.72
N GLU A 57 5.78 9.04 1.60
CA GLU A 57 4.52 9.17 0.83
C GLU A 57 3.38 8.53 1.61
N GLN A 58 3.72 7.74 2.59
CA GLN A 58 2.66 7.11 3.42
C GLN A 58 2.28 8.06 4.52
N ALA A 59 3.22 8.45 5.30
CA ALA A 59 2.94 9.41 6.40
C ALA A 59 2.24 10.64 5.80
N ARG A 60 2.44 10.88 4.54
CA ARG A 60 1.79 12.05 3.89
C ARG A 60 0.28 11.79 3.77
N LEU A 61 -0.08 10.78 3.03
CA LEU A 61 -1.52 10.45 2.87
C LEU A 61 -2.16 10.26 4.24
N SER A 62 -1.40 9.86 5.22
CA SER A 62 -1.97 9.70 6.59
C SER A 62 -2.21 11.09 7.14
N LYS A 63 -1.26 11.96 6.94
CA LYS A 63 -1.40 13.35 7.41
C LYS A 63 -2.46 14.03 6.55
N GLN A 64 -2.58 13.59 5.32
CA GLN A 64 -3.59 14.19 4.39
C GLN A 64 -4.98 13.71 4.82
N HIS A 65 -5.05 12.72 5.65
CA HIS A 65 -6.37 12.21 6.10
C HIS A 65 -6.90 13.07 7.24
N LEU A 66 -6.26 13.04 8.38
CA LEU A 66 -6.75 13.85 9.52
C LEU A 66 -7.07 15.27 9.06
N GLU A 67 -6.25 15.84 8.23
CA GLU A 67 -6.52 17.21 7.75
C GLU A 67 -7.92 17.25 7.13
N LYS A 68 -8.39 16.12 6.71
CA LYS A 68 -9.74 16.07 6.07
C LYS A 68 -10.82 16.29 7.12
N TYR A 69 -10.77 15.56 8.21
CA TYR A 69 -11.80 15.75 9.27
C TYR A 69 -11.13 15.89 10.64
N PRO A 70 -10.26 16.86 10.77
CA PRO A 70 -9.56 17.14 12.03
C PRO A 70 -10.47 17.93 12.96
N ASP A 71 -10.79 19.13 12.56
CA ASP A 71 -11.67 20.00 13.38
C ASP A 71 -13.13 19.77 12.99
N TYR A 72 -13.61 18.57 13.11
CA TYR A 72 -15.02 18.29 12.74
C TYR A 72 -15.96 19.13 13.61
N PRO A 3 -11.13 3.57 6.68
CA PRO A 3 -11.73 3.99 5.38
C PRO A 3 -11.67 5.52 5.26
N HIS A 4 -12.18 6.22 6.23
CA HIS A 4 -12.14 7.71 6.16
C HIS A 4 -11.58 8.27 7.48
N ILE A 5 -10.51 7.71 7.95
CA ILE A 5 -9.90 8.21 9.22
C ILE A 5 -8.50 8.75 8.92
N LYS A 6 -7.85 9.34 9.89
CA LYS A 6 -6.48 9.89 9.64
C LYS A 6 -5.44 8.81 9.94
N ARG A 7 -5.82 7.57 9.80
CA ARG A 7 -4.88 6.46 10.06
C ARG A 7 -4.66 5.67 8.76
N PRO A 8 -3.49 5.82 8.19
CA PRO A 8 -3.15 5.14 6.94
C PRO A 8 -2.85 3.68 7.22
N MET A 9 -2.20 3.05 6.30
CA MET A 9 -1.82 1.65 6.46
C MET A 9 -0.33 1.61 6.64
N ASN A 10 0.39 1.89 5.59
CA ASN A 10 1.86 1.85 5.66
C ASN A 10 2.45 2.11 4.29
N ALA A 11 3.75 2.26 4.22
CA ALA A 11 4.40 2.48 2.89
C ALA A 11 4.17 1.25 2.03
N PHE A 12 3.93 0.15 2.68
CA PHE A 12 3.69 -1.11 1.96
C PHE A 12 2.36 -1.06 1.24
N MET A 13 1.29 -0.96 1.97
CA MET A 13 -0.03 -0.88 1.29
C MET A 13 0.00 0.37 0.42
N VAL A 14 0.95 1.23 0.67
CA VAL A 14 1.06 2.46 -0.13
C VAL A 14 1.81 2.11 -1.41
N TRP A 15 2.88 1.43 -1.26
CA TRP A 15 3.68 1.06 -2.46
C TRP A 15 3.03 -0.16 -3.12
N ALA A 16 2.53 -1.04 -2.32
CA ALA A 16 1.88 -2.27 -2.84
C ALA A 16 0.53 -1.94 -3.46
N LYS A 17 -0.08 -0.84 -3.11
CA LYS A 17 -1.39 -0.53 -3.73
C LYS A 17 -1.16 -0.22 -5.20
N ASP A 18 0.00 0.29 -5.51
CA ASP A 18 0.33 0.58 -6.92
C ASP A 18 1.06 -0.64 -7.46
N GLU A 19 1.84 -1.26 -6.62
CA GLU A 19 2.57 -2.48 -7.02
C GLU A 19 1.55 -3.58 -7.29
N ARG A 20 0.52 -3.62 -6.50
CA ARG A 20 -0.54 -4.64 -6.71
C ARG A 20 -1.36 -4.19 -7.89
N ARG A 21 -1.55 -2.92 -8.03
CA ARG A 21 -2.28 -2.40 -9.20
C ARG A 21 -1.40 -2.69 -10.41
N LYS A 22 -0.12 -2.54 -10.24
CA LYS A 22 0.83 -2.80 -11.33
C LYS A 22 0.95 -4.29 -11.58
N ILE A 23 0.59 -5.09 -10.61
CA ILE A 23 0.67 -6.56 -10.80
C ILE A 23 -0.71 -7.08 -11.19
N LEU A 24 -1.70 -6.59 -10.52
CA LEU A 24 -3.09 -6.99 -10.82
C LEU A 24 -3.35 -6.81 -12.31
N GLN A 25 -2.68 -5.87 -12.88
CA GLN A 25 -2.84 -5.62 -14.32
C GLN A 25 -2.36 -6.87 -15.04
N ALA A 26 -1.32 -7.41 -14.51
CA ALA A 26 -0.73 -8.63 -15.07
C ALA A 26 -1.51 -9.84 -14.53
N PHE A 27 -2.32 -9.61 -13.53
CA PHE A 27 -3.13 -10.70 -12.95
C PHE A 27 -4.40 -10.11 -12.33
N PRO A 28 -5.30 -9.72 -13.20
CA PRO A 28 -6.59 -9.14 -12.80
C PRO A 28 -7.47 -10.19 -12.12
N ASP A 29 -7.03 -11.42 -12.13
CA ASP A 29 -7.80 -12.49 -11.45
C ASP A 29 -7.16 -12.72 -10.09
N MET A 30 -5.86 -12.54 -10.04
CA MET A 30 -5.13 -12.68 -8.76
C MET A 30 -5.66 -11.62 -7.83
N HIS A 31 -6.66 -11.95 -7.10
CA HIS A 31 -7.28 -10.94 -6.20
C HIS A 31 -6.43 -10.72 -4.94
N ASN A 32 -6.85 -9.82 -4.11
CA ASN A 32 -6.10 -9.48 -2.87
C ASN A 32 -5.53 -10.74 -2.20
N SER A 33 -6.39 -11.59 -1.69
CA SER A 33 -5.91 -12.82 -0.98
C SER A 33 -4.65 -13.38 -1.66
N ASN A 34 -4.51 -13.19 -2.94
CA ASN A 34 -3.29 -13.74 -3.62
C ASN A 34 -2.27 -12.62 -3.85
N ILE A 35 -2.70 -11.51 -4.39
CA ILE A 35 -1.74 -10.39 -4.63
C ILE A 35 -1.00 -10.09 -3.34
N SER A 36 -1.61 -10.35 -2.22
CA SER A 36 -0.94 -10.09 -0.92
C SER A 36 0.41 -10.78 -0.90
N LYS A 37 0.46 -12.03 -1.25
CA LYS A 37 1.75 -12.75 -1.25
C LYS A 37 2.62 -12.14 -2.32
N ILE A 38 2.00 -11.56 -3.31
CA ILE A 38 2.78 -10.93 -4.39
C ILE A 38 3.43 -9.65 -3.84
N LEU A 39 2.63 -8.79 -3.29
CA LEU A 39 3.15 -7.54 -2.69
C LEU A 39 4.12 -7.87 -1.57
N GLY A 40 3.65 -8.60 -0.61
CA GLY A 40 4.51 -8.97 0.55
C GLY A 40 5.76 -9.67 0.05
N SER A 41 5.74 -10.08 -1.19
CA SER A 41 6.93 -10.74 -1.75
C SER A 41 7.64 -9.74 -2.64
N ARG A 42 6.94 -8.71 -3.01
CA ARG A 42 7.54 -7.67 -3.85
C ARG A 42 8.17 -6.67 -2.89
N TRP A 43 7.53 -6.52 -1.77
CA TRP A 43 8.01 -5.62 -0.71
C TRP A 43 9.30 -6.15 -0.11
N LYS A 44 9.27 -7.34 0.41
CA LYS A 44 10.49 -7.91 1.00
C LYS A 44 11.53 -7.97 -0.10
N ALA A 45 11.06 -8.02 -1.31
CA ALA A 45 11.97 -8.08 -2.46
C ALA A 45 12.42 -6.66 -2.83
N MET A 46 12.00 -5.70 -2.06
CA MET A 46 12.39 -4.29 -2.35
C MET A 46 13.73 -3.98 -1.70
N THR A 47 14.05 -2.73 -1.59
CA THR A 47 15.34 -2.36 -0.96
C THR A 47 15.06 -1.34 0.12
N ASN A 48 14.92 -1.79 1.33
CA ASN A 48 14.61 -0.89 2.50
C ASN A 48 14.92 0.59 2.19
N LEU A 49 16.05 0.88 1.61
CA LEU A 49 16.38 2.31 1.31
C LEU A 49 15.30 2.90 0.38
N GLU A 50 14.72 2.09 -0.46
CA GLU A 50 13.66 2.57 -1.37
C GLU A 50 12.34 2.70 -0.61
N LYS A 51 12.33 2.33 0.64
CA LYS A 51 11.09 2.41 1.45
C LYS A 51 10.92 3.83 2.03
N GLN A 52 11.98 4.59 2.08
CA GLN A 52 11.91 5.96 2.63
C GLN A 52 10.85 6.81 1.92
N PRO A 53 10.80 6.74 0.61
CA PRO A 53 9.83 7.54 -0.18
C PRO A 53 8.41 7.00 -0.04
N TYR A 54 8.23 5.71 -0.07
CA TYR A 54 6.85 5.19 0.10
C TYR A 54 6.44 5.46 1.53
N TYR A 55 7.38 5.84 2.35
CA TYR A 55 7.06 6.12 3.75
C TYR A 55 6.51 7.54 3.85
N GLU A 56 7.29 8.52 3.48
CA GLU A 56 6.80 9.91 3.53
C GLU A 56 5.59 10.03 2.61
N GLU A 57 5.53 9.18 1.61
CA GLU A 57 4.37 9.22 0.68
C GLU A 57 3.12 8.84 1.46
N GLN A 58 3.29 8.20 2.59
CA GLN A 58 2.12 7.81 3.41
C GLN A 58 1.61 9.05 4.13
N ALA A 59 2.51 9.72 4.78
CA ALA A 59 2.14 10.97 5.50
C ALA A 59 1.38 11.88 4.55
N ARG A 60 1.68 11.81 3.28
CA ARG A 60 0.96 12.67 2.30
C ARG A 60 -0.48 12.19 2.18
N LEU A 61 -0.67 10.90 2.18
CA LEU A 61 -2.04 10.34 2.07
C LEU A 61 -2.89 10.90 3.22
N SER A 62 -2.27 11.29 4.29
CA SER A 62 -3.04 11.87 5.43
C SER A 62 -3.41 13.30 5.03
N LYS A 63 -2.54 13.93 4.29
CA LYS A 63 -2.80 15.30 3.83
C LYS A 63 -3.99 15.27 2.86
N GLN A 64 -3.91 14.43 1.86
CA GLN A 64 -5.03 14.32 0.88
C GLN A 64 -6.20 13.59 1.55
N HIS A 65 -5.97 12.99 2.69
CA HIS A 65 -7.06 12.28 3.38
C HIS A 65 -8.12 13.30 3.81
N LEU A 66 -7.76 14.15 4.74
CA LEU A 66 -8.73 15.17 5.22
C LEU A 66 -9.23 16.01 4.04
N GLU A 67 -8.43 16.17 3.03
CA GLU A 67 -8.90 16.97 1.87
C GLU A 67 -10.22 16.37 1.40
N LYS A 68 -10.38 15.10 1.64
CA LYS A 68 -11.63 14.40 1.24
C LYS A 68 -12.59 14.41 2.42
N TYR A 69 -12.08 14.21 3.60
CA TYR A 69 -12.96 14.20 4.81
C TYR A 69 -12.46 15.26 5.80
N PRO A 70 -12.80 16.50 5.51
CA PRO A 70 -12.40 17.65 6.34
C PRO A 70 -13.26 17.73 7.60
N ASP A 71 -14.50 18.11 7.45
CA ASP A 71 -15.40 18.22 8.62
C ASP A 71 -15.97 16.86 9.01
N TYR A 72 -15.25 15.79 8.75
CA TYR A 72 -15.77 14.44 9.11
C TYR A 72 -15.92 14.34 10.62
N PRO A 3 -5.65 3.93 18.43
CA PRO A 3 -6.81 3.70 19.36
C PRO A 3 -7.96 3.06 18.58
N HIS A 4 -8.70 3.84 17.84
CA HIS A 4 -9.84 3.26 17.07
C HIS A 4 -9.71 3.65 15.60
N ILE A 5 -8.50 3.66 15.10
CA ILE A 5 -8.28 4.02 13.67
C ILE A 5 -7.04 3.28 13.18
N LYS A 6 -6.98 1.99 13.40
CA LYS A 6 -5.80 1.22 12.97
C LYS A 6 -5.85 1.00 11.46
N ARG A 7 -5.76 2.05 10.68
CA ARG A 7 -5.79 1.87 9.21
C ARG A 7 -4.55 1.06 8.80
N PRO A 8 -4.77 -0.04 8.13
CA PRO A 8 -3.67 -0.94 7.71
C PRO A 8 -2.94 -0.38 6.48
N MET A 9 -2.49 0.84 6.57
CA MET A 9 -1.76 1.42 5.45
C MET A 9 -0.30 1.47 5.86
N ASN A 10 0.57 1.61 4.92
CA ASN A 10 2.00 1.67 5.26
C ASN A 10 2.77 1.84 3.96
N ALA A 11 4.03 2.09 4.03
CA ALA A 11 4.79 2.26 2.77
C ALA A 11 4.56 1.02 1.93
N PHE A 12 4.39 -0.09 2.56
CA PHE A 12 4.15 -1.34 1.83
C PHE A 12 2.76 -1.32 1.24
N MET A 13 1.77 -1.28 2.06
CA MET A 13 0.38 -1.24 1.54
C MET A 13 0.28 0.02 0.70
N VAL A 14 1.19 0.93 0.89
CA VAL A 14 1.16 2.18 0.12
C VAL A 14 1.80 1.93 -1.22
N TRP A 15 2.91 1.29 -1.20
CA TRP A 15 3.62 1.01 -2.47
C TRP A 15 2.96 -0.20 -3.15
N ALA A 16 2.47 -1.09 -2.36
CA ALA A 16 1.84 -2.32 -2.88
C ALA A 16 0.48 -2.00 -3.50
N LYS A 17 -0.16 -0.93 -3.10
CA LYS A 17 -1.47 -0.60 -3.69
C LYS A 17 -1.26 -0.25 -5.15
N ASP A 18 -0.11 0.27 -5.46
CA ASP A 18 0.19 0.61 -6.87
C ASP A 18 0.90 -0.59 -7.47
N GLU A 19 1.65 -1.27 -6.66
CA GLU A 19 2.36 -2.48 -7.13
C GLU A 19 1.34 -3.58 -7.41
N ARG A 20 0.31 -3.64 -6.61
CA ARG A 20 -0.75 -4.65 -6.84
C ARG A 20 -1.55 -4.17 -8.02
N ARG A 21 -1.69 -2.89 -8.12
CA ARG A 21 -2.40 -2.30 -9.27
C ARG A 21 -1.52 -2.59 -10.48
N LYS A 22 -0.25 -2.40 -10.31
CA LYS A 22 0.71 -2.65 -11.39
C LYS A 22 0.85 -4.15 -11.62
N ILE A 23 0.47 -4.95 -10.67
CA ILE A 23 0.57 -6.42 -10.86
C ILE A 23 -0.78 -6.96 -11.32
N LEU A 24 -1.82 -6.50 -10.70
CA LEU A 24 -3.18 -6.97 -11.09
C LEU A 24 -3.33 -6.82 -12.59
N GLN A 25 -2.66 -5.86 -13.14
CA GLN A 25 -2.73 -5.66 -14.60
C GLN A 25 -2.15 -6.89 -15.23
N ALA A 26 -1.15 -7.39 -14.58
CA ALA A 26 -0.46 -8.61 -15.04
C ALA A 26 -1.14 -9.84 -14.44
N PHE A 27 -2.03 -9.63 -13.51
CA PHE A 27 -2.73 -10.78 -12.88
C PHE A 27 -4.11 -10.29 -12.41
N PRO A 28 -4.98 -10.11 -13.36
CA PRO A 28 -6.35 -9.64 -13.11
C PRO A 28 -7.18 -10.70 -12.37
N ASP A 29 -6.61 -11.86 -12.15
CA ASP A 29 -7.35 -12.91 -11.40
C ASP A 29 -6.77 -12.96 -10.00
N MET A 30 -5.50 -12.67 -9.89
CA MET A 30 -4.85 -12.66 -8.57
C MET A 30 -5.50 -11.56 -7.75
N HIS A 31 -6.50 -11.90 -7.02
CA HIS A 31 -7.21 -10.88 -6.23
C HIS A 31 -6.40 -10.54 -4.97
N ASN A 32 -6.93 -9.69 -4.13
CA ASN A 32 -6.21 -9.28 -2.89
C ASN A 32 -5.64 -10.50 -2.14
N SER A 33 -6.50 -11.32 -1.59
CA SER A 33 -6.03 -12.50 -0.81
C SER A 33 -4.79 -13.14 -1.46
N ASN A 34 -4.62 -12.99 -2.75
CA ASN A 34 -3.42 -13.61 -3.39
C ASN A 34 -2.36 -12.54 -3.67
N ILE A 35 -2.73 -11.46 -4.29
CA ILE A 35 -1.74 -10.39 -4.59
C ILE A 35 -1.02 -10.02 -3.29
N SER A 36 -1.67 -10.22 -2.19
CA SER A 36 -1.03 -9.90 -0.88
C SER A 36 0.31 -10.61 -0.75
N LYS A 37 0.33 -11.89 -1.01
CA LYS A 37 1.60 -12.64 -0.91
C LYS A 37 2.52 -12.13 -2.00
N ILE A 38 1.95 -11.64 -3.06
CA ILE A 38 2.77 -11.11 -4.16
C ILE A 38 3.39 -9.80 -3.69
N LEU A 39 2.56 -8.88 -3.30
CA LEU A 39 3.05 -7.58 -2.80
C LEU A 39 4.04 -7.80 -1.67
N GLY A 40 3.59 -8.41 -0.62
CA GLY A 40 4.47 -8.68 0.55
C GLY A 40 5.71 -9.44 0.09
N SER A 41 5.68 -9.97 -1.09
CA SER A 41 6.85 -10.70 -1.60
C SER A 41 7.58 -9.77 -2.55
N ARG A 42 6.89 -8.76 -3.00
CA ARG A 42 7.53 -7.78 -3.88
C ARG A 42 8.14 -6.74 -2.97
N TRP A 43 7.49 -6.55 -1.87
CA TRP A 43 7.97 -5.59 -0.87
C TRP A 43 9.30 -6.05 -0.29
N LYS A 44 9.31 -7.21 0.30
CA LYS A 44 10.58 -7.72 0.87
C LYS A 44 11.56 -7.78 -0.29
N ALA A 45 11.04 -7.85 -1.48
CA ALA A 45 11.88 -7.89 -2.69
C ALA A 45 12.57 -6.55 -2.88
N MET A 46 12.00 -5.50 -2.32
CA MET A 46 12.61 -4.15 -2.43
C MET A 46 13.87 -4.10 -1.58
N THR A 47 14.11 -3.02 -0.91
CA THR A 47 15.34 -2.94 -0.08
C THR A 47 15.10 -2.04 1.13
N ASN A 48 15.20 -0.76 0.93
CA ASN A 48 14.98 0.19 2.06
C ASN A 48 14.89 1.60 1.50
N LEU A 49 15.78 1.92 0.60
CA LEU A 49 15.73 3.27 -0.02
C LEU A 49 14.52 3.32 -0.95
N GLU A 50 14.08 2.18 -1.39
CA GLU A 50 12.89 2.13 -2.28
C GLU A 50 11.64 2.28 -1.42
N LYS A 51 11.71 1.88 -0.18
CA LYS A 51 10.53 2.01 0.73
C LYS A 51 10.51 3.39 1.36
N GLN A 52 11.62 4.09 1.30
CA GLN A 52 11.69 5.45 1.90
C GLN A 52 10.66 6.42 1.27
N PRO A 53 10.52 6.38 -0.03
CA PRO A 53 9.59 7.28 -0.74
C PRO A 53 8.13 6.86 -0.53
N TYR A 54 7.85 5.58 -0.63
CA TYR A 54 6.45 5.13 -0.39
C TYR A 54 6.15 5.28 1.09
N TYR A 55 7.12 5.68 1.86
CA TYR A 55 6.90 5.83 3.32
C TYR A 55 6.18 7.16 3.59
N GLU A 56 6.62 8.21 2.96
CA GLU A 56 5.97 9.53 3.18
C GLU A 56 4.56 9.55 2.60
N GLU A 57 4.39 9.07 1.40
CA GLU A 57 3.03 9.06 0.81
C GLU A 57 2.10 8.34 1.77
N GLN A 58 2.65 7.53 2.61
CA GLN A 58 1.82 6.80 3.59
C GLN A 58 1.45 7.76 4.72
N ALA A 59 2.45 8.33 5.31
CA ALA A 59 2.19 9.30 6.41
C ALA A 59 1.10 10.28 5.96
N ARG A 60 1.01 10.54 4.68
CA ARG A 60 -0.04 11.47 4.20
C ARG A 60 -1.40 10.77 4.33
N LEU A 61 -1.41 9.48 4.18
CA LEU A 61 -2.69 8.73 4.30
C LEU A 61 -3.24 8.90 5.72
N SER A 62 -2.38 9.05 6.68
CA SER A 62 -2.86 9.22 8.08
C SER A 62 -3.43 10.62 8.22
N LYS A 63 -2.85 11.56 7.52
CA LYS A 63 -3.35 12.95 7.59
C LYS A 63 -4.84 12.97 7.22
N GLN A 64 -5.18 12.36 6.12
CA GLN A 64 -6.61 12.33 5.71
C GLN A 64 -7.34 11.23 6.49
N HIS A 65 -6.62 10.26 6.97
CA HIS A 65 -7.26 9.16 7.73
C HIS A 65 -7.99 9.74 8.95
N LEU A 66 -7.25 10.14 9.94
CA LEU A 66 -7.90 10.71 11.16
C LEU A 66 -8.76 11.92 10.79
N GLU A 67 -8.28 12.75 9.91
CA GLU A 67 -9.08 13.94 9.52
C GLU A 67 -10.43 13.49 8.95
N LYS A 68 -10.54 12.23 8.61
CA LYS A 68 -11.83 11.74 8.06
C LYS A 68 -12.75 11.38 9.22
N TYR A 69 -12.37 10.43 10.02
CA TYR A 69 -13.21 10.03 11.17
C TYR A 69 -12.35 9.37 12.25
N PRO A 70 -12.38 9.91 13.44
CA PRO A 70 -11.62 9.38 14.58
C PRO A 70 -12.36 8.16 15.17
N ASP A 71 -13.20 8.38 16.14
CA ASP A 71 -13.94 7.26 16.75
C ASP A 71 -15.19 6.96 15.91
N TYR A 72 -16.33 7.35 16.40
CA TYR A 72 -17.58 7.10 15.64
C TYR A 72 -17.54 7.80 14.29
N PRO A 3 -16.15 4.36 5.73
CA PRO A 3 -16.01 2.87 5.81
C PRO A 3 -14.62 2.51 6.33
N HIS A 4 -14.11 3.31 7.21
CA HIS A 4 -12.76 3.03 7.79
C HIS A 4 -11.81 2.57 6.68
N ILE A 5 -11.16 3.49 6.02
CA ILE A 5 -10.23 3.10 4.93
C ILE A 5 -8.82 2.95 5.51
N LYS A 6 -8.66 2.09 6.48
CA LYS A 6 -7.30 1.90 7.08
C LYS A 6 -6.48 0.95 6.22
N ARG A 7 -6.46 1.17 4.94
CA ARG A 7 -5.67 0.27 4.05
C ARG A 7 -4.20 0.73 3.98
N PRO A 8 -3.99 2.00 3.71
CA PRO A 8 -2.65 2.58 3.60
C PRO A 8 -2.08 2.86 5.00
N MET A 9 -1.68 1.82 5.69
CA MET A 9 -1.14 1.99 7.06
C MET A 9 0.38 2.19 7.00
N ASN A 10 1.05 1.53 6.09
CA ASN A 10 2.52 1.67 6.00
C ASN A 10 2.91 2.00 4.56
N ALA A 11 4.16 2.18 4.33
CA ALA A 11 4.65 2.48 2.96
C ALA A 11 4.42 1.28 2.07
N PHE A 12 4.33 0.13 2.67
CA PHE A 12 4.12 -1.10 1.90
C PHE A 12 2.72 -1.12 1.32
N MET A 13 1.73 -1.14 2.16
CA MET A 13 0.36 -1.11 1.62
C MET A 13 0.25 0.14 0.75
N VAL A 14 1.15 1.07 0.96
CA VAL A 14 1.14 2.31 0.17
C VAL A 14 1.80 2.04 -1.16
N TRP A 15 2.94 1.46 -1.11
CA TRP A 15 3.69 1.18 -2.36
C TRP A 15 3.08 -0.03 -3.04
N ALA A 16 2.54 -0.92 -2.25
CA ALA A 16 1.94 -2.15 -2.79
C ALA A 16 0.60 -1.83 -3.47
N LYS A 17 -0.02 -0.73 -3.14
CA LYS A 17 -1.31 -0.40 -3.80
C LYS A 17 -1.05 -0.19 -5.28
N ASP A 18 0.11 0.33 -5.60
CA ASP A 18 0.45 0.52 -7.03
C ASP A 18 1.05 -0.77 -7.53
N GLU A 19 1.82 -1.40 -6.71
CA GLU A 19 2.43 -2.69 -7.09
C GLU A 19 1.31 -3.69 -7.33
N ARG A 20 0.24 -3.53 -6.60
CA ARG A 20 -0.96 -4.40 -6.77
C ARG A 20 -1.53 -4.10 -8.12
N ARG A 21 -1.66 -2.85 -8.40
CA ARG A 21 -2.20 -2.40 -9.69
C ARG A 21 -1.19 -2.80 -10.76
N LYS A 22 0.05 -2.62 -10.46
CA LYS A 22 1.10 -2.97 -11.44
C LYS A 22 1.12 -4.49 -11.64
N ILE A 23 0.65 -5.21 -10.67
CA ILE A 23 0.63 -6.69 -10.79
C ILE A 23 -0.76 -7.14 -11.26
N LEU A 24 -1.77 -6.67 -10.61
CA LEU A 24 -3.15 -7.04 -10.98
C LEU A 24 -3.38 -6.70 -12.44
N GLN A 25 -2.64 -5.78 -12.92
CA GLN A 25 -2.78 -5.38 -14.34
C GLN A 25 -2.45 -6.59 -15.16
N ALA A 26 -1.48 -7.29 -14.67
CA ALA A 26 -0.99 -8.51 -15.33
C ALA A 26 -1.68 -9.74 -14.73
N PHE A 27 -2.41 -9.56 -13.67
CA PHE A 27 -3.11 -10.73 -13.05
C PHE A 27 -4.38 -10.24 -12.34
N PRO A 28 -5.35 -9.91 -13.15
CA PRO A 28 -6.67 -9.44 -12.66
C PRO A 28 -7.43 -10.58 -11.98
N ASP A 29 -6.91 -11.77 -12.07
CA ASP A 29 -7.55 -12.92 -11.42
C ASP A 29 -6.91 -13.05 -10.05
N MET A 30 -5.63 -12.86 -10.02
CA MET A 30 -4.87 -12.92 -8.76
C MET A 30 -5.40 -11.83 -7.86
N HIS A 31 -6.37 -12.16 -7.08
CA HIS A 31 -7.01 -11.16 -6.21
C HIS A 31 -6.15 -10.89 -4.97
N ASN A 32 -6.68 -10.16 -4.02
CA ASN A 32 -5.93 -9.81 -2.78
C ASN A 32 -5.34 -11.06 -2.11
N SER A 33 -6.18 -11.90 -1.56
CA SER A 33 -5.68 -13.13 -0.86
C SER A 33 -4.46 -13.70 -1.57
N ASN A 34 -4.37 -13.52 -2.86
CA ASN A 34 -3.18 -14.05 -3.59
C ASN A 34 -2.19 -12.92 -3.82
N ILE A 35 -2.64 -11.82 -4.36
CA ILE A 35 -1.71 -10.68 -4.60
C ILE A 35 -0.99 -10.35 -3.30
N SER A 36 -1.68 -10.50 -2.20
CA SER A 36 -1.05 -10.21 -0.89
C SER A 36 0.31 -10.88 -0.80
N LYS A 37 0.41 -12.10 -1.22
CA LYS A 37 1.71 -12.80 -1.16
C LYS A 37 2.63 -12.14 -2.17
N ILE A 38 2.04 -11.56 -3.18
CA ILE A 38 2.86 -10.89 -4.22
C ILE A 38 3.39 -9.59 -3.65
N LEU A 39 2.51 -8.74 -3.22
CA LEU A 39 2.93 -7.45 -2.63
C LEU A 39 3.95 -7.69 -1.54
N GLY A 40 3.53 -8.38 -0.51
CA GLY A 40 4.43 -8.67 0.64
C GLY A 40 5.67 -9.42 0.16
N SER A 41 5.63 -9.93 -1.04
CA SER A 41 6.80 -10.63 -1.57
C SER A 41 7.51 -9.68 -2.51
N ARG A 42 6.80 -8.66 -2.92
CA ARG A 42 7.38 -7.66 -3.80
C ARG A 42 8.02 -6.63 -2.90
N TRP A 43 7.40 -6.46 -1.76
CA TRP A 43 7.89 -5.52 -0.74
C TRP A 43 9.23 -5.99 -0.20
N LYS A 44 9.24 -7.15 0.41
CA LYS A 44 10.52 -7.66 0.95
C LYS A 44 11.50 -7.70 -0.20
N ALA A 45 10.98 -7.72 -1.39
CA ALA A 45 11.81 -7.79 -2.59
C ALA A 45 12.15 -6.37 -3.09
N MET A 46 12.06 -5.37 -2.24
CA MET A 46 12.39 -4.00 -2.70
C MET A 46 13.87 -3.70 -2.44
N THR A 47 14.20 -2.61 -1.80
CA THR A 47 15.65 -2.33 -1.58
C THR A 47 15.86 -1.54 -0.29
N ASN A 48 14.91 -1.54 0.59
CA ASN A 48 15.05 -0.77 1.87
C ASN A 48 15.11 0.73 1.56
N LEU A 49 16.09 1.15 0.81
CA LEU A 49 16.20 2.59 0.46
C LEU A 49 14.94 3.03 -0.29
N GLU A 50 14.35 2.14 -1.04
CA GLU A 50 13.12 2.52 -1.79
C GLU A 50 11.96 2.68 -0.80
N LYS A 51 12.19 2.37 0.45
CA LYS A 51 11.10 2.49 1.46
C LYS A 51 11.04 3.93 2.00
N GLN A 52 12.09 4.68 1.84
CA GLN A 52 12.11 6.08 2.34
C GLN A 52 11.03 6.94 1.68
N PRO A 53 10.88 6.82 0.39
CA PRO A 53 9.89 7.63 -0.37
C PRO A 53 8.47 7.15 -0.15
N TYR A 54 8.23 5.86 -0.18
CA TYR A 54 6.84 5.38 0.06
C TYR A 54 6.52 5.58 1.53
N TYR A 55 7.50 5.96 2.30
CA TYR A 55 7.26 6.17 3.74
C TYR A 55 6.67 7.56 3.96
N GLU A 56 7.27 8.56 3.38
CA GLU A 56 6.73 9.93 3.54
C GLU A 56 5.38 10.02 2.84
N GLU A 57 5.22 9.28 1.77
CA GLU A 57 3.93 9.30 1.03
C GLU A 57 2.83 8.69 1.90
N GLN A 58 3.21 8.02 2.96
CA GLN A 58 2.19 7.41 3.85
C GLN A 58 1.72 8.47 4.84
N ALA A 59 2.64 9.05 5.53
CA ALA A 59 2.29 10.10 6.51
C ALA A 59 1.46 11.18 5.81
N ARG A 60 1.71 11.42 4.55
CA ARG A 60 0.95 12.46 3.82
C ARG A 60 -0.49 11.96 3.60
N LEU A 61 -0.64 10.77 3.08
CA LEU A 61 -2.00 10.23 2.85
C LEU A 61 -2.67 9.97 4.20
N SER A 62 -1.91 10.03 5.26
CA SER A 62 -2.49 9.82 6.60
C SER A 62 -3.18 11.12 7.04
N LYS A 63 -2.63 12.23 6.62
CA LYS A 63 -3.23 13.54 6.99
C LYS A 63 -4.59 13.69 6.31
N GLN A 64 -4.65 13.40 5.04
CA GLN A 64 -5.93 13.52 4.30
C GLN A 64 -6.83 12.33 4.66
N HIS A 65 -6.25 11.19 4.90
CA HIS A 65 -7.05 9.99 5.25
C HIS A 65 -7.74 10.22 6.60
N LEU A 66 -6.99 10.29 7.64
CA LEU A 66 -7.59 10.49 8.99
C LEU A 66 -8.63 11.61 8.91
N GLU A 67 -8.37 12.64 8.16
CA GLU A 67 -9.34 13.74 8.04
C GLU A 67 -10.69 13.16 7.57
N LYS A 68 -10.65 11.99 6.99
CA LYS A 68 -11.91 11.36 6.51
C LYS A 68 -12.66 10.80 7.71
N TYR A 69 -11.99 10.04 8.53
CA TYR A 69 -12.66 9.46 9.73
C TYR A 69 -11.73 9.61 10.94
N PRO A 70 -11.61 10.82 11.41
CA PRO A 70 -10.76 11.15 12.57
C PRO A 70 -11.47 10.78 13.87
N ASP A 71 -12.46 11.54 14.24
CA ASP A 71 -13.21 11.27 15.50
C ASP A 71 -14.20 10.14 15.26
N TYR A 72 -13.74 9.03 14.74
CA TYR A 72 -14.65 7.89 14.48
C TYR A 72 -15.30 7.39 15.78
N PRO A 3 -16.43 -2.05 8.00
CA PRO A 3 -15.23 -1.73 8.84
C PRO A 3 -13.98 -1.70 7.97
N HIS A 4 -14.13 -1.22 6.78
CA HIS A 4 -12.96 -1.14 5.84
C HIS A 4 -11.72 -0.70 6.60
N ILE A 5 -10.89 -1.64 7.00
CA ILE A 5 -9.66 -1.26 7.76
C ILE A 5 -8.52 -1.00 6.78
N LYS A 6 -8.77 -0.24 5.76
CA LYS A 6 -7.69 0.08 4.78
C LYS A 6 -6.70 1.04 5.44
N ARG A 7 -6.06 0.61 6.49
CA ARG A 7 -5.09 1.50 7.20
C ARG A 7 -3.68 1.32 6.62
N PRO A 8 -3.19 2.35 5.98
CA PRO A 8 -1.83 2.34 5.39
C PRO A 8 -0.81 2.63 6.51
N MET A 9 -0.51 1.64 7.29
CA MET A 9 0.44 1.82 8.41
C MET A 9 1.86 1.84 7.89
N ASN A 10 2.10 1.24 6.76
CA ASN A 10 3.47 1.22 6.23
C ASN A 10 3.47 1.59 4.75
N ALA A 11 4.62 1.89 4.25
CA ALA A 11 4.76 2.27 2.82
C ALA A 11 4.46 1.06 1.96
N PHE A 12 4.34 -0.09 2.56
CA PHE A 12 4.07 -1.32 1.79
C PHE A 12 2.66 -1.28 1.23
N MET A 13 1.68 -1.17 2.05
CA MET A 13 0.30 -1.09 1.52
C MET A 13 0.25 0.17 0.65
N VAL A 14 1.20 1.03 0.84
CA VAL A 14 1.24 2.28 0.04
C VAL A 14 1.89 1.97 -1.30
N TRP A 15 3.01 1.32 -1.23
CA TRP A 15 3.74 1.00 -2.47
C TRP A 15 3.07 -0.20 -3.14
N ALA A 16 2.56 -1.08 -2.34
CA ALA A 16 1.90 -2.29 -2.86
C ALA A 16 0.54 -1.96 -3.47
N LYS A 17 -0.07 -0.87 -3.07
CA LYS A 17 -1.40 -0.53 -3.64
C LYS A 17 -1.22 -0.22 -5.12
N ASP A 18 -0.08 0.28 -5.48
CA ASP A 18 0.17 0.58 -6.90
C ASP A 18 0.89 -0.62 -7.48
N GLU A 19 1.66 -1.28 -6.66
CA GLU A 19 2.38 -2.47 -7.11
C GLU A 19 1.37 -3.59 -7.36
N ARG A 20 0.33 -3.64 -6.57
CA ARG A 20 -0.71 -4.68 -6.79
C ARG A 20 -1.53 -4.24 -7.99
N ARG A 21 -1.76 -2.96 -8.09
CA ARG A 21 -2.51 -2.46 -9.24
C ARG A 21 -1.62 -2.66 -10.46
N LYS A 22 -0.34 -2.46 -10.26
CA LYS A 22 0.62 -2.65 -11.36
C LYS A 22 0.78 -4.14 -11.64
N ILE A 23 0.41 -4.96 -10.70
CA ILE A 23 0.54 -6.43 -10.90
C ILE A 23 -0.82 -6.98 -11.36
N LEU A 24 -1.85 -6.57 -10.71
CA LEU A 24 -3.20 -7.03 -11.09
C LEU A 24 -3.38 -6.87 -12.58
N GLN A 25 -2.76 -5.87 -13.13
CA GLN A 25 -2.87 -5.65 -14.59
C GLN A 25 -2.22 -6.83 -15.25
N ALA A 26 -1.19 -7.27 -14.63
CA ALA A 26 -0.44 -8.45 -15.12
C ALA A 26 -1.14 -9.71 -14.64
N PHE A 27 -1.85 -9.60 -13.54
CA PHE A 27 -2.57 -10.77 -12.98
C PHE A 27 -3.94 -10.29 -12.48
N PRO A 28 -4.79 -9.96 -13.41
CA PRO A 28 -6.16 -9.49 -13.12
C PRO A 28 -7.01 -10.61 -12.52
N ASP A 29 -6.45 -11.79 -12.44
CA ASP A 29 -7.20 -12.93 -11.83
C ASP A 29 -6.65 -13.10 -10.42
N MET A 30 -5.40 -12.75 -10.24
CA MET A 30 -4.77 -12.84 -8.91
C MET A 30 -5.52 -11.89 -8.01
N HIS A 31 -6.49 -12.40 -7.36
CA HIS A 31 -7.33 -11.57 -6.49
C HIS A 31 -6.52 -11.02 -5.31
N ASN A 32 -7.19 -10.55 -4.28
CA ASN A 32 -6.48 -9.95 -3.11
C ASN A 32 -5.73 -11.02 -2.30
N SER A 33 -6.45 -11.93 -1.69
CA SER A 33 -5.79 -12.98 -0.87
C SER A 33 -4.48 -13.46 -1.52
N ASN A 34 -4.34 -13.35 -2.80
CA ASN A 34 -3.09 -13.81 -3.45
C ASN A 34 -2.13 -12.64 -3.70
N ILE A 35 -2.61 -11.59 -4.31
CA ILE A 35 -1.70 -10.43 -4.59
C ILE A 35 -1.03 -10.03 -3.27
N SER A 36 -1.69 -10.24 -2.17
CA SER A 36 -1.10 -9.89 -0.86
C SER A 36 0.25 -10.57 -0.71
N LYS A 37 0.30 -11.86 -0.95
CA LYS A 37 1.58 -12.59 -0.83
C LYS A 37 2.51 -12.07 -1.91
N ILE A 38 1.93 -11.59 -2.98
CA ILE A 38 2.74 -11.05 -4.09
C ILE A 38 3.35 -9.73 -3.63
N LEU A 39 2.52 -8.83 -3.21
CA LEU A 39 3.00 -7.52 -2.72
C LEU A 39 4.01 -7.74 -1.60
N GLY A 40 3.57 -8.38 -0.55
CA GLY A 40 4.48 -8.64 0.61
C GLY A 40 5.69 -9.43 0.12
N SER A 41 5.61 -9.95 -1.07
CA SER A 41 6.76 -10.70 -1.60
C SER A 41 7.48 -9.78 -2.57
N ARG A 42 6.81 -8.75 -2.99
CA ARG A 42 7.42 -7.78 -3.89
C ARG A 42 8.09 -6.75 -2.99
N TRP A 43 7.49 -6.57 -1.85
CA TRP A 43 8.01 -5.64 -0.83
C TRP A 43 9.34 -6.14 -0.28
N LYS A 44 9.33 -7.30 0.30
CA LYS A 44 10.59 -7.84 0.86
C LYS A 44 11.56 -7.99 -0.29
N ALA A 45 11.03 -8.07 -1.47
CA ALA A 45 11.87 -8.23 -2.67
C ALA A 45 12.25 -6.86 -3.22
N MET A 46 12.12 -5.83 -2.43
CA MET A 46 12.45 -4.46 -2.90
C MET A 46 13.79 -4.04 -2.32
N THR A 47 14.04 -2.77 -2.31
CA THR A 47 15.30 -2.27 -1.76
C THR A 47 14.97 -1.33 -0.62
N ASN A 48 15.11 -1.82 0.57
CA ASN A 48 14.78 -1.01 1.78
C ASN A 48 15.03 0.48 1.53
N LEU A 49 16.02 0.82 0.75
CA LEU A 49 16.29 2.27 0.48
C LEU A 49 15.13 2.86 -0.32
N GLU A 50 14.49 2.06 -1.14
CA GLU A 50 13.35 2.56 -1.95
C GLU A 50 12.14 2.81 -1.03
N LYS A 51 12.27 2.52 0.23
CA LYS A 51 11.12 2.72 1.17
C LYS A 51 11.09 4.16 1.69
N GLN A 52 12.12 4.92 1.48
CA GLN A 52 12.13 6.32 1.98
C GLN A 52 10.99 7.15 1.38
N PRO A 53 10.79 7.02 0.09
CA PRO A 53 9.73 7.79 -0.62
C PRO A 53 8.34 7.20 -0.38
N TYR A 54 8.20 5.91 -0.50
CA TYR A 54 6.86 5.31 -0.26
C TYR A 54 6.48 5.52 1.18
N TYR A 55 7.42 5.94 1.97
CA TYR A 55 7.12 6.16 3.40
C TYR A 55 6.44 7.53 3.58
N GLU A 56 6.95 8.54 2.93
CA GLU A 56 6.33 9.89 3.06
C GLU A 56 4.95 9.92 2.39
N GLU A 57 4.78 9.29 1.27
CA GLU A 57 3.43 9.31 0.61
C GLU A 57 2.44 8.56 1.50
N GLN A 58 2.94 7.86 2.48
CA GLN A 58 2.04 7.12 3.40
C GLN A 58 1.44 8.14 4.35
N ALA A 59 2.28 8.76 5.10
CA ALA A 59 1.82 9.79 6.08
C ALA A 59 0.81 10.72 5.42
N ARG A 60 0.94 10.95 4.14
CA ARG A 60 -0.02 11.84 3.44
C ARG A 60 -1.37 11.13 3.34
N LEU A 61 -1.39 10.00 2.68
CA LEU A 61 -2.65 9.23 2.52
C LEU A 61 -3.10 8.69 3.88
N SER A 62 -2.21 8.63 4.83
CA SER A 62 -2.59 8.11 6.18
C SER A 62 -3.32 9.23 6.93
N LYS A 63 -3.08 10.45 6.55
CA LYS A 63 -3.74 11.58 7.24
C LYS A 63 -5.20 11.67 6.78
N GLN A 64 -5.42 11.70 5.50
CA GLN A 64 -6.82 11.78 4.98
C GLN A 64 -7.63 10.58 5.47
N HIS A 65 -6.98 9.45 5.66
CA HIS A 65 -7.73 8.25 6.12
C HIS A 65 -8.06 8.38 7.60
N LEU A 66 -7.07 8.29 8.44
CA LEU A 66 -7.32 8.39 9.91
C LEU A 66 -8.23 9.59 10.20
N GLU A 67 -8.10 10.64 9.45
CA GLU A 67 -8.96 11.83 9.68
C GLU A 67 -10.43 11.41 9.66
N LYS A 68 -10.72 10.29 9.05
CA LYS A 68 -12.13 9.83 8.97
C LYS A 68 -12.34 8.62 9.90
N TYR A 69 -11.41 7.72 9.94
CA TYR A 69 -11.60 6.52 10.81
C TYR A 69 -10.39 6.34 11.74
N PRO A 70 -10.47 6.96 12.89
CA PRO A 70 -9.41 6.85 13.90
C PRO A 70 -9.59 5.53 14.66
N ASP A 71 -10.47 5.53 15.62
CA ASP A 71 -10.75 4.30 16.40
C ASP A 71 -11.91 3.58 15.73
N TYR A 72 -13.03 3.53 16.38
CA TYR A 72 -14.21 2.84 15.79
C TYR A 72 -14.60 3.55 14.49
N PRO A 3 -16.75 4.64 4.57
CA PRO A 3 -16.79 5.25 5.94
C PRO A 3 -15.36 5.45 6.46
N HIS A 4 -14.70 4.40 6.83
CA HIS A 4 -13.31 4.53 7.34
C HIS A 4 -12.46 3.36 6.83
N ILE A 5 -11.74 3.56 5.76
CA ILE A 5 -10.88 2.46 5.23
C ILE A 5 -9.41 2.81 5.44
N LYS A 6 -8.91 2.57 6.63
CA LYS A 6 -7.49 2.89 6.92
C LYS A 6 -6.58 1.90 6.19
N ARG A 7 -6.55 1.96 4.88
CA ARG A 7 -5.69 1.03 4.11
C ARG A 7 -4.25 1.58 3.98
N PRO A 8 -4.13 2.86 3.68
CA PRO A 8 -2.81 3.49 3.53
C PRO A 8 -2.22 3.82 4.91
N MET A 9 -1.83 2.81 5.64
CA MET A 9 -1.25 3.04 6.98
C MET A 9 0.24 2.77 6.91
N ASN A 10 0.60 1.95 5.97
CA ASN A 10 2.01 1.56 5.80
C ASN A 10 2.47 1.89 4.39
N ALA A 11 3.73 2.15 4.23
CA ALA A 11 4.27 2.46 2.88
C ALA A 11 4.13 1.23 1.99
N PHE A 12 4.03 0.09 2.61
CA PHE A 12 3.90 -1.16 1.84
C PHE A 12 2.53 -1.21 1.18
N MET A 13 1.48 -1.25 1.94
CA MET A 13 0.14 -1.27 1.31
C MET A 13 0.04 -0.01 0.47
N VAL A 14 0.91 0.94 0.72
CA VAL A 14 0.90 2.19 -0.05
C VAL A 14 1.65 1.96 -1.34
N TRP A 15 2.79 1.37 -1.24
CA TRP A 15 3.60 1.12 -2.47
C TRP A 15 3.03 -0.11 -3.17
N ALA A 16 2.56 -1.03 -2.40
CA ALA A 16 2.00 -2.29 -2.95
C ALA A 16 0.65 -2.03 -3.63
N LYS A 17 -0.03 -0.98 -3.26
CA LYS A 17 -1.34 -0.71 -3.92
C LYS A 17 -1.06 -0.37 -5.38
N ASP A 18 0.11 0.11 -5.65
CA ASP A 18 0.48 0.44 -7.05
C ASP A 18 1.19 -0.78 -7.60
N GLU A 19 1.98 -1.40 -6.77
CA GLU A 19 2.70 -2.62 -7.19
C GLU A 19 1.66 -3.71 -7.49
N ARG A 20 0.65 -3.80 -6.68
CA ARG A 20 -0.41 -4.81 -6.94
C ARG A 20 -1.28 -4.28 -8.06
N ARG A 21 -1.44 -3.00 -8.13
CA ARG A 21 -2.21 -2.40 -9.23
C ARG A 21 -1.41 -2.67 -10.49
N LYS A 22 -0.12 -2.59 -10.36
CA LYS A 22 0.77 -2.84 -11.52
C LYS A 22 0.79 -4.33 -11.84
N ILE A 23 0.46 -5.15 -10.88
CA ILE A 23 0.44 -6.60 -11.15
C ILE A 23 -0.98 -7.03 -11.48
N LEU A 24 -1.94 -6.43 -10.85
CA LEU A 24 -3.34 -6.76 -11.12
C LEU A 24 -3.62 -6.54 -12.60
N GLN A 25 -2.92 -5.63 -13.18
CA GLN A 25 -3.12 -5.36 -14.62
C GLN A 25 -2.74 -6.63 -15.34
N ALA A 26 -1.74 -7.24 -14.81
CA ALA A 26 -1.23 -8.50 -15.36
C ALA A 26 -2.06 -9.65 -14.80
N PHE A 27 -2.64 -9.44 -13.64
CA PHE A 27 -3.47 -10.49 -13.01
C PHE A 27 -4.69 -9.82 -12.37
N PRO A 28 -5.59 -9.38 -13.22
CA PRO A 28 -6.83 -8.71 -12.81
C PRO A 28 -7.76 -9.68 -12.05
N ASP A 29 -7.40 -10.93 -12.00
CA ASP A 29 -8.21 -11.91 -11.25
C ASP A 29 -7.50 -12.22 -9.94
N MET A 30 -6.20 -12.13 -9.96
CA MET A 30 -5.41 -12.37 -8.73
C MET A 30 -5.80 -11.32 -7.72
N HIS A 31 -6.79 -11.62 -6.95
CA HIS A 31 -7.28 -10.63 -5.97
C HIS A 31 -6.34 -10.49 -4.78
N ASN A 32 -6.64 -9.58 -3.88
CA ASN A 32 -5.77 -9.33 -2.69
C ASN A 32 -5.27 -10.64 -2.07
N SER A 33 -6.15 -11.46 -1.57
CA SER A 33 -5.72 -12.73 -0.90
C SER A 33 -4.52 -13.34 -1.64
N ASN A 34 -4.40 -13.11 -2.92
CA ASN A 34 -3.24 -13.70 -3.65
C ASN A 34 -2.19 -12.62 -3.90
N ILE A 35 -2.57 -11.52 -4.48
CA ILE A 35 -1.57 -10.44 -4.71
C ILE A 35 -0.85 -10.13 -3.40
N SER A 36 -1.48 -10.46 -2.31
CA SER A 36 -0.87 -10.21 -0.97
C SER A 36 0.50 -10.88 -0.85
N LYS A 37 0.60 -12.13 -1.19
CA LYS A 37 1.91 -12.81 -1.06
C LYS A 37 2.85 -12.19 -2.08
N ILE A 38 2.29 -11.65 -3.12
CA ILE A 38 3.12 -11.01 -4.16
C ILE A 38 3.68 -9.70 -3.61
N LEU A 39 2.82 -8.85 -3.16
CA LEU A 39 3.26 -7.55 -2.61
C LEU A 39 4.17 -7.77 -1.41
N GLY A 40 3.66 -8.42 -0.41
CA GLY A 40 4.46 -8.68 0.82
C GLY A 40 5.73 -9.42 0.46
N SER A 41 5.77 -9.98 -0.72
CA SER A 41 7.00 -10.69 -1.15
C SER A 41 7.75 -9.77 -2.09
N ARG A 42 7.06 -8.77 -2.56
CA ARG A 42 7.70 -7.79 -3.44
C ARG A 42 8.28 -6.73 -2.53
N TRP A 43 7.58 -6.51 -1.45
CA TRP A 43 8.02 -5.54 -0.44
C TRP A 43 9.33 -6.00 0.17
N LYS A 44 9.35 -7.18 0.72
CA LYS A 44 10.60 -7.68 1.31
C LYS A 44 11.63 -7.72 0.19
N ALA A 45 11.14 -7.77 -1.02
CA ALA A 45 12.02 -7.82 -2.20
C ALA A 45 12.64 -6.43 -2.46
N MET A 46 12.11 -5.41 -1.84
CA MET A 46 12.64 -4.04 -2.03
C MET A 46 13.81 -3.83 -1.08
N THR A 47 14.10 -2.61 -0.69
CA THR A 47 15.25 -2.41 0.23
C THR A 47 14.81 -1.69 1.50
N ASN A 48 13.57 -1.31 1.58
CA ASN A 48 13.10 -0.59 2.80
C ASN A 48 13.76 0.79 2.84
N LEU A 49 15.06 0.82 2.88
CA LEU A 49 15.78 2.12 2.91
C LEU A 49 15.39 2.90 1.65
N GLU A 50 15.00 2.20 0.61
CA GLU A 50 14.61 2.87 -0.65
C GLU A 50 13.15 3.33 -0.55
N LYS A 51 12.51 3.10 0.56
CA LYS A 51 11.07 3.49 0.71
C LYS A 51 10.94 4.94 1.15
N GLN A 52 11.78 5.81 0.65
CA GLN A 52 11.70 7.25 1.04
C GLN A 52 10.34 7.86 0.66
N PRO A 53 9.91 7.60 -0.56
CA PRO A 53 8.64 8.16 -1.08
C PRO A 53 7.40 7.42 -0.57
N TYR A 54 7.38 6.12 -0.64
CA TYR A 54 6.17 5.39 -0.15
C TYR A 54 6.05 5.60 1.34
N TYR A 55 7.06 6.16 1.94
CA TYR A 55 6.99 6.38 3.39
C TYR A 55 6.22 7.68 3.66
N GLU A 56 6.74 8.78 3.20
CA GLU A 56 6.04 10.07 3.41
C GLU A 56 4.75 10.04 2.60
N GLU A 57 4.70 9.25 1.58
CA GLU A 57 3.46 9.17 0.76
C GLU A 57 2.36 8.56 1.62
N GLN A 58 2.72 7.83 2.63
CA GLN A 58 1.69 7.21 3.50
C GLN A 58 1.11 8.30 4.38
N ALA A 59 1.96 9.00 5.05
CA ALA A 59 1.50 10.09 5.93
C ALA A 59 0.53 11.01 5.18
N ARG A 60 0.72 11.17 3.89
CA ARG A 60 -0.19 12.05 3.11
C ARG A 60 -1.54 11.35 2.94
N LEU A 61 -1.55 10.05 2.92
CA LEU A 61 -2.83 9.32 2.76
C LEU A 61 -3.66 9.45 4.03
N SER A 62 -3.02 9.70 5.15
CA SER A 62 -3.79 9.87 6.41
C SER A 62 -4.43 11.25 6.37
N LYS A 63 -3.75 12.18 5.76
CA LYS A 63 -4.30 13.56 5.65
C LYS A 63 -5.39 13.58 4.58
N GLN A 64 -5.16 12.92 3.49
CA GLN A 64 -6.17 12.89 2.40
C GLN A 64 -7.28 11.90 2.75
N HIS A 65 -7.08 11.09 3.76
CA HIS A 65 -8.13 10.11 4.15
C HIS A 65 -9.20 10.83 4.96
N LEU A 66 -8.85 11.34 6.09
CA LEU A 66 -9.84 12.05 6.94
C LEU A 66 -10.46 13.20 6.14
N GLU A 67 -9.73 13.75 5.22
CA GLU A 67 -10.29 14.85 4.40
C GLU A 67 -11.59 14.35 3.78
N LYS A 68 -11.65 13.08 3.55
CA LYS A 68 -12.88 12.47 2.95
C LYS A 68 -13.95 12.34 4.03
N TYR A 69 -13.55 11.97 5.22
CA TYR A 69 -14.55 11.83 6.32
C TYR A 69 -14.01 12.52 7.57
N PRO A 70 -13.80 13.80 7.46
CA PRO A 70 -13.29 14.62 8.58
C PRO A 70 -14.41 14.92 9.56
N ASP A 71 -15.35 15.72 9.14
CA ASP A 71 -16.48 16.07 10.02
C ASP A 71 -17.61 15.05 9.84
N TYR A 72 -17.28 13.84 9.47
CA TYR A 72 -18.34 12.81 9.28
C TYR A 72 -19.07 12.58 10.60
N PRO A 3 -14.36 4.02 11.79
CA PRO A 3 -14.07 2.58 12.05
C PRO A 3 -12.58 2.31 11.89
N HIS A 4 -11.77 3.26 12.26
CA HIS A 4 -10.30 3.09 12.15
C HIS A 4 -9.94 2.67 10.73
N ILE A 5 -9.39 3.55 9.95
CA ILE A 5 -9.00 3.19 8.56
C ILE A 5 -7.57 2.66 8.57
N LYS A 6 -7.41 1.37 8.56
CA LYS A 6 -6.05 0.77 8.58
C LYS A 6 -5.53 0.63 7.16
N ARG A 7 -5.75 1.61 6.33
CA ARG A 7 -5.26 1.52 4.92
C ARG A 7 -3.79 1.99 4.87
N PRO A 8 -3.54 3.19 5.35
CA PRO A 8 -2.20 3.76 5.38
C PRO A 8 -1.44 3.21 6.58
N MET A 9 -1.03 1.97 6.52
CA MET A 9 -0.30 1.38 7.66
C MET A 9 1.19 1.61 7.49
N ASN A 10 1.63 1.72 6.27
CA ASN A 10 3.07 1.93 6.04
C ASN A 10 3.34 2.11 4.55
N ALA A 11 4.59 2.18 4.19
CA ALA A 11 4.95 2.34 2.76
C ALA A 11 4.53 1.11 1.97
N PHE A 12 4.32 0.04 2.66
CA PHE A 12 3.93 -1.23 1.99
C PHE A 12 2.57 -1.11 1.34
N MET A 13 1.54 -0.96 2.13
CA MET A 13 0.20 -0.82 1.53
C MET A 13 0.22 0.43 0.66
N VAL A 14 1.21 1.25 0.87
CA VAL A 14 1.33 2.50 0.07
C VAL A 14 1.99 2.17 -1.24
N TRP A 15 3.05 1.43 -1.17
CA TRP A 15 3.76 1.06 -2.42
C TRP A 15 3.06 -0.13 -3.06
N ALA A 16 2.54 -0.99 -2.24
CA ALA A 16 1.84 -2.21 -2.72
C ALA A 16 0.49 -1.88 -3.35
N LYS A 17 -0.13 -0.79 -2.99
CA LYS A 17 -1.45 -0.47 -3.58
C LYS A 17 -1.24 -0.19 -5.06
N ASP A 18 -0.09 0.30 -5.41
CA ASP A 18 0.20 0.56 -6.83
C ASP A 18 0.93 -0.65 -7.37
N GLU A 19 1.68 -1.29 -6.53
CA GLU A 19 2.41 -2.51 -6.95
C GLU A 19 1.38 -3.62 -7.19
N ARG A 20 0.33 -3.63 -6.42
CA ARG A 20 -0.72 -4.66 -6.62
C ARG A 20 -1.50 -4.24 -7.84
N ARG A 21 -1.66 -2.96 -8.01
CA ARG A 21 -2.36 -2.44 -9.20
C ARG A 21 -1.44 -2.73 -10.38
N LYS A 22 -0.16 -2.55 -10.17
CA LYS A 22 0.83 -2.80 -11.23
C LYS A 22 0.98 -4.29 -11.47
N ILE A 23 0.63 -5.07 -10.50
CA ILE A 23 0.74 -6.55 -10.67
C ILE A 23 -0.62 -7.09 -11.11
N LEU A 24 -1.66 -6.47 -10.66
CA LEU A 24 -3.00 -6.91 -11.05
C LEU A 24 -3.16 -6.81 -12.55
N GLN A 25 -2.45 -5.90 -13.13
CA GLN A 25 -2.53 -5.74 -14.60
C GLN A 25 -1.97 -7.00 -15.20
N ALA A 26 -0.94 -7.46 -14.57
CA ALA A 26 -0.27 -8.70 -15.00
C ALA A 26 -0.99 -9.90 -14.38
N PHE A 27 -1.87 -9.63 -13.45
CA PHE A 27 -2.62 -10.74 -12.80
C PHE A 27 -3.97 -10.19 -12.33
N PRO A 28 -4.81 -9.89 -13.28
CA PRO A 28 -6.16 -9.35 -13.02
C PRO A 28 -7.06 -10.43 -12.43
N ASP A 29 -6.56 -11.62 -12.31
CA ASP A 29 -7.34 -12.71 -11.70
C ASP A 29 -6.81 -12.91 -10.29
N MET A 30 -5.52 -12.78 -10.14
CA MET A 30 -4.91 -12.88 -8.80
C MET A 30 -5.45 -11.74 -7.98
N HIS A 31 -6.48 -12.00 -7.26
CA HIS A 31 -7.12 -10.92 -6.48
C HIS A 31 -6.33 -10.60 -5.21
N ASN A 32 -6.91 -9.81 -4.33
CA ASN A 32 -6.21 -9.40 -3.07
C ASN A 32 -5.72 -10.62 -2.28
N SER A 33 -6.62 -11.41 -1.75
CA SER A 33 -6.20 -12.60 -0.94
C SER A 33 -4.95 -13.24 -1.52
N ASN A 34 -4.74 -13.15 -2.81
CA ASN A 34 -3.53 -13.77 -3.40
C ASN A 34 -2.48 -12.69 -3.68
N ILE A 35 -2.87 -11.59 -4.27
CA ILE A 35 -1.89 -10.52 -4.55
C ILE A 35 -1.17 -10.16 -3.27
N SER A 36 -1.78 -10.44 -2.15
CA SER A 36 -1.13 -10.14 -0.84
C SER A 36 0.24 -10.81 -0.78
N LYS A 37 0.32 -12.06 -1.12
CA LYS A 37 1.62 -12.75 -1.09
C LYS A 37 2.48 -12.17 -2.19
N ILE A 38 1.85 -11.64 -3.19
CA ILE A 38 2.60 -11.03 -4.31
C ILE A 38 3.22 -9.73 -3.83
N LEU A 39 2.41 -8.87 -3.28
CA LEU A 39 2.94 -7.58 -2.75
C LEU A 39 3.96 -7.87 -1.67
N GLY A 40 3.55 -8.57 -0.66
CA GLY A 40 4.48 -8.90 0.46
C GLY A 40 5.72 -9.58 -0.11
N SER A 41 5.65 -10.03 -1.33
CA SER A 41 6.83 -10.69 -1.93
C SER A 41 7.46 -9.69 -2.87
N ARG A 42 6.72 -8.70 -3.24
CA ARG A 42 7.24 -7.65 -4.12
C ARG A 42 7.89 -6.63 -3.21
N TRP A 43 7.34 -6.51 -2.04
CA TRP A 43 7.85 -5.60 -1.02
C TRP A 43 9.20 -6.05 -0.52
N LYS A 44 9.26 -7.22 0.04
CA LYS A 44 10.54 -7.73 0.55
C LYS A 44 11.51 -7.71 -0.63
N ALA A 45 10.95 -7.89 -1.78
CA ALA A 45 11.75 -7.89 -3.02
C ALA A 45 12.28 -6.48 -3.32
N MET A 46 11.91 -5.51 -2.53
CA MET A 46 12.39 -4.12 -2.77
C MET A 46 13.86 -4.01 -2.38
N THR A 47 14.29 -2.91 -1.84
CA THR A 47 15.73 -2.77 -1.48
C THR A 47 15.90 -1.94 -0.21
N ASN A 48 14.83 -1.63 0.46
CA ASN A 48 14.94 -0.81 1.70
C ASN A 48 15.19 0.64 1.31
N LEU A 49 16.27 0.89 0.62
CA LEU A 49 16.57 2.29 0.19
C LEU A 49 15.41 2.79 -0.68
N GLU A 50 14.88 1.92 -1.49
CA GLU A 50 13.75 2.32 -2.37
C GLU A 50 12.48 2.44 -1.52
N LYS A 51 12.57 2.07 -0.27
CA LYS A 51 11.39 2.15 0.63
C LYS A 51 11.31 3.56 1.24
N GLN A 52 12.41 4.24 1.24
CA GLN A 52 12.46 5.61 1.81
C GLN A 52 11.36 6.52 1.21
N PRO A 53 11.16 6.47 -0.09
CA PRO A 53 10.15 7.32 -0.76
C PRO A 53 8.72 6.88 -0.46
N TYR A 54 8.40 5.63 -0.65
CA TYR A 54 7.03 5.18 -0.32
C TYR A 54 6.83 5.39 1.18
N TYR A 55 7.90 5.60 1.87
CA TYR A 55 7.80 5.79 3.34
C TYR A 55 7.30 7.20 3.64
N GLU A 56 7.73 8.16 2.87
CA GLU A 56 7.29 9.56 3.12
C GLU A 56 5.81 9.70 2.82
N GLU A 57 5.36 9.23 1.68
CA GLU A 57 3.92 9.34 1.36
C GLU A 57 3.12 8.57 2.40
N GLN A 58 3.78 7.73 3.16
CA GLN A 58 3.08 6.95 4.20
C GLN A 58 2.89 7.87 5.41
N ALA A 59 3.98 8.28 5.97
CA ALA A 59 3.90 9.18 7.15
C ALA A 59 2.89 10.29 6.88
N ARG A 60 2.66 10.61 5.63
CA ARG A 60 1.67 11.68 5.33
C ARG A 60 0.28 11.16 5.63
N LEU A 61 0.00 9.95 5.23
CA LEU A 61 -1.34 9.36 5.48
C LEU A 61 -1.52 9.12 6.99
N SER A 62 -0.46 8.99 7.72
CA SER A 62 -0.58 8.76 9.18
C SER A 62 -0.91 10.08 9.87
N LYS A 63 -0.51 11.17 9.27
CA LYS A 63 -0.79 12.50 9.87
C LYS A 63 -2.28 12.79 9.76
N GLN A 64 -2.84 12.60 8.60
CA GLN A 64 -4.29 12.86 8.42
C GLN A 64 -5.10 11.67 8.94
N HIS A 65 -4.44 10.60 9.30
CA HIS A 65 -5.17 9.41 9.80
C HIS A 65 -5.27 9.47 11.32
N LEU A 66 -4.16 9.43 11.99
CA LEU A 66 -4.17 9.46 13.47
C LEU A 66 -4.83 10.76 13.95
N GLU A 67 -4.48 11.86 13.36
CA GLU A 67 -5.09 13.15 13.79
C GLU A 67 -6.61 13.05 13.72
N LYS A 68 -7.11 12.09 13.00
CA LYS A 68 -8.59 11.95 12.90
C LYS A 68 -9.14 11.33 14.18
N TYR A 69 -8.73 10.12 14.48
CA TYR A 69 -9.24 9.47 15.71
C TYR A 69 -8.27 8.38 16.18
N PRO A 70 -7.31 8.78 16.96
CA PRO A 70 -6.32 7.85 17.51
C PRO A 70 -6.95 7.10 18.70
N ASP A 71 -6.86 7.67 19.86
CA ASP A 71 -7.45 7.04 21.06
C ASP A 71 -8.87 7.57 21.27
N TYR A 72 -9.41 8.22 20.29
CA TYR A 72 -10.77 8.79 20.42
C TYR A 72 -11.82 7.68 20.29
N PRO A 3 -8.95 6.74 20.95
CA PRO A 3 -7.90 6.50 19.90
C PRO A 3 -8.34 7.13 18.58
N HIS A 4 -9.21 6.49 17.87
CA HIS A 4 -9.69 7.04 16.57
C HIS A 4 -8.51 7.16 15.61
N ILE A 5 -7.94 6.06 15.21
CA ILE A 5 -6.79 6.09 14.26
C ILE A 5 -7.01 5.03 13.18
N LYS A 6 -7.99 5.22 12.35
CA LYS A 6 -8.27 4.21 11.27
C LYS A 6 -7.26 4.37 10.14
N ARG A 7 -5.99 4.37 10.44
CA ARG A 7 -4.97 4.50 9.35
C ARG A 7 -4.06 3.26 9.29
N PRO A 8 -4.63 2.11 9.01
CA PRO A 8 -3.87 0.85 8.89
C PRO A 8 -3.15 0.79 7.55
N MET A 9 -2.48 1.85 7.18
CA MET A 9 -1.74 1.86 5.91
C MET A 9 -0.25 1.83 6.23
N ASN A 10 0.58 1.94 5.25
CA ASN A 10 2.03 1.94 5.52
C ASN A 10 2.77 2.02 4.19
N ALA A 11 4.06 2.13 4.21
CA ALA A 11 4.81 2.24 2.93
C ALA A 11 4.53 1.02 2.08
N PHE A 12 4.35 -0.09 2.70
CA PHE A 12 4.09 -1.33 1.95
C PHE A 12 2.71 -1.27 1.33
N MET A 13 1.69 -1.16 2.12
CA MET A 13 0.33 -1.07 1.54
C MET A 13 0.29 0.20 0.72
N VAL A 14 1.24 1.08 0.94
CA VAL A 14 1.29 2.35 0.17
C VAL A 14 1.97 2.08 -1.15
N TRP A 15 3.06 1.39 -1.08
CA TRP A 15 3.80 1.09 -2.33
C TRP A 15 3.13 -0.09 -3.03
N ALA A 16 2.62 -0.99 -2.24
CA ALA A 16 1.96 -2.20 -2.78
C ALA A 16 0.59 -1.83 -3.37
N LYS A 17 0.04 -0.71 -3.00
CA LYS A 17 -1.29 -0.33 -3.55
C LYS A 17 -1.15 -0.06 -5.03
N ASP A 18 -0.02 0.43 -5.46
CA ASP A 18 0.18 0.67 -6.90
C ASP A 18 0.80 -0.58 -7.48
N GLU A 19 1.56 -1.25 -6.68
CA GLU A 19 2.18 -2.51 -7.13
C GLU A 19 1.06 -3.52 -7.33
N ARG A 20 0.04 -3.44 -6.52
CA ARG A 20 -1.13 -4.34 -6.65
C ARG A 20 -1.76 -4.06 -7.98
N ARG A 21 -2.01 -2.81 -8.21
CA ARG A 21 -2.62 -2.37 -9.46
C ARG A 21 -1.62 -2.65 -10.57
N LYS A 22 -0.37 -2.41 -10.28
CA LYS A 22 0.68 -2.65 -11.29
C LYS A 22 0.86 -4.15 -11.50
N ILE A 23 0.47 -4.95 -10.54
CA ILE A 23 0.61 -6.42 -10.71
C ILE A 23 -0.71 -7.01 -11.18
N LEU A 24 -1.79 -6.62 -10.59
CA LEU A 24 -3.10 -7.15 -11.02
C LEU A 24 -3.21 -7.04 -12.52
N GLN A 25 -2.59 -6.06 -13.07
CA GLN A 25 -2.63 -5.89 -14.54
C GLN A 25 -1.90 -7.07 -15.13
N ALA A 26 -0.88 -7.44 -14.45
CA ALA A 26 -0.05 -8.58 -14.87
C ALA A 26 -0.64 -9.86 -14.27
N PHE A 27 -1.58 -9.72 -13.38
CA PHE A 27 -2.21 -10.89 -12.74
C PHE A 27 -3.63 -10.48 -12.32
N PRO A 28 -4.47 -10.29 -13.30
CA PRO A 28 -5.87 -9.89 -13.10
C PRO A 28 -6.69 -11.02 -12.47
N ASP A 29 -6.08 -12.16 -12.28
CA ASP A 29 -6.80 -13.28 -11.64
C ASP A 29 -6.30 -13.36 -10.21
N MET A 30 -5.05 -13.07 -10.03
CA MET A 30 -4.47 -13.05 -8.67
C MET A 30 -5.17 -11.95 -7.90
N HIS A 31 -6.18 -12.30 -7.18
CA HIS A 31 -6.95 -11.27 -6.46
C HIS A 31 -6.21 -10.84 -5.17
N ASN A 32 -6.80 -9.94 -4.42
CA ASN A 32 -6.16 -9.42 -3.18
C ASN A 32 -5.55 -10.56 -2.35
N SER A 33 -6.37 -11.33 -1.67
CA SER A 33 -5.86 -12.43 -0.80
C SER A 33 -4.60 -13.06 -1.39
N ASN A 34 -4.51 -13.16 -2.70
CA ASN A 34 -3.28 -13.76 -3.29
C ASN A 34 -2.29 -12.65 -3.61
N ILE A 35 -2.74 -11.55 -4.15
CA ILE A 35 -1.81 -10.44 -4.47
C ILE A 35 -1.07 -10.06 -3.20
N SER A 36 -1.70 -10.24 -2.07
CA SER A 36 -1.03 -9.91 -0.79
C SER A 36 0.32 -10.63 -0.73
N LYS A 37 0.32 -11.89 -1.06
CA LYS A 37 1.59 -12.65 -1.06
C LYS A 37 2.47 -12.07 -2.16
N ILE A 38 1.84 -11.53 -3.16
CA ILE A 38 2.60 -10.94 -4.28
C ILE A 38 3.21 -9.63 -3.79
N LEU A 39 2.37 -8.75 -3.32
CA LEU A 39 2.86 -7.46 -2.79
C LEU A 39 3.90 -7.73 -1.71
N GLY A 40 3.49 -8.42 -0.68
CA GLY A 40 4.42 -8.76 0.43
C GLY A 40 5.61 -9.52 -0.12
N SER A 41 5.53 -9.99 -1.35
CA SER A 41 6.66 -10.71 -1.95
C SER A 41 7.36 -9.75 -2.88
N ARG A 42 6.66 -8.72 -3.25
CA ARG A 42 7.24 -7.69 -4.12
C ARG A 42 7.93 -6.71 -3.19
N TRP A 43 7.34 -6.57 -2.04
CA TRP A 43 7.88 -5.67 -1.00
C TRP A 43 9.20 -6.20 -0.50
N LYS A 44 9.19 -7.39 0.03
CA LYS A 44 10.45 -7.98 0.55
C LYS A 44 11.39 -8.09 -0.63
N ALA A 45 10.84 -8.11 -1.81
CA ALA A 45 11.65 -8.21 -3.02
C ALA A 45 12.24 -6.84 -3.36
N MET A 46 11.76 -5.81 -2.71
CA MET A 46 12.30 -4.45 -2.98
C MET A 46 13.78 -4.44 -2.61
N THR A 47 14.28 -3.39 -2.02
CA THR A 47 15.73 -3.38 -1.67
C THR A 47 15.99 -2.51 -0.44
N ASN A 48 14.96 -2.15 0.27
CA ASN A 48 15.15 -1.28 1.46
C ASN A 48 15.43 0.14 0.98
N LEU A 49 16.45 0.32 0.19
CA LEU A 49 16.77 1.68 -0.33
C LEU A 49 15.56 2.19 -1.13
N GLU A 50 14.86 1.29 -1.78
CA GLU A 50 13.66 1.71 -2.55
C GLU A 50 12.45 1.78 -1.61
N LYS A 51 12.59 1.29 -0.42
CA LYS A 51 11.45 1.29 0.55
C LYS A 51 11.36 2.63 1.29
N GLN A 52 12.45 3.34 1.38
CA GLN A 52 12.45 4.64 2.12
C GLN A 52 11.48 5.70 1.52
N PRO A 53 11.31 5.74 0.21
CA PRO A 53 10.43 6.76 -0.42
C PRO A 53 8.95 6.49 -0.16
N TYR A 54 8.49 5.29 -0.31
CA TYR A 54 7.04 5.01 -0.06
C TYR A 54 6.79 5.17 1.43
N TYR A 55 7.82 5.35 2.19
CA TYR A 55 7.63 5.51 3.65
C TYR A 55 7.08 6.90 3.96
N GLU A 56 7.56 7.90 3.29
CA GLU A 56 7.04 9.27 3.54
C GLU A 56 5.59 9.35 3.08
N GLU A 57 5.27 8.73 1.98
CA GLU A 57 3.88 8.78 1.47
C GLU A 57 2.92 8.22 2.54
N GLN A 58 3.43 7.49 3.48
CA GLN A 58 2.56 6.94 4.54
C GLN A 58 2.29 8.04 5.56
N ALA A 59 3.33 8.62 6.04
CA ALA A 59 3.20 9.71 7.04
C ALA A 59 2.29 10.79 6.47
N ARG A 60 2.20 10.88 5.17
CA ARG A 60 1.32 11.90 4.55
C ARG A 60 -0.12 11.52 4.81
N LEU A 61 -0.45 10.28 4.56
CA LEU A 61 -1.84 9.81 4.79
C LEU A 61 -2.23 10.09 6.24
N SER A 62 -1.27 10.15 7.12
CA SER A 62 -1.58 10.43 8.55
C SER A 62 -1.81 11.93 8.69
N LYS A 63 -1.18 12.71 7.86
CA LYS A 63 -1.34 14.18 7.91
C LYS A 63 -2.79 14.54 7.58
N GLN A 64 -3.32 13.96 6.54
CA GLN A 64 -4.73 14.27 6.16
C GLN A 64 -5.66 13.68 7.23
N HIS A 65 -5.23 12.66 7.89
CA HIS A 65 -6.07 12.03 8.95
C HIS A 65 -5.87 12.79 10.26
N LEU A 66 -4.70 12.72 10.81
CA LEU A 66 -4.43 13.43 12.08
C LEU A 66 -4.96 14.86 12.00
N GLU A 67 -4.81 15.49 10.88
CA GLU A 67 -5.31 16.88 10.73
C GLU A 67 -6.80 16.92 11.09
N LYS A 68 -7.44 15.79 11.06
CA LYS A 68 -8.89 15.75 11.39
C LYS A 68 -9.07 15.74 12.90
N TYR A 69 -8.42 14.83 13.58
CA TYR A 69 -8.55 14.77 15.06
C TYR A 69 -7.29 14.12 15.66
N PRO A 70 -6.41 14.95 16.16
CA PRO A 70 -5.16 14.49 16.77
C PRO A 70 -5.44 13.97 18.19
N ASP A 71 -5.28 14.81 19.18
CA ASP A 71 -5.56 14.39 20.56
C ASP A 71 -7.00 14.77 20.89
N TYR A 72 -7.17 15.69 21.78
CA TYR A 72 -8.52 16.14 22.16
C TYR A 72 -9.05 17.10 21.10
N PRO A 3 -17.15 3.64 2.74
CA PRO A 3 -16.10 4.30 3.60
C PRO A 3 -14.81 4.44 2.80
N HIS A 4 -14.32 3.35 2.25
CA HIS A 4 -13.06 3.41 1.45
C HIS A 4 -12.06 4.38 2.11
N ILE A 5 -11.46 3.98 3.21
CA ILE A 5 -10.48 4.86 3.88
C ILE A 5 -9.09 4.25 3.75
N LYS A 6 -8.29 4.80 2.88
CA LYS A 6 -6.91 4.26 2.67
C LYS A 6 -6.05 4.54 3.90
N ARG A 7 -6.10 3.68 4.89
CA ARG A 7 -5.27 3.90 6.09
C ARG A 7 -3.79 3.66 5.74
N PRO A 8 -2.97 4.66 5.96
CA PRO A 8 -1.53 4.59 5.67
C PRO A 8 -0.84 3.76 6.74
N MET A 9 -0.80 2.48 6.56
CA MET A 9 -0.16 1.59 7.53
C MET A 9 1.33 1.59 7.29
N ASN A 10 1.73 1.75 6.08
CA ASN A 10 3.17 1.73 5.77
C ASN A 10 3.41 1.99 4.29
N ALA A 11 4.64 2.15 3.93
CA ALA A 11 4.99 2.40 2.51
C ALA A 11 4.67 1.15 1.71
N PHE A 12 4.57 0.04 2.37
CA PHE A 12 4.27 -1.24 1.69
C PHE A 12 2.85 -1.24 1.15
N MET A 13 1.88 -1.16 2.02
CA MET A 13 0.50 -1.13 1.53
C MET A 13 0.37 0.10 0.64
N VAL A 14 1.31 1.01 0.77
CA VAL A 14 1.28 2.23 -0.06
C VAL A 14 1.89 1.92 -1.40
N TRP A 15 3.03 1.30 -1.36
CA TRP A 15 3.72 0.98 -2.63
C TRP A 15 3.07 -0.26 -3.25
N ALA A 16 2.61 -1.13 -2.41
CA ALA A 16 1.96 -2.37 -2.88
C ALA A 16 0.59 -2.08 -3.46
N LYS A 17 -0.04 -1.00 -3.04
CA LYS A 17 -1.37 -0.67 -3.59
C LYS A 17 -1.20 -0.33 -5.05
N ASP A 18 -0.07 0.20 -5.42
CA ASP A 18 0.16 0.53 -6.83
C ASP A 18 0.87 -0.65 -7.46
N GLU A 19 1.63 -1.34 -6.67
CA GLU A 19 2.35 -2.54 -7.15
C GLU A 19 1.33 -3.64 -7.42
N ARG A 20 0.32 -3.72 -6.62
CA ARG A 20 -0.73 -4.75 -6.86
C ARG A 20 -1.59 -4.26 -8.01
N ARG A 21 -1.76 -2.98 -8.09
CA ARG A 21 -2.53 -2.41 -9.20
C ARG A 21 -1.67 -2.62 -10.44
N LYS A 22 -0.39 -2.41 -10.27
CA LYS A 22 0.56 -2.57 -11.38
C LYS A 22 0.70 -4.06 -11.71
N ILE A 23 0.40 -4.91 -10.77
CA ILE A 23 0.52 -6.37 -11.04
C ILE A 23 -0.85 -6.93 -11.42
N LEU A 24 -1.87 -6.53 -10.75
CA LEU A 24 -3.22 -7.02 -11.08
C LEU A 24 -3.44 -6.83 -12.57
N GLN A 25 -2.87 -5.81 -13.11
CA GLN A 25 -3.03 -5.57 -14.55
C GLN A 25 -2.34 -6.71 -15.25
N ALA A 26 -1.28 -7.13 -14.65
CA ALA A 26 -0.49 -8.27 -15.17
C ALA A 26 -1.13 -9.57 -14.70
N PHE A 27 -1.98 -9.49 -13.71
CA PHE A 27 -2.65 -10.70 -13.19
C PHE A 27 -4.00 -10.30 -12.60
N PRO A 28 -4.90 -9.89 -13.46
CA PRO A 28 -6.26 -9.47 -13.08
C PRO A 28 -7.10 -10.67 -12.65
N ASP A 29 -6.53 -11.83 -12.68
CA ASP A 29 -7.26 -13.03 -12.24
C ASP A 29 -6.70 -13.42 -10.88
N MET A 30 -5.45 -13.13 -10.69
CA MET A 30 -4.81 -13.41 -9.39
C MET A 30 -5.51 -12.58 -8.38
N HIS A 31 -6.36 -13.21 -7.69
CA HIS A 31 -7.19 -12.54 -6.70
C HIS A 31 -6.34 -11.78 -5.68
N ASN A 32 -6.74 -10.57 -5.37
CA ASN A 32 -6.00 -9.79 -4.37
C ASN A 32 -5.75 -10.69 -3.16
N SER A 33 -6.59 -11.67 -2.97
CA SER A 33 -6.39 -12.60 -1.83
C SER A 33 -5.00 -13.21 -1.94
N ASN A 34 -4.49 -13.29 -3.15
CA ASN A 34 -3.13 -13.87 -3.35
C ASN A 34 -2.14 -12.75 -3.64
N ILE A 35 -2.55 -11.74 -4.35
CA ILE A 35 -1.60 -10.62 -4.66
C ILE A 35 -0.99 -10.14 -3.35
N SER A 36 -1.70 -10.30 -2.27
CA SER A 36 -1.17 -9.87 -0.95
C SER A 36 0.18 -10.54 -0.71
N LYS A 37 0.27 -11.82 -0.97
CA LYS A 37 1.55 -12.52 -0.76
C LYS A 37 2.51 -12.03 -1.82
N ILE A 38 1.97 -11.65 -2.94
CA ILE A 38 2.81 -11.14 -4.05
C ILE A 38 3.41 -9.79 -3.60
N LEU A 39 2.56 -8.90 -3.19
CA LEU A 39 3.03 -7.58 -2.73
C LEU A 39 4.02 -7.76 -1.59
N GLY A 40 3.57 -8.37 -0.53
CA GLY A 40 4.45 -8.59 0.65
C GLY A 40 5.69 -9.38 0.24
N SER A 41 5.67 -9.93 -0.95
CA SER A 41 6.84 -10.68 -1.43
C SER A 41 7.56 -9.78 -2.41
N ARG A 42 6.87 -8.77 -2.88
CA ARG A 42 7.49 -7.82 -3.80
C ARG A 42 8.12 -6.75 -2.93
N TRP A 43 7.51 -6.55 -1.79
CA TRP A 43 7.99 -5.57 -0.80
C TRP A 43 9.30 -6.05 -0.19
N LYS A 44 9.28 -7.19 0.43
CA LYS A 44 10.51 -7.72 1.05
C LYS A 44 11.55 -7.85 -0.06
N ALA A 45 11.07 -7.88 -1.27
CA ALA A 45 11.96 -8.01 -2.42
C ALA A 45 12.45 -6.62 -2.85
N MET A 46 12.29 -5.63 -2.00
CA MET A 46 12.73 -4.26 -2.36
C MET A 46 14.13 -4.01 -1.78
N THR A 47 14.44 -2.80 -1.39
CA THR A 47 15.81 -2.54 -0.85
C THR A 47 15.78 -1.40 0.17
N ASN A 48 14.64 -1.07 0.70
CA ASN A 48 14.58 0.04 1.70
C ASN A 48 14.74 1.36 0.97
N LEU A 49 15.83 1.53 0.27
CA LEU A 49 16.04 2.81 -0.48
C LEU A 49 14.93 2.93 -1.52
N GLU A 50 14.33 1.83 -1.88
CA GLU A 50 13.25 1.88 -2.89
C GLU A 50 11.93 2.27 -2.19
N LYS A 51 11.72 1.78 -1.01
CA LYS A 51 10.47 2.13 -0.27
C LYS A 51 10.67 3.45 0.48
N GLN A 52 11.77 4.10 0.25
CA GLN A 52 12.05 5.38 0.96
C GLN A 52 10.98 6.43 0.62
N PRO A 53 10.73 6.63 -0.65
CA PRO A 53 9.76 7.62 -1.12
C PRO A 53 8.34 7.12 -0.92
N TYR A 54 8.17 5.82 -0.90
CA TYR A 54 6.82 5.28 -0.65
C TYR A 54 6.52 5.47 0.83
N TYR A 55 7.50 5.90 1.56
CA TYR A 55 7.32 6.14 3.01
C TYR A 55 6.71 7.52 3.20
N GLU A 56 7.41 8.54 2.83
CA GLU A 56 6.85 9.90 2.97
C GLU A 56 5.52 9.96 2.22
N GLU A 57 5.38 9.17 1.19
CA GLU A 57 4.11 9.17 0.42
C GLU A 57 2.98 8.68 1.32
N GLN A 58 3.32 8.05 2.43
CA GLN A 58 2.26 7.57 3.34
C GLN A 58 1.83 8.73 4.23
N ALA A 59 2.77 9.37 4.84
CA ALA A 59 2.47 10.52 5.72
C ALA A 59 1.79 11.62 4.90
N ARG A 60 2.12 11.72 3.65
CA ARG A 60 1.49 12.76 2.79
C ARG A 60 0.02 12.40 2.57
N LEU A 61 -0.23 11.27 2.00
CA LEU A 61 -1.63 10.83 1.75
C LEU A 61 -2.36 10.66 3.07
N SER A 62 -1.66 10.69 4.17
CA SER A 62 -2.34 10.54 5.49
C SER A 62 -2.97 11.88 5.85
N LYS A 63 -2.20 12.92 5.72
CA LYS A 63 -2.71 14.28 6.02
C LYS A 63 -3.79 14.65 5.01
N GLN A 64 -3.58 14.29 3.77
CA GLN A 64 -4.60 14.60 2.72
C GLN A 64 -5.82 13.70 2.92
N HIS A 65 -5.60 12.53 3.48
CA HIS A 65 -6.73 11.59 3.71
C HIS A 65 -7.81 12.31 4.51
N LEU A 66 -7.50 12.70 5.71
CA LEU A 66 -8.51 13.40 6.55
C LEU A 66 -9.01 14.63 5.81
N GLU A 67 -8.12 15.42 5.28
CA GLU A 67 -8.55 16.63 4.54
C GLU A 67 -9.41 16.22 3.35
N LYS A 68 -9.40 14.95 3.02
CA LYS A 68 -10.21 14.49 1.85
C LYS A 68 -11.60 14.07 2.32
N TYR A 69 -11.73 13.63 3.54
CA TYR A 69 -13.06 13.20 4.02
C TYR A 69 -13.56 14.13 5.12
N PRO A 70 -14.12 15.24 4.71
CA PRO A 70 -14.69 16.24 5.63
C PRO A 70 -16.07 15.77 6.09
N ASP A 71 -16.99 15.70 5.19
CA ASP A 71 -18.36 15.25 5.52
C ASP A 71 -18.37 13.73 5.66
N TYR A 72 -17.52 13.20 6.51
CA TYR A 72 -17.46 11.72 6.68
C TYR A 72 -18.80 11.21 7.19
N PRO A 3 -12.74 1.74 16.69
CA PRO A 3 -13.43 2.60 15.68
C PRO A 3 -12.83 2.34 14.29
N HIS A 4 -13.01 3.26 13.39
CA HIS A 4 -12.45 3.08 12.01
C HIS A 4 -11.24 4.01 11.85
N ILE A 5 -10.05 3.47 11.91
CA ILE A 5 -8.84 4.32 11.76
C ILE A 5 -8.04 3.84 10.56
N LYS A 6 -6.97 4.52 10.25
CA LYS A 6 -6.14 4.09 9.10
C LYS A 6 -5.17 3.00 9.57
N ARG A 7 -5.63 1.79 9.64
CA ARG A 7 -4.75 0.68 10.10
C ARG A 7 -3.66 0.38 9.07
N PRO A 8 -4.02 0.30 7.80
CA PRO A 8 -3.07 0.01 6.72
C PRO A 8 -2.25 1.24 6.31
N MET A 9 -1.44 1.76 7.20
CA MET A 9 -0.59 2.90 6.83
C MET A 9 0.81 2.38 6.84
N ASN A 10 1.32 2.20 5.71
CA ASN A 10 2.67 1.63 5.60
C ASN A 10 3.17 1.83 4.18
N ALA A 11 4.43 2.04 3.99
CA ALA A 11 4.95 2.27 2.62
C ALA A 11 4.69 1.02 1.79
N PHE A 12 4.59 -0.09 2.43
CA PHE A 12 4.35 -1.35 1.71
C PHE A 12 2.93 -1.39 1.17
N MET A 13 1.96 -1.37 2.02
CA MET A 13 0.57 -1.37 1.52
C MET A 13 0.40 -0.08 0.72
N VAL A 14 1.30 0.84 0.92
CA VAL A 14 1.22 2.12 0.17
C VAL A 14 1.85 1.92 -1.19
N TRP A 15 2.98 1.32 -1.22
CA TRP A 15 3.67 1.11 -2.52
C TRP A 15 3.04 -0.11 -3.20
N ALA A 16 2.58 -1.01 -2.40
CA ALA A 16 1.98 -2.25 -2.92
C ALA A 16 0.60 -1.96 -3.53
N LYS A 17 -0.03 -0.90 -3.11
CA LYS A 17 -1.37 -0.57 -3.68
C LYS A 17 -1.19 -0.24 -5.16
N ASP A 18 -0.06 0.31 -5.50
CA ASP A 18 0.19 0.64 -6.91
C ASP A 18 0.91 -0.55 -7.52
N GLU A 19 1.68 -1.22 -6.73
CA GLU A 19 2.40 -2.42 -7.20
C GLU A 19 1.39 -3.53 -7.44
N ARG A 20 0.38 -3.60 -6.62
CA ARG A 20 -0.66 -4.64 -6.80
C ARG A 20 -1.52 -4.21 -7.96
N ARG A 21 -1.72 -2.93 -8.07
CA ARG A 21 -2.49 -2.41 -9.22
C ARG A 21 -1.61 -2.64 -10.44
N LYS A 22 -0.34 -2.43 -10.26
CA LYS A 22 0.63 -2.62 -11.37
C LYS A 22 0.80 -4.11 -11.64
N ILE A 23 0.51 -4.93 -10.67
CA ILE A 23 0.67 -6.40 -10.88
C ILE A 23 -0.68 -7.00 -11.26
N LEU A 24 -1.71 -6.63 -10.58
CA LEU A 24 -3.05 -7.16 -10.90
C LEU A 24 -3.32 -6.98 -12.37
N GLN A 25 -2.76 -5.95 -12.93
CA GLN A 25 -2.95 -5.70 -14.36
C GLN A 25 -2.32 -6.84 -15.10
N ALA A 26 -1.21 -7.24 -14.59
CA ALA A 26 -0.45 -8.36 -15.18
C ALA A 26 -1.06 -9.66 -14.67
N PHE A 27 -1.85 -9.59 -13.63
CA PHE A 27 -2.51 -10.79 -13.08
C PHE A 27 -3.85 -10.39 -12.48
N PRO A 28 -4.77 -10.06 -13.36
CA PRO A 28 -6.14 -9.65 -12.97
C PRO A 28 -6.90 -10.83 -12.38
N ASP A 29 -6.31 -11.99 -12.40
CA ASP A 29 -6.96 -13.17 -11.78
C ASP A 29 -6.42 -13.28 -10.37
N MET A 30 -5.16 -12.96 -10.23
CA MET A 30 -4.52 -12.98 -8.90
C MET A 30 -5.24 -11.96 -8.05
N HIS A 31 -6.26 -12.37 -7.38
CA HIS A 31 -7.06 -11.43 -6.58
C HIS A 31 -6.35 -11.08 -5.26
N ASN A 32 -6.92 -10.17 -4.52
CA ASN A 32 -6.33 -9.73 -3.23
C ASN A 32 -5.69 -10.89 -2.45
N SER A 33 -6.50 -11.73 -1.88
CA SER A 33 -5.96 -12.88 -1.07
C SER A 33 -4.67 -13.44 -1.70
N ASN A 34 -4.50 -13.32 -2.99
CA ASN A 34 -3.26 -13.85 -3.60
C ASN A 34 -2.25 -12.72 -3.84
N ILE A 35 -2.68 -11.65 -4.44
CA ILE A 35 -1.75 -10.52 -4.68
C ILE A 35 -1.12 -10.09 -3.35
N SER A 36 -1.83 -10.30 -2.28
CA SER A 36 -1.29 -9.92 -0.94
C SER A 36 0.08 -10.58 -0.73
N LYS A 37 0.16 -11.86 -0.97
CA LYS A 37 1.46 -12.56 -0.79
C LYS A 37 2.40 -12.06 -1.86
N ILE A 38 1.85 -11.61 -2.95
CA ILE A 38 2.68 -11.09 -4.06
C ILE A 38 3.30 -9.77 -3.62
N LEU A 39 2.46 -8.87 -3.18
CA LEU A 39 2.95 -7.55 -2.72
C LEU A 39 3.96 -7.74 -1.59
N GLY A 40 3.53 -8.35 -0.53
CA GLY A 40 4.43 -8.57 0.63
C GLY A 40 5.66 -9.34 0.19
N SER A 41 5.61 -9.91 -0.98
CA SER A 41 6.78 -10.65 -1.48
C SER A 41 7.48 -9.75 -2.48
N ARG A 42 6.77 -8.76 -2.93
CA ARG A 42 7.36 -7.81 -3.87
C ARG A 42 8.00 -6.73 -3.00
N TRP A 43 7.40 -6.51 -1.87
CA TRP A 43 7.91 -5.53 -0.90
C TRP A 43 9.26 -5.97 -0.37
N LYS A 44 9.30 -7.11 0.27
CA LYS A 44 10.60 -7.58 0.80
C LYS A 44 11.56 -7.72 -0.37
N ALA A 45 11.01 -7.75 -1.56
CA ALA A 45 11.83 -7.90 -2.77
C ALA A 45 12.26 -6.52 -3.31
N MET A 46 11.91 -5.46 -2.63
CA MET A 46 12.31 -4.11 -3.13
C MET A 46 13.76 -3.84 -2.72
N THR A 47 14.07 -2.67 -2.27
CA THR A 47 15.49 -2.39 -1.90
C THR A 47 15.60 -1.50 -0.67
N ASN A 48 14.59 -1.47 0.15
CA ASN A 48 14.65 -0.64 1.38
C ASN A 48 14.69 0.85 1.00
N LEU A 49 15.72 1.25 0.29
CA LEU A 49 15.84 2.68 -0.10
C LEU A 49 14.66 3.08 -0.99
N GLU A 50 14.20 2.18 -1.82
CA GLU A 50 13.06 2.52 -2.72
C GLU A 50 11.78 2.64 -1.89
N LYS A 51 11.80 2.14 -0.69
CA LYS A 51 10.58 2.22 0.18
C LYS A 51 10.58 3.56 0.92
N GLN A 52 11.65 4.31 0.82
CA GLN A 52 11.73 5.61 1.53
C GLN A 52 10.63 6.59 1.09
N PRO A 53 10.44 6.72 -0.21
CA PRO A 53 9.45 7.65 -0.75
C PRO A 53 8.04 7.11 -0.58
N TYR A 54 7.89 5.83 -0.48
CA TYR A 54 6.52 5.28 -0.26
C TYR A 54 6.22 5.38 1.22
N TYR A 55 7.15 5.88 1.98
CA TYR A 55 6.94 5.99 3.44
C TYR A 55 6.14 7.26 3.75
N GLU A 56 6.60 8.38 3.29
CA GLU A 56 5.86 9.65 3.55
C GLU A 56 4.45 9.54 3.01
N GLU A 57 4.26 8.82 1.94
CA GLU A 57 2.89 8.69 1.38
C GLU A 57 1.94 8.17 2.44
N GLN A 58 2.46 7.53 3.46
CA GLN A 58 1.58 7.02 4.53
C GLN A 58 1.32 8.15 5.52
N ALA A 59 2.37 8.77 5.94
CA ALA A 59 2.25 9.89 6.90
C ALA A 59 1.35 10.98 6.31
N ARG A 60 1.37 11.18 5.02
CA ARG A 60 0.50 12.24 4.43
C ARG A 60 -0.96 11.80 4.53
N LEU A 61 -1.26 10.61 4.08
CA LEU A 61 -2.65 10.12 4.15
C LEU A 61 -3.02 9.83 5.61
N SER A 62 -2.03 9.59 6.44
CA SER A 62 -2.32 9.34 7.87
C SER A 62 -2.60 10.67 8.56
N LYS A 63 -2.07 11.73 8.02
CA LYS A 63 -2.30 13.07 8.62
C LYS A 63 -3.77 13.44 8.44
N GLN A 64 -4.30 13.16 7.28
CA GLN A 64 -5.74 13.47 7.02
C GLN A 64 -6.60 12.60 7.93
N HIS A 65 -6.15 11.41 8.21
CA HIS A 65 -6.93 10.50 9.09
C HIS A 65 -7.22 11.21 10.42
N LEU A 66 -6.22 11.32 11.25
CA LEU A 66 -6.43 11.99 12.56
C LEU A 66 -7.13 13.33 12.32
N GLU A 67 -6.82 13.98 11.24
CA GLU A 67 -7.46 15.28 10.94
C GLU A 67 -8.95 15.08 10.67
N LYS A 68 -9.37 13.85 10.56
CA LYS A 68 -10.81 13.58 10.28
C LYS A 68 -11.56 13.20 11.56
N TYR A 69 -10.93 12.51 12.47
CA TYR A 69 -11.65 12.10 13.71
C TYR A 69 -11.11 12.84 14.95
N PRO A 70 -9.89 12.56 15.34
CA PRO A 70 -9.29 13.20 16.53
C PRO A 70 -8.92 14.65 16.25
N ASP A 71 -7.97 14.85 15.39
CA ASP A 71 -7.53 16.22 15.06
C ASP A 71 -8.57 16.88 14.17
N TYR A 72 -9.76 17.03 14.66
CA TYR A 72 -10.84 17.65 13.85
C TYR A 72 -10.40 19.06 13.45
N PRO A 3 -15.33 5.76 -2.04
CA PRO A 3 -14.03 5.05 -2.29
C PRO A 3 -12.87 6.05 -2.15
N HIS A 4 -13.01 6.98 -1.26
CA HIS A 4 -11.94 7.99 -1.05
C HIS A 4 -11.36 7.81 0.36
N ILE A 5 -11.00 6.61 0.70
CA ILE A 5 -10.44 6.35 2.06
C ILE A 5 -8.92 6.15 1.98
N LYS A 6 -8.20 7.20 1.72
CA LYS A 6 -6.72 7.08 1.65
C LYS A 6 -6.15 7.03 3.06
N ARG A 7 -6.17 5.87 3.68
CA ARG A 7 -5.65 5.75 5.07
C ARG A 7 -4.12 5.52 5.07
N PRO A 8 -3.43 6.25 5.91
CA PRO A 8 -1.97 6.15 6.06
C PRO A 8 -1.63 4.96 6.94
N MET A 9 -1.54 3.80 6.36
CA MET A 9 -1.22 2.60 7.13
C MET A 9 0.27 2.34 7.05
N ASN A 10 0.81 2.41 5.86
CA ASN A 10 2.26 2.14 5.72
C ASN A 10 2.71 2.30 4.27
N ALA A 11 3.99 2.31 4.07
CA ALA A 11 4.56 2.44 2.71
C ALA A 11 4.22 1.18 1.92
N PHE A 12 4.02 0.11 2.61
CA PHE A 12 3.70 -1.18 1.97
C PHE A 12 2.36 -1.14 1.27
N MET A 13 1.30 -0.95 2.00
CA MET A 13 -0.02 -0.88 1.34
C MET A 13 -0.01 0.33 0.42
N VAL A 14 0.95 1.21 0.63
CA VAL A 14 1.06 2.40 -0.22
C VAL A 14 1.79 2.04 -1.47
N TRP A 15 2.88 1.35 -1.32
CA TRP A 15 3.67 0.96 -2.50
C TRP A 15 3.02 -0.27 -3.13
N ALA A 16 2.49 -1.12 -2.32
CA ALA A 16 1.84 -2.36 -2.80
C ALA A 16 0.51 -2.01 -3.49
N LYS A 17 -0.10 -0.91 -3.14
CA LYS A 17 -1.38 -0.56 -3.78
C LYS A 17 -1.10 -0.23 -5.24
N ASP A 18 0.09 0.19 -5.52
CA ASP A 18 0.47 0.50 -6.91
C ASP A 18 1.16 -0.74 -7.48
N GLU A 19 1.86 -1.42 -6.62
CA GLU A 19 2.56 -2.66 -7.03
C GLU A 19 1.51 -3.74 -7.31
N ARG A 20 0.48 -3.79 -6.52
CA ARG A 20 -0.60 -4.79 -6.75
C ARG A 20 -1.43 -4.29 -7.92
N ARG A 21 -1.60 -3.01 -7.99
CA ARG A 21 -2.34 -2.43 -9.12
C ARG A 21 -1.50 -2.63 -10.37
N LYS A 22 -0.22 -2.49 -10.19
CA LYS A 22 0.72 -2.66 -11.33
C LYS A 22 0.82 -4.13 -11.69
N ILE A 23 0.53 -5.00 -10.77
CA ILE A 23 0.60 -6.46 -11.05
C ILE A 23 -0.80 -6.96 -11.41
N LEU A 24 -1.78 -6.51 -10.69
CA LEU A 24 -3.16 -6.94 -10.96
C LEU A 24 -3.44 -6.76 -12.43
N GLN A 25 -2.83 -5.78 -13.00
CA GLN A 25 -3.02 -5.53 -14.45
C GLN A 25 -2.44 -6.72 -15.16
N ALA A 26 -1.35 -7.17 -14.65
CA ALA A 26 -0.66 -8.36 -15.21
C ALA A 26 -1.34 -9.62 -14.65
N PHE A 27 -2.09 -9.46 -13.60
CA PHE A 27 -2.80 -10.62 -12.99
C PHE A 27 -4.11 -10.11 -12.39
N PRO A 28 -5.02 -9.77 -13.28
CA PRO A 28 -6.36 -9.27 -12.90
C PRO A 28 -7.20 -10.37 -12.25
N ASP A 29 -6.67 -11.55 -12.14
CA ASP A 29 -7.40 -12.65 -11.48
C ASP A 29 -6.77 -12.83 -10.10
N MET A 30 -5.50 -12.56 -10.00
CA MET A 30 -4.80 -12.65 -8.71
C MET A 30 -5.44 -11.64 -7.78
N HIS A 31 -6.43 -12.05 -7.08
CA HIS A 31 -7.14 -11.10 -6.19
C HIS A 31 -6.28 -10.77 -4.96
N ASN A 32 -6.63 -9.70 -4.28
CA ASN A 32 -5.87 -9.25 -3.08
C ASN A 32 -5.32 -10.44 -2.29
N SER A 33 -6.17 -11.17 -1.62
CA SER A 33 -5.70 -12.33 -0.78
C SER A 33 -4.51 -13.02 -1.45
N ASN A 34 -4.43 -13.01 -2.75
CA ASN A 34 -3.27 -13.67 -3.42
C ASN A 34 -2.20 -12.62 -3.71
N ILE A 35 -2.57 -11.54 -4.34
CA ILE A 35 -1.57 -10.48 -4.63
C ILE A 35 -0.92 -10.09 -3.31
N SER A 36 -1.59 -10.34 -2.22
CA SER A 36 -1.04 -10.00 -0.88
C SER A 36 0.33 -10.67 -0.72
N LYS A 37 0.42 -11.93 -1.00
CA LYS A 37 1.72 -12.63 -0.84
C LYS A 37 2.63 -12.14 -1.96
N ILE A 38 2.04 -11.64 -3.02
CA ILE A 38 2.85 -11.11 -4.13
C ILE A 38 3.46 -9.80 -3.66
N LEU A 39 2.63 -8.93 -3.16
CA LEU A 39 3.12 -7.62 -2.65
C LEU A 39 4.10 -7.88 -1.51
N GLY A 40 3.66 -8.62 -0.53
CA GLY A 40 4.54 -8.92 0.64
C GLY A 40 5.79 -9.63 0.13
N SER A 41 5.76 -10.08 -1.09
CA SER A 41 6.94 -10.76 -1.66
C SER A 41 7.61 -9.78 -2.60
N ARG A 42 6.89 -8.77 -2.98
CA ARG A 42 7.46 -7.76 -3.86
C ARG A 42 8.09 -6.73 -2.94
N TRP A 43 7.47 -6.57 -1.81
CA TRP A 43 7.95 -5.64 -0.77
C TRP A 43 9.28 -6.14 -0.22
N LYS A 44 9.29 -7.31 0.36
CA LYS A 44 10.56 -7.82 0.90
C LYS A 44 11.56 -7.83 -0.25
N ALA A 45 11.04 -7.83 -1.43
CA ALA A 45 11.88 -7.86 -2.63
C ALA A 45 12.23 -6.44 -3.09
N MET A 46 12.14 -5.46 -2.22
CA MET A 46 12.49 -4.08 -2.63
C MET A 46 13.93 -3.82 -2.21
N THR A 47 14.20 -2.74 -1.53
CA THR A 47 15.61 -2.47 -1.14
C THR A 47 15.69 -1.86 0.26
N ASN A 48 14.64 -1.95 1.02
CA ASN A 48 14.66 -1.38 2.39
C ASN A 48 14.77 0.15 2.29
N LEU A 49 15.83 0.62 1.70
CA LEU A 49 16.02 2.09 1.56
C LEU A 49 15.07 2.62 0.48
N GLU A 50 14.38 1.76 -0.21
CA GLU A 50 13.45 2.25 -1.26
C GLU A 50 12.12 2.64 -0.62
N LYS A 51 11.99 2.43 0.67
CA LYS A 51 10.72 2.77 1.37
C LYS A 51 10.69 4.26 1.75
N GLN A 52 11.80 4.94 1.65
CA GLN A 52 11.84 6.39 2.04
C GLN A 52 10.64 7.15 1.46
N PRO A 53 10.44 7.01 0.17
CA PRO A 53 9.36 7.71 -0.55
C PRO A 53 7.99 7.10 -0.26
N TYR A 54 7.85 5.80 -0.39
CA TYR A 54 6.53 5.18 -0.11
C TYR A 54 6.22 5.39 1.36
N TYR A 55 7.19 5.82 2.12
CA TYR A 55 6.95 6.06 3.56
C TYR A 55 6.30 7.43 3.72
N GLU A 56 7.00 8.46 3.37
CA GLU A 56 6.42 9.81 3.48
C GLU A 56 5.26 9.92 2.50
N GLU A 57 5.25 9.09 1.49
CA GLU A 57 4.14 9.13 0.51
C GLU A 57 2.85 8.72 1.22
N GLN A 58 2.96 8.05 2.33
CA GLN A 58 1.75 7.65 3.07
C GLN A 58 1.29 8.83 3.92
N ALA A 59 2.23 9.49 4.52
CA ALA A 59 1.89 10.68 5.33
C ALA A 59 1.41 11.78 4.38
N ARG A 60 1.88 11.75 3.16
CA ARG A 60 1.47 12.79 2.17
C ARG A 60 0.00 12.58 1.82
N LEU A 61 -0.32 11.44 1.28
CA LEU A 61 -1.73 11.16 0.90
C LEU A 61 -2.64 11.38 2.10
N SER A 62 -2.09 11.42 3.29
CA SER A 62 -2.94 11.66 4.49
C SER A 62 -3.30 13.14 4.53
N LYS A 63 -2.38 13.97 4.16
CA LYS A 63 -2.62 15.43 4.15
C LYS A 63 -3.65 15.77 3.05
N GLN A 64 -3.37 15.38 1.84
CA GLN A 64 -4.31 15.67 0.72
C GLN A 64 -5.62 14.92 0.94
N HIS A 65 -5.59 13.82 1.63
CA HIS A 65 -6.83 13.05 1.87
C HIS A 65 -7.88 13.92 2.54
N LEU A 66 -7.61 14.33 3.74
CA LEU A 66 -8.60 15.18 4.48
C LEU A 66 -8.91 16.45 3.71
N GLU A 67 -7.91 17.19 3.35
CA GLU A 67 -8.16 18.44 2.60
C GLU A 67 -8.99 18.11 1.36
N LYS A 68 -8.93 16.89 0.96
CA LYS A 68 -9.69 16.45 -0.26
C LYS A 68 -11.14 16.14 0.12
N TYR A 69 -11.34 15.26 1.05
CA TYR A 69 -12.73 14.91 1.44
C TYR A 69 -12.89 15.02 2.96
N PRO A 70 -13.22 16.20 3.41
CA PRO A 70 -13.43 16.47 4.83
C PRO A 70 -14.81 15.97 5.25
N ASP A 71 -15.81 16.77 5.04
CA ASP A 71 -17.18 16.36 5.39
C ASP A 71 -17.80 15.62 4.20
N TYR A 72 -18.66 16.27 3.49
CA TYR A 72 -19.29 15.62 2.31
C TYR A 72 -18.22 15.23 1.30
N PRO A 3 -15.30 -4.29 7.79
CA PRO A 3 -16.26 -3.49 6.97
C PRO A 3 -15.49 -2.41 6.20
N HIS A 4 -14.99 -1.43 6.89
CA HIS A 4 -14.23 -0.34 6.21
C HIS A 4 -13.07 0.09 7.10
N ILE A 5 -12.31 -0.85 7.59
CA ILE A 5 -11.16 -0.49 8.47
C ILE A 5 -9.88 -0.43 7.63
N LYS A 6 -9.78 0.54 6.77
CA LYS A 6 -8.56 0.67 5.92
C LYS A 6 -7.54 1.54 6.64
N ARG A 7 -7.35 1.30 7.91
CA ARG A 7 -6.37 2.10 8.69
C ARG A 7 -4.96 1.47 8.71
N PRO A 8 -4.86 0.15 8.61
CA PRO A 8 -3.55 -0.52 8.64
C PRO A 8 -2.84 -0.38 7.29
N MET A 9 -2.46 0.81 6.92
CA MET A 9 -1.76 1.02 5.66
C MET A 9 -0.29 1.29 5.97
N ASN A 10 0.52 1.43 5.00
CA ASN A 10 1.95 1.69 5.28
C ASN A 10 2.69 1.78 3.95
N ALA A 11 3.94 2.09 3.97
CA ALA A 11 4.69 2.21 2.70
C ALA A 11 4.47 0.95 1.90
N PHE A 12 4.30 -0.14 2.57
CA PHE A 12 4.08 -1.41 1.86
C PHE A 12 2.70 -1.43 1.23
N MET A 13 1.67 -1.37 2.02
CA MET A 13 0.31 -1.35 1.43
C MET A 13 0.21 -0.08 0.59
N VAL A 14 1.12 0.83 0.83
CA VAL A 14 1.11 2.10 0.07
C VAL A 14 1.81 1.86 -1.26
N TRP A 15 2.93 1.23 -1.20
CA TRP A 15 3.68 0.97 -2.45
C TRP A 15 3.06 -0.24 -3.13
N ALA A 16 2.58 -1.14 -2.35
CA ALA A 16 1.96 -2.36 -2.88
C ALA A 16 0.59 -2.02 -3.49
N LYS A 17 0.03 -0.89 -3.13
CA LYS A 17 -1.28 -0.52 -3.71
C LYS A 17 -1.06 -0.23 -5.18
N ASP A 18 0.12 0.22 -5.48
CA ASP A 18 0.47 0.49 -6.89
C ASP A 18 1.03 -0.78 -7.47
N GLU A 19 1.87 -1.44 -6.72
CA GLU A 19 2.43 -2.72 -7.18
C GLU A 19 1.26 -3.67 -7.44
N ARG A 20 0.21 -3.52 -6.66
CA ARG A 20 -1.00 -4.34 -6.83
C ARG A 20 -1.59 -3.95 -8.15
N ARG A 21 -1.64 -2.67 -8.38
CA ARG A 21 -2.19 -2.15 -9.63
C ARG A 21 -1.23 -2.54 -10.76
N LYS A 22 0.03 -2.51 -10.45
CA LYS A 22 1.05 -2.86 -11.48
C LYS A 22 1.01 -4.36 -11.72
N ILE A 23 0.58 -5.10 -10.75
CA ILE A 23 0.53 -6.57 -10.90
C ILE A 23 -0.87 -7.00 -11.30
N LEU A 24 -1.87 -6.48 -10.65
CA LEU A 24 -3.26 -6.85 -10.99
C LEU A 24 -3.45 -6.70 -12.49
N GLN A 25 -2.74 -5.78 -13.05
CA GLN A 25 -2.85 -5.57 -14.51
C GLN A 25 -2.32 -6.83 -15.16
N ALA A 26 -1.31 -7.34 -14.56
CA ALA A 26 -0.67 -8.58 -15.03
C ALA A 26 -1.46 -9.78 -14.49
N PHE A 27 -2.29 -9.55 -13.50
CA PHE A 27 -3.09 -10.64 -12.92
C PHE A 27 -4.38 -10.05 -12.33
N PRO A 28 -5.28 -9.72 -13.21
CA PRO A 28 -6.59 -9.13 -12.85
C PRO A 28 -7.45 -10.15 -12.09
N ASP A 29 -7.01 -11.36 -11.99
CA ASP A 29 -7.78 -12.38 -11.24
C ASP A 29 -7.09 -12.55 -9.89
N MET A 30 -5.81 -12.38 -9.87
CA MET A 30 -5.06 -12.48 -8.60
C MET A 30 -5.56 -11.38 -7.69
N HIS A 31 -6.56 -11.67 -6.94
CA HIS A 31 -7.14 -10.64 -6.07
C HIS A 31 -6.27 -10.42 -4.82
N ASN A 32 -6.82 -9.78 -3.82
CA ASN A 32 -6.05 -9.48 -2.59
C ASN A 32 -5.53 -10.78 -1.93
N SER A 33 -6.41 -11.66 -1.57
CA SER A 33 -5.97 -12.92 -0.90
C SER A 33 -4.72 -13.48 -1.60
N ASN A 34 -4.50 -13.16 -2.85
CA ASN A 34 -3.30 -13.70 -3.53
C ASN A 34 -2.26 -12.60 -3.74
N ILE A 35 -2.64 -11.49 -4.30
CA ILE A 35 -1.66 -10.40 -4.51
C ILE A 35 -0.95 -10.11 -3.19
N SER A 36 -1.56 -10.46 -2.10
CA SER A 36 -0.94 -10.22 -0.77
C SER A 36 0.44 -10.87 -0.70
N LYS A 37 0.56 -12.11 -1.09
CA LYS A 37 1.89 -12.75 -1.03
C LYS A 37 2.73 -12.15 -2.13
N ILE A 38 2.09 -11.65 -3.15
CA ILE A 38 2.84 -11.04 -4.26
C ILE A 38 3.40 -9.69 -3.79
N LEU A 39 2.54 -8.88 -3.26
CA LEU A 39 2.96 -7.56 -2.75
C LEU A 39 3.97 -7.75 -1.62
N GLY A 40 3.54 -8.41 -0.57
CA GLY A 40 4.42 -8.63 0.61
C GLY A 40 5.68 -9.37 0.18
N SER A 41 5.68 -9.91 -1.00
CA SER A 41 6.89 -10.62 -1.47
C SER A 41 7.58 -9.69 -2.44
N ARG A 42 6.86 -8.72 -2.90
CA ARG A 42 7.43 -7.73 -3.81
C ARG A 42 7.99 -6.64 -2.92
N TRP A 43 7.40 -6.52 -1.76
CA TRP A 43 7.82 -5.52 -0.76
C TRP A 43 9.17 -5.92 -0.17
N LYS A 44 9.24 -7.04 0.48
CA LYS A 44 10.53 -7.46 1.09
C LYS A 44 11.55 -7.58 -0.04
N ALA A 45 11.06 -7.61 -1.25
CA ALA A 45 11.95 -7.75 -2.41
C ALA A 45 12.46 -6.36 -2.84
N MET A 46 12.21 -5.34 -2.05
CA MET A 46 12.69 -3.99 -2.42
C MET A 46 14.08 -3.76 -1.83
N THR A 47 14.34 -2.62 -1.26
CA THR A 47 15.70 -2.37 -0.70
C THR A 47 15.64 -1.51 0.56
N ASN A 48 14.54 -1.54 1.25
CA ASN A 48 14.41 -0.71 2.49
C ASN A 48 14.46 0.77 2.14
N LEU A 49 15.54 1.22 1.56
CA LEU A 49 15.65 2.67 1.21
C LEU A 49 14.53 3.05 0.26
N GLU A 50 14.18 2.18 -0.65
CA GLU A 50 13.08 2.50 -1.61
C GLU A 50 11.74 2.52 -0.86
N LYS A 51 11.73 2.02 0.35
CA LYS A 51 10.46 2.02 1.14
C LYS A 51 10.29 3.36 1.86
N GLN A 52 11.35 4.11 2.00
CA GLN A 52 11.26 5.43 2.70
C GLN A 52 10.28 6.39 2.02
N PRO A 53 10.29 6.45 0.72
CA PRO A 53 9.40 7.36 -0.03
C PRO A 53 7.97 6.86 -0.03
N TYR A 54 7.78 5.57 -0.14
CA TYR A 54 6.40 5.06 -0.10
C TYR A 54 5.88 5.21 1.33
N TYR A 55 6.75 5.57 2.22
CA TYR A 55 6.34 5.75 3.63
C TYR A 55 5.65 7.09 3.79
N GLU A 56 6.36 8.16 3.61
CA GLU A 56 5.74 9.50 3.73
C GLU A 56 4.51 9.53 2.84
N GLU A 57 4.52 8.77 1.78
CA GLU A 57 3.34 8.75 0.89
C GLU A 57 2.18 8.08 1.61
N GLN A 58 2.46 7.39 2.68
CA GLN A 58 1.38 6.73 3.44
C GLN A 58 0.68 7.79 4.29
N ALA A 59 1.45 8.52 5.03
CA ALA A 59 0.89 9.58 5.90
C ALA A 59 -0.07 10.47 5.11
N ARG A 60 0.22 10.74 3.86
CA ARG A 60 -0.73 11.59 3.08
C ARG A 60 -1.99 10.80 2.80
N LEU A 61 -1.86 9.67 2.16
CA LEU A 61 -3.05 8.84 1.87
C LEU A 61 -3.67 8.35 3.18
N SER A 62 -2.95 8.45 4.25
CA SER A 62 -3.52 8.01 5.56
C SER A 62 -4.44 9.11 6.06
N LYS A 63 -4.03 10.33 5.89
CA LYS A 63 -4.88 11.47 6.33
C LYS A 63 -6.16 11.46 5.48
N GLN A 64 -6.04 11.06 4.25
CA GLN A 64 -7.24 11.01 3.36
C GLN A 64 -8.15 9.88 3.85
N HIS A 65 -7.57 8.77 4.24
CA HIS A 65 -8.40 7.64 4.74
C HIS A 65 -9.44 8.19 5.71
N LEU A 66 -8.98 8.70 6.82
CA LEU A 66 -9.93 9.27 7.81
C LEU A 66 -10.88 10.24 7.10
N GLU A 67 -10.37 10.99 6.16
CA GLU A 67 -11.23 11.94 5.41
C GLU A 67 -12.30 11.17 4.64
N LYS A 68 -12.16 9.87 4.54
CA LYS A 68 -13.16 9.07 3.80
C LYS A 68 -14.38 8.81 4.69
N TYR A 69 -14.15 8.35 5.88
CA TYR A 69 -15.30 8.08 6.80
C TYR A 69 -15.01 8.61 8.20
N PRO A 70 -14.87 9.90 8.29
CA PRO A 70 -14.61 10.59 9.56
C PRO A 70 -15.91 10.71 10.37
N ASP A 71 -16.84 11.43 9.83
CA ASP A 71 -18.14 11.61 10.53
C ASP A 71 -19.09 10.48 10.14
N TYR A 72 -18.57 9.37 9.70
CA TYR A 72 -19.44 8.24 9.29
C TYR A 72 -20.15 7.68 10.53
N PRO A 3 -16.05 2.65 9.30
CA PRO A 3 -15.65 1.32 8.76
C PRO A 3 -14.38 0.82 9.47
N HIS A 4 -13.47 1.71 9.78
CA HIS A 4 -12.23 1.29 10.47
C HIS A 4 -11.39 0.43 9.52
N ILE A 5 -10.98 0.98 8.41
CA ILE A 5 -10.17 0.21 7.44
C ILE A 5 -8.80 0.88 7.28
N LYS A 6 -7.86 0.51 8.11
CA LYS A 6 -6.51 1.12 8.03
C LYS A 6 -5.77 0.58 6.81
N ARG A 7 -6.13 1.04 5.64
CA ARG A 7 -5.43 0.55 4.41
C ARG A 7 -3.98 1.03 4.41
N PRO A 8 -3.81 2.32 4.61
CA PRO A 8 -2.47 2.94 4.63
C PRO A 8 -1.81 2.71 6.00
N MET A 9 -1.43 1.50 6.28
CA MET A 9 -0.78 1.20 7.58
C MET A 9 0.72 1.38 7.45
N ASN A 10 1.25 1.13 6.29
CA ASN A 10 2.72 1.26 6.10
C ASN A 10 3.01 1.63 4.65
N ALA A 11 4.24 1.92 4.36
CA ALA A 11 4.63 2.28 2.98
C ALA A 11 4.38 1.08 2.08
N PHE A 12 4.26 -0.07 2.67
CA PHE A 12 4.04 -1.30 1.89
C PHE A 12 2.65 -1.29 1.28
N MET A 13 1.62 -1.31 2.07
CA MET A 13 0.27 -1.25 1.48
C MET A 13 0.19 0.03 0.66
N VAL A 14 1.10 0.94 0.92
CA VAL A 14 1.11 2.22 0.17
C VAL A 14 1.82 1.99 -1.15
N TRP A 15 2.94 1.37 -1.09
CA TRP A 15 3.71 1.13 -2.32
C TRP A 15 3.11 -0.08 -3.05
N ALA A 16 2.59 -0.99 -2.30
CA ALA A 16 1.99 -2.22 -2.86
C ALA A 16 0.63 -1.92 -3.51
N LYS A 17 -0.02 -0.85 -3.14
CA LYS A 17 -1.35 -0.56 -3.74
C LYS A 17 -1.15 -0.26 -5.22
N ASP A 18 -0.02 0.28 -5.56
CA ASP A 18 0.26 0.57 -6.99
C ASP A 18 0.96 -0.64 -7.56
N GLU A 19 1.76 -1.27 -6.75
CA GLU A 19 2.48 -2.49 -7.19
C GLU A 19 1.45 -3.59 -7.44
N ARG A 20 0.41 -3.61 -6.66
CA ARG A 20 -0.65 -4.62 -6.85
C ARG A 20 -1.47 -4.18 -8.04
N ARG A 21 -1.67 -2.90 -8.17
CA ARG A 21 -2.42 -2.40 -9.33
C ARG A 21 -1.54 -2.66 -10.55
N LYS A 22 -0.26 -2.50 -10.37
CA LYS A 22 0.69 -2.74 -11.48
C LYS A 22 0.78 -4.23 -11.75
N ILE A 23 0.43 -5.04 -10.78
CA ILE A 23 0.50 -6.51 -10.99
C ILE A 23 -0.90 -7.03 -11.36
N LEU A 24 -1.89 -6.56 -10.68
CA LEU A 24 -3.26 -7.01 -11.00
C LEU A 24 -3.51 -6.87 -12.48
N GLN A 25 -2.87 -5.91 -13.07
CA GLN A 25 -3.02 -5.71 -14.52
C GLN A 25 -2.39 -6.91 -15.19
N ALA A 26 -1.34 -7.34 -14.59
CA ALA A 26 -0.60 -8.53 -15.08
C ALA A 26 -1.30 -9.78 -14.53
N PHE A 27 -2.15 -9.60 -13.56
CA PHE A 27 -2.88 -10.75 -12.97
C PHE A 27 -4.20 -10.24 -12.39
N PRO A 28 -5.11 -9.94 -13.28
CA PRO A 28 -6.46 -9.43 -12.92
C PRO A 28 -7.29 -10.54 -12.25
N ASP A 29 -6.75 -11.71 -12.12
CA ASP A 29 -7.48 -12.80 -11.43
C ASP A 29 -6.86 -12.95 -10.05
N MET A 30 -5.62 -12.56 -9.93
CA MET A 30 -4.91 -12.62 -8.63
C MET A 30 -5.65 -11.72 -7.68
N HIS A 31 -6.55 -12.28 -6.95
CA HIS A 31 -7.35 -11.46 -6.03
C HIS A 31 -6.55 -11.11 -4.78
N ASN A 32 -7.17 -10.42 -3.85
CA ASN A 32 -6.47 -9.99 -2.61
C ASN A 32 -5.65 -11.14 -2.00
N SER A 33 -6.32 -12.15 -1.52
CA SER A 33 -5.61 -13.31 -0.89
C SER A 33 -4.36 -13.72 -1.68
N ASN A 34 -4.25 -13.37 -2.93
CA ASN A 34 -3.03 -13.79 -3.70
C ASN A 34 -2.08 -12.61 -3.90
N ILE A 35 -2.55 -11.54 -4.49
CA ILE A 35 -1.65 -10.38 -4.70
C ILE A 35 -1.00 -10.00 -3.37
N SER A 36 -1.68 -10.26 -2.29
CA SER A 36 -1.12 -9.92 -0.96
C SER A 36 0.24 -10.60 -0.77
N LYS A 37 0.31 -11.88 -1.00
CA LYS A 37 1.61 -12.57 -0.84
C LYS A 37 2.54 -12.03 -1.90
N ILE A 38 1.97 -11.60 -2.99
CA ILE A 38 2.78 -11.03 -4.08
C ILE A 38 3.37 -9.71 -3.59
N LEU A 39 2.52 -8.77 -3.29
CA LEU A 39 2.99 -7.47 -2.78
C LEU A 39 4.00 -7.69 -1.68
N GLY A 40 3.56 -8.33 -0.63
CA GLY A 40 4.47 -8.61 0.51
C GLY A 40 5.67 -9.43 0.02
N SER A 41 5.65 -9.88 -1.21
CA SER A 41 6.78 -10.64 -1.73
C SER A 41 7.58 -9.69 -2.60
N ARG A 42 6.96 -8.61 -3.01
CA ARG A 42 7.69 -7.63 -3.82
C ARG A 42 8.31 -6.67 -2.85
N TRP A 43 7.62 -6.46 -1.76
CA TRP A 43 8.11 -5.57 -0.70
C TRP A 43 9.37 -6.16 -0.07
N LYS A 44 9.27 -7.36 0.41
CA LYS A 44 10.48 -7.99 1.00
C LYS A 44 11.52 -8.04 -0.10
N ALA A 45 11.05 -8.04 -1.32
CA ALA A 45 11.94 -8.09 -2.48
C ALA A 45 12.30 -6.66 -2.91
N MET A 46 11.91 -5.68 -2.14
CA MET A 46 12.21 -4.27 -2.50
C MET A 46 13.63 -3.91 -2.06
N THR A 47 13.95 -2.65 -2.15
CA THR A 47 15.29 -2.21 -1.72
C THR A 47 15.09 -1.12 -0.68
N ASN A 48 15.17 -1.49 0.56
CA ASN A 48 14.97 -0.52 1.69
C ASN A 48 15.21 0.93 1.27
N LEU A 49 16.25 1.19 0.53
CA LEU A 49 16.55 2.60 0.10
C LEU A 49 15.48 3.10 -0.89
N GLU A 50 14.74 2.22 -1.50
CA GLU A 50 13.71 2.64 -2.48
C GLU A 50 12.40 3.02 -1.78
N LYS A 51 12.17 2.53 -0.58
CA LYS A 51 10.89 2.87 0.12
C LYS A 51 10.96 4.28 0.75
N GLN A 52 11.84 5.12 0.30
CA GLN A 52 11.93 6.48 0.89
C GLN A 52 10.60 7.25 0.70
N PRO A 53 10.12 7.25 -0.52
CA PRO A 53 8.89 7.99 -0.88
C PRO A 53 7.62 7.26 -0.43
N TYR A 54 7.57 5.96 -0.58
CA TYR A 54 6.36 5.24 -0.13
C TYR A 54 6.26 5.39 1.37
N TYR A 55 7.30 5.88 1.98
CA TYR A 55 7.24 6.05 3.45
C TYR A 55 6.53 7.37 3.76
N GLU A 56 7.02 8.45 3.23
CA GLU A 56 6.38 9.76 3.48
C GLU A 56 5.02 9.84 2.77
N GLU A 57 4.90 9.25 1.61
CA GLU A 57 3.61 9.33 0.88
C GLU A 57 2.52 8.66 1.72
N GLN A 58 2.92 7.83 2.66
CA GLN A 58 1.93 7.18 3.53
C GLN A 58 1.59 8.12 4.67
N ALA A 59 2.60 8.65 5.29
CA ALA A 59 2.39 9.58 6.40
C ALA A 59 1.48 10.72 5.95
N ARG A 60 1.54 11.11 4.71
CA ARG A 60 0.66 12.21 4.23
C ARG A 60 -0.78 11.70 4.21
N LEU A 61 -1.03 10.69 3.43
CA LEU A 61 -2.40 10.13 3.37
C LEU A 61 -2.79 9.57 4.75
N SER A 62 -1.85 9.45 5.64
CA SER A 62 -2.17 8.94 7.00
C SER A 62 -2.83 10.05 7.79
N LYS A 63 -2.37 11.25 7.60
CA LYS A 63 -2.97 12.41 8.32
C LYS A 63 -4.43 12.54 7.89
N GLN A 64 -4.69 12.41 6.62
CA GLN A 64 -6.09 12.51 6.13
C GLN A 64 -6.89 11.29 6.59
N HIS A 65 -6.21 10.24 6.97
CA HIS A 65 -6.94 9.02 7.43
C HIS A 65 -7.61 9.28 8.78
N LEU A 66 -6.83 9.49 9.80
CA LEU A 66 -7.40 9.72 11.15
C LEU A 66 -8.48 10.80 11.09
N GLU A 67 -8.25 11.83 10.34
CA GLU A 67 -9.28 12.90 10.24
C GLU A 67 -10.60 12.25 9.83
N LYS A 68 -10.51 11.13 9.21
CA LYS A 68 -11.73 10.40 8.74
C LYS A 68 -12.48 9.80 9.92
N TYR A 69 -11.86 8.93 10.68
CA TYR A 69 -12.59 8.31 11.83
C TYR A 69 -11.95 8.68 13.16
N PRO A 70 -12.21 9.88 13.61
CA PRO A 70 -11.71 10.39 14.90
C PRO A 70 -12.55 9.79 16.03
N ASP A 71 -13.76 10.25 16.16
CA ASP A 71 -14.65 9.73 17.23
C ASP A 71 -15.37 8.48 16.72
N TYR A 72 -14.61 7.48 16.32
CA TYR A 72 -15.24 6.24 15.79
C TYR A 72 -16.11 5.58 16.86
N PRO A 3 -5.69 4.72 20.39
CA PRO A 3 -7.17 4.55 20.57
C PRO A 3 -7.85 4.67 19.21
N HIS A 4 -7.86 5.84 18.63
CA HIS A 4 -8.54 6.01 17.31
C HIS A 4 -7.46 6.18 16.22
N ILE A 5 -6.50 5.30 16.20
CA ILE A 5 -5.43 5.41 15.18
C ILE A 5 -5.54 4.24 14.19
N LYS A 6 -6.61 4.17 13.45
CA LYS A 6 -6.78 3.06 12.48
C LYS A 6 -5.97 3.34 11.21
N ARG A 7 -4.67 3.22 11.28
CA ARG A 7 -3.83 3.48 10.07
C ARG A 7 -3.07 2.20 9.67
N PRO A 8 -3.79 1.26 9.10
CA PRO A 8 -3.19 -0.01 8.65
C PRO A 8 -2.52 0.13 7.28
N MET A 9 -2.05 1.30 6.98
CA MET A 9 -1.36 1.52 5.69
C MET A 9 0.12 1.68 5.98
N ASN A 10 0.90 1.83 4.97
CA ASN A 10 2.35 1.99 5.21
C ASN A 10 3.02 2.11 3.85
N ALA A 11 4.29 2.36 3.81
CA ALA A 11 4.97 2.51 2.50
C ALA A 11 4.71 1.25 1.70
N PHE A 12 4.63 0.15 2.37
CA PHE A 12 4.37 -1.13 1.70
C PHE A 12 2.95 -1.18 1.17
N MET A 13 1.98 -1.10 2.03
CA MET A 13 0.58 -1.11 1.55
C MET A 13 0.41 0.13 0.68
N VAL A 14 1.32 1.06 0.81
CA VAL A 14 1.26 2.29 0.01
C VAL A 14 1.87 2.01 -1.35
N TRP A 15 2.99 1.37 -1.35
CA TRP A 15 3.65 1.08 -2.64
C TRP A 15 2.99 -0.15 -3.25
N ALA A 16 2.55 -1.04 -2.41
CA ALA A 16 1.91 -2.29 -2.88
C ALA A 16 0.52 -2.02 -3.44
N LYS A 17 -0.15 -0.99 -3.00
CA LYS A 17 -1.51 -0.73 -3.53
C LYS A 17 -1.39 -0.36 -5.01
N ASP A 18 -0.28 0.19 -5.37
CA ASP A 18 -0.06 0.55 -6.78
C ASP A 18 0.69 -0.61 -7.42
N GLU A 19 1.50 -1.25 -6.64
CA GLU A 19 2.26 -2.40 -7.15
C GLU A 19 1.29 -3.56 -7.42
N ARG A 20 0.30 -3.71 -6.58
CA ARG A 20 -0.69 -4.79 -6.83
C ARG A 20 -1.58 -4.33 -7.97
N ARG A 21 -1.87 -3.07 -8.03
CA ARG A 21 -2.66 -2.56 -9.14
C ARG A 21 -1.77 -2.68 -10.37
N LYS A 22 -0.50 -2.42 -10.18
CA LYS A 22 0.46 -2.52 -11.29
C LYS A 22 0.69 -3.99 -11.64
N ILE A 23 0.42 -4.87 -10.72
CA ILE A 23 0.63 -6.31 -10.99
C ILE A 23 -0.70 -6.95 -11.42
N LEU A 24 -1.74 -6.66 -10.72
CA LEU A 24 -3.05 -7.23 -11.08
C LEU A 24 -3.30 -7.00 -12.55
N GLN A 25 -2.79 -5.92 -13.05
CA GLN A 25 -2.97 -5.60 -14.47
C GLN A 25 -2.26 -6.69 -15.25
N ALA A 26 -1.17 -7.08 -14.71
CA ALA A 26 -0.33 -8.14 -15.31
C ALA A 26 -0.85 -9.49 -14.83
N PHE A 27 -1.61 -9.50 -13.77
CA PHE A 27 -2.16 -10.77 -13.24
C PHE A 27 -3.57 -10.49 -12.69
N PRO A 28 -4.45 -10.14 -13.59
CA PRO A 28 -5.86 -9.84 -13.27
C PRO A 28 -6.63 -11.10 -12.87
N ASP A 29 -5.96 -12.22 -12.85
CA ASP A 29 -6.62 -13.48 -12.44
C ASP A 29 -6.12 -13.78 -11.04
N MET A 30 -4.90 -13.41 -10.77
CA MET A 30 -4.34 -13.61 -9.43
C MET A 30 -5.18 -12.79 -8.50
N HIS A 31 -6.04 -13.47 -7.87
CA HIS A 31 -6.99 -12.83 -6.96
C HIS A 31 -6.29 -11.98 -5.91
N ASN A 32 -6.84 -10.83 -5.62
CA ASN A 32 -6.24 -9.97 -4.56
C ASN A 32 -6.05 -10.84 -3.33
N SER A 33 -6.89 -11.84 -3.18
CA SER A 33 -6.76 -12.75 -2.01
C SER A 33 -5.36 -13.36 -2.04
N ASN A 34 -4.70 -13.30 -3.16
CA ASN A 34 -3.33 -13.88 -3.27
C ASN A 34 -2.32 -12.77 -3.54
N ILE A 35 -2.68 -11.78 -4.32
CA ILE A 35 -1.70 -10.68 -4.63
C ILE A 35 -1.13 -10.16 -3.31
N SER A 36 -1.84 -10.37 -2.23
CA SER A 36 -1.35 -9.91 -0.91
C SER A 36 0.05 -10.48 -0.64
N LYS A 37 0.23 -11.74 -0.89
CA LYS A 37 1.56 -12.35 -0.65
C LYS A 37 2.49 -11.87 -1.74
N ILE A 38 1.93 -11.52 -2.86
CA ILE A 38 2.75 -11.02 -3.99
C ILE A 38 3.36 -9.68 -3.57
N LEU A 39 2.53 -8.82 -3.07
CA LEU A 39 3.01 -7.48 -2.62
C LEU A 39 4.02 -7.67 -1.50
N GLY A 40 3.58 -8.28 -0.43
CA GLY A 40 4.48 -8.51 0.73
C GLY A 40 5.68 -9.33 0.29
N SER A 41 5.60 -9.92 -0.87
CA SER A 41 6.73 -10.70 -1.38
C SER A 41 7.43 -9.86 -2.41
N ARG A 42 6.78 -8.83 -2.85
CA ARG A 42 7.39 -7.91 -3.83
C ARG A 42 8.13 -6.88 -3.01
N TRP A 43 7.57 -6.58 -1.87
CA TRP A 43 8.18 -5.62 -0.94
C TRP A 43 9.49 -6.21 -0.42
N LYS A 44 9.43 -7.37 0.13
CA LYS A 44 10.67 -7.99 0.64
C LYS A 44 11.59 -8.20 -0.56
N ALA A 45 11.00 -8.24 -1.72
CA ALA A 45 11.77 -8.44 -2.95
C ALA A 45 12.21 -7.08 -3.51
N MET A 46 11.86 -6.01 -2.85
CA MET A 46 12.24 -4.67 -3.33
C MET A 46 13.60 -4.30 -2.77
N THR A 47 13.90 -3.04 -2.72
CA THR A 47 15.19 -2.63 -2.17
C THR A 47 14.92 -1.67 -1.04
N ASN A 48 14.95 -2.16 0.16
CA ASN A 48 14.67 -1.31 1.36
C ASN A 48 15.15 0.13 1.12
N LEU A 49 16.20 0.31 0.37
CA LEU A 49 16.72 1.69 0.12
C LEU A 49 15.83 2.43 -0.90
N GLU A 50 15.07 1.70 -1.66
CA GLU A 50 14.20 2.34 -2.68
C GLU A 50 12.88 2.82 -2.06
N LYS A 51 12.78 2.79 -0.76
CA LYS A 51 11.51 3.23 -0.10
C LYS A 51 11.50 4.75 0.09
N GLN A 52 12.23 5.48 -0.70
CA GLN A 52 12.27 6.97 -0.54
C GLN A 52 10.89 7.59 -0.79
N PRO A 53 10.27 7.23 -1.89
CA PRO A 53 8.97 7.79 -2.32
C PRO A 53 7.77 7.18 -1.59
N TYR A 54 7.67 5.89 -1.53
CA TYR A 54 6.47 5.29 -0.86
C TYR A 54 6.54 5.60 0.62
N TYR A 55 7.61 6.16 1.07
CA TYR A 55 7.69 6.47 2.52
C TYR A 55 7.00 7.80 2.80
N GLU A 56 7.22 8.77 1.98
CA GLU A 56 6.57 10.10 2.20
C GLU A 56 5.06 10.02 1.99
N GLU A 57 4.62 9.36 0.95
CA GLU A 57 3.16 9.28 0.71
C GLU A 57 2.46 8.62 1.90
N GLN A 58 3.21 7.98 2.76
CA GLN A 58 2.60 7.34 3.94
C GLN A 58 2.38 8.41 5.00
N ALA A 59 3.42 9.07 5.38
CA ALA A 59 3.33 10.13 6.39
C ALA A 59 2.18 11.07 6.02
N ARG A 60 1.87 11.18 4.76
CA ARG A 60 0.76 12.06 4.33
C ARG A 60 -0.55 11.41 4.79
N LEU A 61 -0.68 10.13 4.59
CA LEU A 61 -1.92 9.42 5.00
C LEU A 61 -2.11 9.57 6.51
N SER A 62 -1.04 9.69 7.25
CA SER A 62 -1.17 9.84 8.71
C SER A 62 -1.60 11.27 9.01
N LYS A 63 -1.03 12.21 8.32
CA LYS A 63 -1.40 13.62 8.53
C LYS A 63 -2.88 13.81 8.18
N GLN A 64 -3.31 13.22 7.11
CA GLN A 64 -4.74 13.35 6.71
C GLN A 64 -5.61 12.56 7.69
N HIS A 65 -5.02 11.62 8.37
CA HIS A 65 -5.80 10.82 9.35
C HIS A 65 -6.09 11.66 10.59
N LEU A 66 -5.10 11.85 11.42
CA LEU A 66 -5.33 12.66 12.66
C LEU A 66 -6.05 13.97 12.31
N GLU A 67 -5.92 14.44 11.11
CA GLU A 67 -6.59 15.71 10.73
C GLU A 67 -8.09 15.50 10.64
N LYS A 68 -8.55 14.28 10.65
CA LYS A 68 -10.00 14.02 10.56
C LYS A 68 -10.62 14.01 11.96
N TYR A 69 -10.01 13.30 12.85
CA TYR A 69 -10.54 13.23 14.25
C TYR A 69 -9.56 13.85 15.27
N PRO A 70 -8.99 14.98 14.95
CA PRO A 70 -8.06 15.65 15.87
C PRO A 70 -8.87 16.32 16.98
N ASP A 71 -9.77 17.15 16.59
CA ASP A 71 -10.63 17.86 17.57
C ASP A 71 -11.89 17.05 17.83
N TYR A 72 -11.74 15.85 18.33
CA TYR A 72 -12.92 15.00 18.60
C TYR A 72 -13.82 15.69 19.63
N PRO A 3 -11.30 11.71 1.69
CA PRO A 3 -12.72 11.51 2.12
C PRO A 3 -12.89 10.10 2.69
N HIS A 4 -12.27 9.12 2.09
CA HIS A 4 -12.41 7.72 2.60
C HIS A 4 -11.52 6.79 1.78
N ILE A 5 -10.28 6.65 2.15
CA ILE A 5 -9.36 5.76 1.40
C ILE A 5 -8.58 4.87 2.35
N LYS A 6 -9.08 3.70 2.64
CA LYS A 6 -8.36 2.80 3.58
C LYS A 6 -7.39 1.91 2.78
N ARG A 7 -6.64 2.49 1.90
CA ARG A 7 -5.68 1.69 1.08
C ARG A 7 -4.25 1.80 1.62
N PRO A 8 -3.77 3.02 1.75
CA PRO A 8 -2.40 3.28 2.23
C PRO A 8 -2.33 3.18 3.75
N MET A 9 -2.25 1.99 4.26
CA MET A 9 -2.17 1.80 5.73
C MET A 9 -0.71 1.97 6.15
N ASN A 10 0.18 1.51 5.31
CA ASN A 10 1.63 1.63 5.62
C ASN A 10 2.38 1.87 4.33
N ALA A 11 3.67 1.88 4.38
CA ALA A 11 4.47 2.09 3.13
C ALA A 11 4.24 0.90 2.23
N PHE A 12 4.00 -0.23 2.81
CA PHE A 12 3.77 -1.46 2.03
C PHE A 12 2.43 -1.37 1.31
N MET A 13 1.36 -1.24 2.04
CA MET A 13 0.06 -1.12 1.35
C MET A 13 0.10 0.18 0.55
N VAL A 14 1.05 1.03 0.85
CA VAL A 14 1.17 2.30 0.12
C VAL A 14 1.95 2.03 -1.15
N TRP A 15 3.01 1.32 -1.03
CA TRP A 15 3.82 1.02 -2.23
C TRP A 15 3.18 -0.15 -2.98
N ALA A 16 2.61 -1.05 -2.23
CA ALA A 16 1.97 -2.25 -2.83
C ALA A 16 0.65 -1.89 -3.50
N LYS A 17 0.06 -0.76 -3.16
CA LYS A 17 -1.22 -0.41 -3.81
C LYS A 17 -0.97 -0.16 -5.28
N ASP A 18 0.20 0.30 -5.61
CA ASP A 18 0.53 0.53 -7.03
C ASP A 18 1.21 -0.73 -7.55
N GLU A 19 1.93 -1.37 -6.69
CA GLU A 19 2.61 -2.63 -7.07
C GLU A 19 1.54 -3.68 -7.33
N ARG A 20 0.48 -3.64 -6.58
CA ARG A 20 -0.62 -4.61 -6.79
C ARG A 20 -1.38 -4.16 -8.02
N ARG A 21 -1.46 -2.87 -8.20
CA ARG A 21 -2.13 -2.32 -9.39
C ARG A 21 -1.25 -2.65 -10.59
N LYS A 22 0.03 -2.58 -10.38
CA LYS A 22 0.99 -2.88 -11.47
C LYS A 22 1.02 -4.38 -11.73
N ILE A 23 0.65 -5.15 -10.75
CA ILE A 23 0.64 -6.62 -10.93
C ILE A 23 -0.76 -7.08 -11.28
N LEU A 24 -1.73 -6.57 -10.59
CA LEU A 24 -3.13 -6.93 -10.87
C LEU A 24 -3.40 -6.77 -12.35
N GLN A 25 -2.73 -5.85 -12.95
CA GLN A 25 -2.91 -5.62 -14.40
C GLN A 25 -2.47 -6.89 -15.09
N ALA A 26 -1.40 -7.43 -14.60
CA ALA A 26 -0.86 -8.68 -15.13
C ALA A 26 -1.68 -9.85 -14.60
N PHE A 27 -2.45 -9.59 -13.57
CA PHE A 27 -3.30 -10.66 -12.98
C PHE A 27 -4.53 -10.00 -12.35
N PRO A 28 -5.45 -9.61 -13.20
CA PRO A 28 -6.72 -8.97 -12.78
C PRO A 28 -7.60 -9.94 -11.99
N ASP A 29 -7.20 -11.17 -11.90
CA ASP A 29 -7.99 -12.16 -11.12
C ASP A 29 -7.26 -12.37 -9.80
N MET A 30 -5.97 -12.23 -9.83
CA MET A 30 -5.17 -12.37 -8.59
C MET A 30 -5.62 -11.29 -7.63
N HIS A 31 -6.59 -11.58 -6.84
CA HIS A 31 -7.12 -10.56 -5.92
C HIS A 31 -6.21 -10.40 -4.69
N ASN A 32 -6.66 -9.64 -3.72
CA ASN A 32 -5.84 -9.41 -2.49
C ASN A 32 -5.33 -10.73 -1.91
N SER A 33 -6.21 -11.56 -1.41
CA SER A 33 -5.80 -12.85 -0.80
C SER A 33 -4.60 -13.46 -1.54
N ASN A 34 -4.47 -13.19 -2.81
CA ASN A 34 -3.33 -13.77 -3.57
C ASN A 34 -2.26 -12.68 -3.79
N ILE A 35 -2.64 -11.57 -4.34
CA ILE A 35 -1.65 -10.49 -4.58
C ILE A 35 -0.90 -10.20 -3.28
N SER A 36 -1.55 -10.44 -2.17
CA SER A 36 -0.90 -10.20 -0.86
C SER A 36 0.46 -10.90 -0.82
N LYS A 37 0.50 -12.14 -1.22
CA LYS A 37 1.79 -12.87 -1.22
C LYS A 37 2.67 -12.22 -2.28
N ILE A 38 2.05 -11.70 -3.28
CA ILE A 38 2.81 -11.03 -4.36
C ILE A 38 3.38 -9.73 -3.83
N LEU A 39 2.53 -8.88 -3.34
CA LEU A 39 2.98 -7.59 -2.78
C LEU A 39 3.94 -7.83 -1.64
N GLY A 40 3.49 -8.49 -0.62
CA GLY A 40 4.36 -8.76 0.56
C GLY A 40 5.65 -9.42 0.11
N SER A 41 5.66 -9.95 -1.08
CA SER A 41 6.89 -10.58 -1.58
C SER A 41 7.57 -9.61 -2.51
N ARG A 42 6.82 -8.65 -2.97
CA ARG A 42 7.38 -7.62 -3.83
C ARG A 42 7.91 -6.54 -2.90
N TRP A 43 7.32 -6.48 -1.75
CA TRP A 43 7.72 -5.52 -0.71
C TRP A 43 9.08 -5.86 -0.17
N LYS A 44 9.21 -7.01 0.44
CA LYS A 44 10.53 -7.39 1.01
C LYS A 44 11.54 -7.49 -0.13
N ALA A 45 11.02 -7.55 -1.32
CA ALA A 45 11.87 -7.66 -2.52
C ALA A 45 12.17 -6.28 -3.06
N MET A 46 12.59 -5.38 -2.21
CA MET A 46 12.87 -4.01 -2.65
C MET A 46 14.30 -3.60 -2.26
N THR A 47 14.51 -2.38 -1.86
CA THR A 47 15.89 -1.96 -1.47
C THR A 47 15.85 -1.10 -0.20
N ASN A 48 14.73 -1.05 0.47
CA ASN A 48 14.64 -0.23 1.70
C ASN A 48 14.72 1.25 1.34
N LEU A 49 15.81 1.66 0.74
CA LEU A 49 15.94 3.09 0.35
C LEU A 49 14.82 3.45 -0.62
N GLU A 50 14.20 2.46 -1.21
CA GLU A 50 13.09 2.74 -2.17
C GLU A 50 11.79 2.98 -1.38
N LYS A 51 11.60 2.26 -0.31
CA LYS A 51 10.34 2.43 0.49
C LYS A 51 10.52 3.56 1.51
N GLN A 52 11.64 4.23 1.48
CA GLN A 52 11.86 5.34 2.45
C GLN A 52 10.79 6.42 2.29
N PRO A 53 10.53 6.82 1.07
CA PRO A 53 9.54 7.86 0.78
C PRO A 53 8.14 7.27 0.89
N TYR A 54 8.01 5.99 0.69
CA TYR A 54 6.67 5.38 0.82
C TYR A 54 6.44 5.14 2.30
N TYR A 55 7.39 5.47 3.10
CA TYR A 55 7.22 5.28 4.56
C TYR A 55 6.57 6.50 5.18
N GLU A 56 7.18 7.65 5.01
CA GLU A 56 6.65 8.90 5.61
C GLU A 56 5.34 9.35 4.96
N GLU A 57 5.11 9.07 3.71
CA GLU A 57 3.84 9.55 3.11
C GLU A 57 2.69 8.81 3.76
N GLN A 58 2.97 7.69 4.34
CA GLN A 58 1.89 6.93 5.00
C GLN A 58 1.79 7.42 6.43
N ALA A 59 2.87 7.34 7.12
CA ALA A 59 2.86 7.80 8.53
C ALA A 59 2.11 9.14 8.62
N ARG A 60 2.19 9.95 7.60
CA ARG A 60 1.46 11.25 7.65
C ARG A 60 -0.04 10.98 7.51
N LEU A 61 -0.41 10.38 6.41
CA LEU A 61 -1.85 10.08 6.17
C LEU A 61 -2.35 8.98 7.11
N SER A 62 -1.47 8.19 7.65
CA SER A 62 -1.91 7.09 8.56
C SER A 62 -2.31 7.71 9.89
N LYS A 63 -1.55 8.65 10.35
CA LYS A 63 -1.88 9.32 11.63
C LYS A 63 -3.30 9.87 11.52
N GLN A 64 -3.57 10.58 10.47
CA GLN A 64 -4.94 11.15 10.28
C GLN A 64 -5.87 10.09 9.69
N HIS A 65 -5.37 8.90 9.46
CA HIS A 65 -6.25 7.84 8.88
C HIS A 65 -7.12 7.23 9.98
N LEU A 66 -6.50 6.64 10.96
CA LEU A 66 -7.29 6.01 12.04
C LEU A 66 -7.74 7.09 13.04
N GLU A 67 -6.90 8.01 13.35
CA GLU A 67 -7.31 9.08 14.29
C GLU A 67 -8.58 9.73 13.76
N LYS A 68 -8.83 9.59 12.49
CA LYS A 68 -10.04 10.20 11.89
C LYS A 68 -10.99 9.08 11.46
N TYR A 69 -10.47 8.05 10.87
CA TYR A 69 -11.33 6.92 10.40
C TYR A 69 -11.03 5.66 11.23
N PRO A 70 -11.76 5.49 12.30
CA PRO A 70 -11.61 4.33 13.19
C PRO A 70 -12.30 3.11 12.59
N ASP A 71 -13.60 3.03 12.69
CA ASP A 71 -14.34 1.88 12.13
C ASP A 71 -14.69 2.19 10.67
N TYR A 72 -13.70 2.35 9.84
CA TYR A 72 -13.96 2.67 8.42
C TYR A 72 -14.75 1.52 7.78
N PRO A 3 -8.43 8.54 15.25
CA PRO A 3 -8.38 7.47 16.30
C PRO A 3 -9.25 6.29 15.88
N HIS A 4 -10.43 6.56 15.39
CA HIS A 4 -11.34 5.45 14.97
C HIS A 4 -11.04 5.08 13.52
N ILE A 5 -9.80 4.98 13.17
CA ILE A 5 -9.43 4.62 11.77
C ILE A 5 -8.08 3.89 11.76
N LYS A 6 -7.97 2.82 12.51
CA LYS A 6 -6.69 2.08 12.53
C LYS A 6 -6.47 1.39 11.18
N ARG A 7 -6.40 2.16 10.13
CA ARG A 7 -6.19 1.56 8.78
C ARG A 7 -4.77 1.01 8.70
N PRO A 8 -4.65 -0.25 8.34
CA PRO A 8 -3.34 -0.91 8.22
C PRO A 8 -2.66 -0.49 6.91
N MET A 9 -2.29 0.75 6.80
CA MET A 9 -1.60 1.21 5.58
C MET A 9 -0.15 1.43 5.93
N ASN A 10 0.68 1.57 4.95
CA ASN A 10 2.11 1.80 5.23
C ASN A 10 2.81 1.93 3.89
N ALA A 11 4.06 2.23 3.89
CA ALA A 11 4.78 2.37 2.60
C ALA A 11 4.54 1.11 1.80
N PHE A 12 4.44 0.01 2.48
CA PHE A 12 4.21 -1.28 1.79
C PHE A 12 2.81 -1.33 1.21
N MET A 13 1.81 -1.27 2.04
CA MET A 13 0.44 -1.30 1.50
C MET A 13 0.27 -0.04 0.66
N VAL A 14 1.17 0.89 0.84
CA VAL A 14 1.12 2.14 0.05
C VAL A 14 1.77 1.90 -1.28
N TRP A 15 2.91 1.29 -1.26
CA TRP A 15 3.62 1.04 -2.53
C TRP A 15 3.01 -0.20 -3.19
N ALA A 16 2.55 -1.09 -2.38
CA ALA A 16 1.95 -2.33 -2.88
C ALA A 16 0.58 -2.06 -3.50
N LYS A 17 -0.08 -1.00 -3.09
CA LYS A 17 -1.40 -0.71 -3.69
C LYS A 17 -1.19 -0.34 -5.16
N ASP A 18 -0.05 0.19 -5.46
CA ASP A 18 0.26 0.54 -6.86
C ASP A 18 0.99 -0.63 -7.47
N GLU A 19 1.78 -1.30 -6.67
CA GLU A 19 2.50 -2.49 -7.15
C GLU A 19 1.50 -3.60 -7.42
N ARG A 20 0.49 -3.67 -6.60
CA ARG A 20 -0.55 -4.71 -6.80
C ARG A 20 -1.40 -4.25 -7.97
N ARG A 21 -1.59 -2.97 -8.07
CA ARG A 21 -2.35 -2.41 -9.20
C ARG A 21 -1.48 -2.63 -10.43
N LYS A 22 -0.19 -2.44 -10.26
CA LYS A 22 0.75 -2.63 -11.38
C LYS A 22 0.89 -4.13 -11.68
N ILE A 23 0.56 -4.96 -10.73
CA ILE A 23 0.67 -6.42 -10.98
C ILE A 23 -0.69 -6.93 -11.38
N LEU A 24 -1.71 -6.47 -10.73
CA LEU A 24 -3.08 -6.89 -11.06
C LEU A 24 -3.32 -6.72 -12.54
N GLN A 25 -2.69 -5.75 -13.11
CA GLN A 25 -2.86 -5.52 -14.56
C GLN A 25 -2.32 -6.75 -15.25
N ALA A 26 -1.26 -7.22 -14.68
CA ALA A 26 -0.58 -8.42 -15.20
C ALA A 26 -1.26 -9.68 -14.64
N PHE A 27 -2.07 -9.52 -13.63
CA PHE A 27 -2.76 -10.69 -13.04
C PHE A 27 -4.00 -10.22 -12.26
N PRO A 28 -5.00 -9.81 -12.99
CA PRO A 28 -6.27 -9.34 -12.41
C PRO A 28 -7.03 -10.51 -11.79
N ASP A 29 -6.59 -11.70 -12.06
CA ASP A 29 -7.26 -12.90 -11.48
C ASP A 29 -6.38 -13.44 -10.35
N MET A 30 -5.10 -13.24 -10.44
CA MET A 30 -4.17 -13.70 -9.37
C MET A 30 -4.52 -13.01 -8.06
N HIS A 31 -5.28 -11.97 -8.12
CA HIS A 31 -5.61 -11.24 -6.88
C HIS A 31 -6.22 -12.19 -5.86
N ASN A 32 -7.07 -13.10 -6.30
CA ASN A 32 -7.76 -14.05 -5.38
C ASN A 32 -7.01 -14.18 -4.06
N SER A 33 -7.20 -13.22 -3.17
CA SER A 33 -6.49 -13.26 -1.86
C SER A 33 -5.08 -13.81 -2.09
N ASN A 34 -4.52 -13.46 -3.22
CA ASN A 34 -3.16 -13.96 -3.58
C ASN A 34 -2.18 -12.79 -3.71
N ILE A 35 -2.54 -11.80 -4.47
CA ILE A 35 -1.62 -10.65 -4.67
C ILE A 35 -1.10 -10.16 -3.31
N SER A 36 -1.86 -10.36 -2.28
CA SER A 36 -1.40 -9.92 -0.94
C SER A 36 -0.06 -10.56 -0.64
N LYS A 37 0.07 -11.83 -0.91
CA LYS A 37 1.35 -12.52 -0.65
C LYS A 37 2.36 -12.06 -1.68
N ILE A 38 1.86 -11.65 -2.82
CA ILE A 38 2.75 -11.16 -3.89
C ILE A 38 3.34 -9.83 -3.46
N LEU A 39 2.51 -8.93 -3.07
CA LEU A 39 2.99 -7.60 -2.62
C LEU A 39 4.00 -7.78 -1.51
N GLY A 40 3.59 -8.40 -0.44
CA GLY A 40 4.51 -8.62 0.70
C GLY A 40 5.75 -9.35 0.22
N SER A 41 5.68 -9.94 -0.94
CA SER A 41 6.85 -10.64 -1.49
C SER A 41 7.49 -9.73 -2.51
N ARG A 42 6.76 -8.75 -2.94
CA ARG A 42 7.26 -7.78 -3.90
C ARG A 42 7.93 -6.69 -3.07
N TRP A 43 7.40 -6.51 -1.89
CA TRP A 43 7.93 -5.53 -0.94
C TRP A 43 9.31 -5.93 -0.46
N LYS A 44 9.39 -7.08 0.16
CA LYS A 44 10.72 -7.53 0.65
C LYS A 44 11.62 -7.68 -0.57
N ALA A 45 11.02 -7.76 -1.72
CA ALA A 45 11.79 -7.90 -2.96
C ALA A 45 12.15 -6.51 -3.50
N MET A 46 12.08 -5.51 -2.67
CA MET A 46 12.42 -4.14 -3.12
C MET A 46 13.89 -3.85 -2.80
N THR A 47 14.20 -2.79 -2.10
CA THR A 47 15.62 -2.50 -1.79
C THR A 47 15.73 -1.72 -0.47
N ASN A 48 14.67 -1.63 0.27
CA ASN A 48 14.72 -0.88 1.55
C ASN A 48 14.83 0.62 1.25
N LEU A 49 15.83 1.01 0.52
CA LEU A 49 15.99 2.45 0.19
C LEU A 49 14.92 2.88 -0.82
N GLU A 50 14.28 1.94 -1.45
CA GLU A 50 13.22 2.30 -2.43
C GLU A 50 11.91 2.59 -1.69
N LYS A 51 11.87 2.27 -0.43
CA LYS A 51 10.63 2.50 0.36
C LYS A 51 10.59 3.94 0.91
N GLN A 52 11.67 4.67 0.74
CA GLN A 52 11.71 6.06 1.27
C GLN A 52 10.57 6.91 0.68
N PRO A 53 10.32 6.80 -0.60
CA PRO A 53 9.26 7.58 -1.25
C PRO A 53 7.89 7.01 -0.90
N TYR A 54 7.78 5.72 -0.83
CA TYR A 54 6.47 5.13 -0.44
C TYR A 54 6.28 5.37 1.05
N TYR A 55 7.30 5.87 1.69
CA TYR A 55 7.20 6.14 3.15
C TYR A 55 6.54 7.49 3.37
N GLU A 56 7.01 8.51 2.70
CA GLU A 56 6.40 9.85 2.86
C GLU A 56 4.99 9.83 2.29
N GLU A 57 4.79 9.12 1.21
CA GLU A 57 3.43 9.05 0.60
C GLU A 57 2.50 8.30 1.57
N GLN A 58 3.07 7.66 2.54
CA GLN A 58 2.25 6.94 3.54
C GLN A 58 1.81 7.94 4.60
N ALA A 59 2.77 8.48 5.27
CA ALA A 59 2.47 9.47 6.33
C ALA A 59 1.60 10.59 5.74
N ARG A 60 1.70 10.83 4.46
CA ARG A 60 0.88 11.90 3.85
C ARG A 60 -0.58 11.47 3.83
N LEU A 61 -0.88 10.41 3.13
CA LEU A 61 -2.28 9.93 3.07
C LEU A 61 -2.77 9.57 4.48
N SER A 62 -1.86 9.46 5.42
CA SER A 62 -2.27 9.13 6.81
C SER A 62 -2.80 10.41 7.46
N LYS A 63 -2.28 11.52 7.04
CA LYS A 63 -2.72 12.82 7.60
C LYS A 63 -4.14 13.12 7.11
N GLN A 64 -4.33 13.15 5.83
CA GLN A 64 -5.69 13.42 5.28
C GLN A 64 -6.65 12.33 5.76
N HIS A 65 -6.12 11.21 6.17
CA HIS A 65 -6.98 10.09 6.65
C HIS A 65 -7.69 10.53 7.92
N LEU A 66 -6.97 10.81 8.96
CA LEU A 66 -7.62 11.23 10.22
C LEU A 66 -8.61 12.36 9.89
N GLU A 67 -8.31 13.15 8.90
CA GLU A 67 -9.23 14.24 8.52
C GLU A 67 -10.57 13.65 8.08
N LYS A 68 -10.59 12.38 7.78
CA LYS A 68 -11.85 11.73 7.35
C LYS A 68 -12.70 11.41 8.57
N TYR A 69 -12.12 10.83 9.57
CA TYR A 69 -12.91 10.50 10.79
C TYR A 69 -12.18 10.99 12.05
N PRO A 70 -11.87 12.26 12.07
CA PRO A 70 -11.18 12.89 13.22
C PRO A 70 -12.18 13.16 14.34
N ASP A 71 -13.11 14.03 14.06
CA ASP A 71 -14.15 14.39 15.05
C ASP A 71 -15.36 13.48 14.88
N TYR A 72 -15.19 12.21 15.11
CA TYR A 72 -16.32 11.26 14.96
C TYR A 72 -17.45 11.63 15.93
N PRO A 3 -12.31 3.08 -4.66
CA PRO A 3 -13.55 3.70 -4.08
C PRO A 3 -13.32 4.02 -2.59
N HIS A 4 -12.90 3.05 -1.84
CA HIS A 4 -12.66 3.28 -0.38
C HIS A 4 -11.39 2.52 0.04
N ILE A 5 -10.24 2.98 -0.41
CA ILE A 5 -8.97 2.29 -0.04
C ILE A 5 -8.34 2.95 1.18
N LYS A 6 -9.06 3.05 2.27
CA LYS A 6 -8.50 3.69 3.48
C LYS A 6 -7.67 2.66 4.27
N ARG A 7 -6.65 2.10 3.66
CA ARG A 7 -5.82 1.10 4.38
C ARG A 7 -4.37 1.60 4.54
N PRO A 8 -4.20 2.83 4.98
CA PRO A 8 -2.86 3.41 5.20
C PRO A 8 -2.22 2.79 6.44
N MET A 9 -1.73 1.58 6.32
CA MET A 9 -1.11 0.92 7.48
C MET A 9 0.40 1.12 7.44
N ASN A 10 0.96 1.18 6.27
CA ASN A 10 2.42 1.36 6.16
C ASN A 10 2.79 1.72 4.73
N ALA A 11 4.05 1.92 4.49
CA ALA A 11 4.54 2.27 3.14
C ALA A 11 4.31 1.10 2.20
N PHE A 12 4.16 -0.07 2.76
CA PHE A 12 3.95 -1.28 1.94
C PHE A 12 2.58 -1.22 1.29
N MET A 13 1.54 -1.25 2.06
CA MET A 13 0.21 -1.16 1.44
C MET A 13 0.18 0.13 0.63
N VAL A 14 1.09 1.03 0.92
CA VAL A 14 1.15 2.30 0.17
C VAL A 14 1.88 2.06 -1.12
N TRP A 15 2.98 1.40 -1.03
CA TRP A 15 3.78 1.16 -2.26
C TRP A 15 3.16 -0.03 -3.01
N ALA A 16 2.61 -0.93 -2.27
CA ALA A 16 1.99 -2.14 -2.86
C ALA A 16 0.65 -1.80 -3.52
N LYS A 17 0.06 -0.67 -3.20
CA LYS A 17 -1.24 -0.33 -3.82
C LYS A 17 -1.03 -0.11 -5.31
N ASP A 18 0.11 0.43 -5.66
CA ASP A 18 0.41 0.66 -7.09
C ASP A 18 1.02 -0.63 -7.62
N GLU A 19 1.78 -1.29 -6.81
CA GLU A 19 2.37 -2.57 -7.22
C GLU A 19 1.22 -3.55 -7.45
N ARG A 20 0.19 -3.43 -6.65
CA ARG A 20 -1.00 -4.30 -6.81
C ARG A 20 -1.63 -3.95 -8.13
N ARG A 21 -1.79 -2.68 -8.36
CA ARG A 21 -2.37 -2.20 -9.62
C ARG A 21 -1.43 -2.58 -10.73
N LYS A 22 -0.16 -2.46 -10.46
CA LYS A 22 0.85 -2.79 -11.49
C LYS A 22 0.89 -4.30 -11.68
N ILE A 23 0.45 -5.04 -10.71
CA ILE A 23 0.46 -6.52 -10.85
C ILE A 23 -0.92 -6.99 -11.29
N LEU A 24 -1.95 -6.47 -10.69
CA LEU A 24 -3.32 -6.87 -11.07
C LEU A 24 -3.47 -6.76 -12.56
N GLN A 25 -2.75 -5.86 -13.15
CA GLN A 25 -2.82 -5.71 -14.60
C GLN A 25 -2.30 -7.01 -15.19
N ALA A 26 -1.31 -7.50 -14.53
CA ALA A 26 -0.68 -8.77 -14.94
C ALA A 26 -1.30 -9.93 -14.15
N PHE A 27 -2.24 -9.63 -13.28
CA PHE A 27 -2.90 -10.68 -12.48
C PHE A 27 -4.27 -10.16 -12.02
N PRO A 28 -5.16 -10.00 -12.97
CA PRO A 28 -6.52 -9.49 -12.72
C PRO A 28 -7.38 -10.55 -12.01
N ASP A 29 -6.88 -11.73 -11.89
CA ASP A 29 -7.65 -12.80 -11.18
C ASP A 29 -7.01 -12.98 -9.81
N MET A 30 -5.72 -12.86 -9.76
CA MET A 30 -5.00 -12.97 -8.47
C MET A 30 -5.47 -11.82 -7.61
N HIS A 31 -6.45 -12.06 -6.82
CA HIS A 31 -7.00 -10.97 -5.99
C HIS A 31 -6.05 -10.63 -4.82
N ASN A 32 -6.56 -9.91 -3.85
CA ASN A 32 -5.71 -9.50 -2.69
C ASN A 32 -5.11 -10.72 -1.98
N SER A 33 -5.91 -11.48 -1.28
CA SER A 33 -5.38 -12.68 -0.54
C SER A 33 -4.25 -13.34 -1.32
N ASN A 34 -4.31 -13.28 -2.62
CA ASN A 34 -3.23 -13.89 -3.44
C ASN A 34 -2.18 -12.83 -3.76
N ILE A 35 -2.62 -11.68 -4.21
CA ILE A 35 -1.65 -10.60 -4.52
C ILE A 35 -0.86 -10.30 -3.25
N SER A 36 -1.48 -10.46 -2.12
CA SER A 36 -0.77 -10.21 -0.84
C SER A 36 0.58 -10.92 -0.87
N LYS A 37 0.60 -12.14 -1.32
CA LYS A 37 1.88 -12.86 -1.39
C LYS A 37 2.74 -12.17 -2.43
N ILE A 38 2.09 -11.58 -3.39
CA ILE A 38 2.84 -10.87 -4.45
C ILE A 38 3.39 -9.57 -3.87
N LEU A 39 2.52 -8.73 -3.41
CA LEU A 39 2.96 -7.45 -2.80
C LEU A 39 3.94 -7.75 -1.67
N GLY A 40 3.47 -8.46 -0.68
CA GLY A 40 4.32 -8.82 0.49
C GLY A 40 5.58 -9.53 0.03
N SER A 41 5.61 -9.95 -1.20
CA SER A 41 6.83 -10.63 -1.70
C SER A 41 7.56 -9.63 -2.58
N ARG A 42 6.87 -8.60 -2.96
CA ARG A 42 7.49 -7.56 -3.78
C ARG A 42 8.10 -6.58 -2.80
N TRP A 43 7.45 -6.45 -1.68
CA TRP A 43 7.94 -5.57 -0.61
C TRP A 43 9.20 -6.16 0.01
N LYS A 44 9.12 -7.37 0.47
CA LYS A 44 10.32 -7.98 1.06
C LYS A 44 11.38 -8.05 -0.04
N ALA A 45 10.94 -7.92 -1.27
CA ALA A 45 11.86 -7.99 -2.41
C ALA A 45 12.42 -6.61 -2.76
N MET A 46 11.80 -5.54 -2.34
CA MET A 46 12.34 -4.20 -2.68
C MET A 46 13.72 -4.06 -2.05
N THR A 47 13.92 -3.15 -1.14
CA THR A 47 15.28 -3.03 -0.55
C THR A 47 15.21 -2.47 0.87
N ASN A 48 14.06 -2.37 1.44
CA ASN A 48 13.94 -1.80 2.82
C ASN A 48 14.32 -0.32 2.77
N LEU A 49 15.52 -0.03 2.35
CA LEU A 49 15.96 1.37 2.24
C LEU A 49 15.07 2.09 1.23
N GLU A 50 14.49 1.35 0.31
CA GLU A 50 13.60 1.98 -0.70
C GLU A 50 12.27 2.36 -0.03
N LYS A 51 12.14 2.07 1.23
CA LYS A 51 10.87 2.39 1.95
C LYS A 51 10.87 3.85 2.42
N GLN A 52 11.92 4.59 2.18
CA GLN A 52 11.97 6.01 2.64
C GLN A 52 10.84 6.84 2.00
N PRO A 53 10.69 6.73 0.71
CA PRO A 53 9.69 7.51 -0.04
C PRO A 53 8.27 6.97 0.16
N TYR A 54 8.09 5.68 0.06
CA TYR A 54 6.72 5.13 0.25
C TYR A 54 6.34 5.32 1.70
N TYR A 55 7.26 5.74 2.51
CA TYR A 55 6.93 5.95 3.94
C TYR A 55 6.28 7.31 4.11
N GLU A 56 6.94 8.35 3.70
CA GLU A 56 6.37 9.71 3.82
C GLU A 56 5.14 9.86 2.94
N GLU A 57 5.12 9.21 1.81
CA GLU A 57 3.93 9.33 0.93
C GLU A 57 2.77 8.59 1.57
N GLN A 58 3.02 7.82 2.60
CA GLN A 58 1.92 7.10 3.28
C GLN A 58 1.21 8.08 4.20
N ALA A 59 1.96 8.68 5.05
CA ALA A 59 1.40 9.68 5.99
C ALA A 59 0.77 10.82 5.19
N ARG A 60 1.34 11.11 4.05
CA ARG A 60 0.79 12.20 3.21
C ARG A 60 -0.53 11.76 2.59
N LEU A 61 -0.54 10.66 1.91
CA LEU A 61 -1.78 10.18 1.26
C LEU A 61 -2.86 9.86 2.30
N SER A 62 -2.51 9.72 3.55
CA SER A 62 -3.55 9.43 4.57
C SER A 62 -4.28 10.74 4.86
N LYS A 63 -3.53 11.80 4.94
CA LYS A 63 -4.12 13.13 5.21
C LYS A 63 -5.04 13.55 4.05
N GLN A 64 -4.53 13.54 2.85
CA GLN A 64 -5.35 13.93 1.67
C GLN A 64 -6.40 12.87 1.40
N HIS A 65 -6.16 11.64 1.79
CA HIS A 65 -7.17 10.56 1.53
C HIS A 65 -8.51 10.99 2.09
N LEU A 66 -8.60 11.10 3.38
CA LEU A 66 -9.89 11.51 3.99
C LEU A 66 -10.32 12.86 3.46
N GLU A 67 -9.40 13.71 3.11
CA GLU A 67 -9.80 15.03 2.56
C GLU A 67 -10.20 14.87 1.08
N LYS A 68 -10.00 13.69 0.53
CA LYS A 68 -10.31 13.47 -0.91
C LYS A 68 -11.75 13.04 -1.15
N TYR A 69 -12.38 12.41 -0.20
CA TYR A 69 -13.77 11.93 -0.44
C TYR A 69 -14.87 12.83 0.18
N PRO A 70 -14.53 13.77 1.03
CA PRO A 70 -15.54 14.67 1.63
C PRO A 70 -15.91 15.77 0.65
N ASP A 71 -14.95 16.58 0.31
CA ASP A 71 -15.20 17.69 -0.64
C ASP A 71 -15.30 17.13 -2.06
N TYR A 72 -16.24 16.26 -2.30
CA TYR A 72 -16.40 15.68 -3.66
C TYR A 72 -16.68 16.80 -4.67
N PRO A 3 -16.67 0.23 10.02
CA PRO A 3 -17.00 0.81 8.68
C PRO A 3 -15.74 1.45 8.08
N HIS A 4 -15.40 2.63 8.53
CA HIS A 4 -14.19 3.31 7.99
C HIS A 4 -12.99 3.02 8.90
N ILE A 5 -12.17 2.08 8.53
CA ILE A 5 -10.99 1.74 9.37
C ILE A 5 -9.71 1.77 8.52
N LYS A 6 -9.36 2.90 7.98
CA LYS A 6 -8.13 2.97 7.15
C LYS A 6 -6.92 3.18 8.07
N ARG A 7 -6.79 2.36 9.07
CA ARG A 7 -5.65 2.51 10.02
C ARG A 7 -4.42 1.72 9.56
N PRO A 8 -4.61 0.50 9.10
CA PRO A 8 -3.50 -0.35 8.66
C PRO A 8 -2.96 0.05 7.28
N MET A 9 -2.60 1.30 7.12
CA MET A 9 -2.02 1.75 5.86
C MET A 9 -0.55 1.97 6.12
N ASN A 10 0.29 1.72 5.17
CA ASN A 10 1.73 1.91 5.42
C ASN A 10 2.45 1.97 4.09
N ALA A 11 3.71 2.29 4.12
CA ALA A 11 4.50 2.38 2.88
C ALA A 11 4.31 1.11 2.08
N PHE A 12 4.13 0.01 2.75
CA PHE A 12 3.97 -1.26 2.03
C PHE A 12 2.63 -1.30 1.33
N MET A 13 1.56 -1.26 2.06
CA MET A 13 0.24 -1.26 1.39
C MET A 13 0.17 0.02 0.56
N VAL A 14 1.04 0.94 0.86
CA VAL A 14 1.08 2.21 0.12
C VAL A 14 1.85 2.01 -1.15
N TRP A 15 2.96 1.37 -1.06
CA TRP A 15 3.77 1.14 -2.28
C TRP A 15 3.18 -0.07 -3.01
N ALA A 16 2.64 -0.97 -2.26
CA ALA A 16 2.05 -2.20 -2.82
C ALA A 16 0.72 -1.88 -3.53
N LYS A 17 0.15 -0.73 -3.28
CA LYS A 17 -1.13 -0.39 -3.95
C LYS A 17 -0.88 -0.21 -5.43
N ASP A 18 0.24 0.34 -5.77
CA ASP A 18 0.56 0.52 -7.21
C ASP A 18 1.14 -0.79 -7.68
N GLU A 19 2.02 -1.32 -6.90
CA GLU A 19 2.64 -2.61 -7.24
C GLU A 19 1.54 -3.66 -7.45
N ARG A 20 0.49 -3.57 -6.69
CA ARG A 20 -0.64 -4.54 -6.87
C ARG A 20 -1.41 -4.11 -8.10
N ARG A 21 -1.55 -2.83 -8.29
CA ARG A 21 -2.26 -2.33 -9.46
C ARG A 21 -1.41 -2.66 -10.68
N LYS A 22 -0.12 -2.60 -10.50
CA LYS A 22 0.81 -2.91 -11.61
C LYS A 22 0.83 -4.42 -11.84
N ILE A 23 0.45 -5.17 -10.86
CA ILE A 23 0.44 -6.65 -11.03
C ILE A 23 -0.97 -7.09 -11.39
N LEU A 24 -1.94 -6.61 -10.66
CA LEU A 24 -3.34 -6.96 -10.95
C LEU A 24 -3.64 -6.71 -12.41
N GLN A 25 -2.93 -5.79 -12.97
CA GLN A 25 -3.13 -5.48 -14.41
C GLN A 25 -2.77 -6.72 -15.17
N ALA A 26 -1.76 -7.36 -14.68
CA ALA A 26 -1.26 -8.60 -15.30
C ALA A 26 -1.90 -9.81 -14.61
N PHE A 27 -2.68 -9.57 -13.58
CA PHE A 27 -3.32 -10.69 -12.86
C PHE A 27 -4.61 -10.18 -12.21
N PRO A 28 -5.60 -9.94 -13.03
CA PRO A 28 -6.92 -9.46 -12.59
C PRO A 28 -7.67 -10.57 -11.83
N ASP A 29 -7.10 -11.73 -11.76
CA ASP A 29 -7.74 -12.84 -11.02
C ASP A 29 -7.02 -12.98 -9.69
N MET A 30 -5.76 -12.66 -9.69
CA MET A 30 -4.97 -12.72 -8.44
C MET A 30 -5.58 -11.73 -7.48
N HIS A 31 -6.50 -12.18 -6.71
CA HIS A 31 -7.16 -11.27 -5.77
C HIS A 31 -6.26 -11.00 -4.54
N ASN A 32 -6.81 -10.41 -3.52
CA ASN A 32 -5.99 -10.08 -2.31
C ASN A 32 -5.22 -11.30 -1.81
N SER A 33 -5.91 -12.29 -1.31
CA SER A 33 -5.22 -13.50 -0.76
C SER A 33 -4.02 -13.90 -1.64
N ASN A 34 -4.03 -13.55 -2.90
CA ASN A 34 -2.89 -13.94 -3.77
C ASN A 34 -1.96 -12.75 -3.97
N ILE A 35 -2.45 -11.67 -4.48
CA ILE A 35 -1.57 -10.47 -4.70
C ILE A 35 -0.84 -10.15 -3.40
N SER A 36 -1.48 -10.37 -2.29
CA SER A 36 -0.84 -10.09 -0.99
C SER A 36 0.52 -10.80 -0.94
N LYS A 37 0.57 -12.03 -1.34
CA LYS A 37 1.84 -12.77 -1.31
C LYS A 37 2.76 -12.12 -2.33
N ILE A 38 2.19 -11.53 -3.34
CA ILE A 38 3.01 -10.88 -4.37
C ILE A 38 3.55 -9.57 -3.80
N LEU A 39 2.67 -8.71 -3.37
CA LEU A 39 3.10 -7.43 -2.78
C LEU A 39 4.02 -7.70 -1.59
N GLY A 40 3.50 -8.39 -0.61
CA GLY A 40 4.30 -8.72 0.60
C GLY A 40 5.58 -9.44 0.18
N SER A 41 5.63 -9.91 -1.04
CA SER A 41 6.85 -10.59 -1.50
C SER A 41 7.63 -9.61 -2.34
N ARG A 42 6.97 -8.58 -2.80
CA ARG A 42 7.65 -7.56 -3.60
C ARG A 42 8.20 -6.56 -2.60
N TRP A 43 7.48 -6.44 -1.52
CA TRP A 43 7.88 -5.52 -0.43
C TRP A 43 9.13 -6.03 0.25
N LYS A 44 9.06 -7.22 0.79
CA LYS A 44 10.25 -7.78 1.47
C LYS A 44 11.35 -7.87 0.44
N ALA A 45 10.96 -7.90 -0.80
CA ALA A 45 11.94 -7.97 -1.90
C ALA A 45 12.51 -6.57 -2.16
N MET A 46 12.17 -5.62 -1.32
CA MET A 46 12.69 -4.24 -1.50
C MET A 46 13.96 -4.11 -0.67
N THR A 47 14.09 -3.09 0.12
CA THR A 47 15.32 -2.94 0.93
C THR A 47 14.99 -2.42 2.33
N ASN A 48 13.73 -2.35 2.67
CA ASN A 48 13.34 -1.86 4.02
C ASN A 48 13.65 -0.36 4.16
N LEU A 49 14.85 0.04 3.84
CA LEU A 49 15.22 1.49 3.98
C LEU A 49 14.75 2.28 2.75
N GLU A 50 14.44 1.61 1.66
CA GLU A 50 14.00 2.35 0.44
C GLU A 50 12.56 2.84 0.59
N LYS A 51 11.89 2.46 1.64
CA LYS A 51 10.47 2.91 1.81
C LYS A 51 10.43 4.35 2.35
N GLN A 52 11.54 5.04 2.33
CA GLN A 52 11.55 6.43 2.83
C GLN A 52 10.44 7.26 2.19
N PRO A 53 10.29 7.15 0.88
CA PRO A 53 9.27 7.91 0.14
C PRO A 53 7.88 7.30 0.32
N TYR A 54 7.75 6.01 0.20
CA TYR A 54 6.42 5.39 0.40
C TYR A 54 6.04 5.60 1.86
N TYR A 55 6.99 5.98 2.66
CA TYR A 55 6.69 6.21 4.09
C TYR A 55 6.08 7.60 4.24
N GLU A 56 6.48 8.52 3.39
CA GLU A 56 5.93 9.90 3.45
C GLU A 56 4.46 9.91 3.03
N GLU A 57 4.15 9.37 1.88
CA GLU A 57 2.73 9.36 1.44
C GLU A 57 1.91 8.55 2.45
N GLN A 58 2.58 7.82 3.30
CA GLN A 58 1.84 7.03 4.33
C GLN A 58 1.46 7.98 5.47
N ALA A 59 2.45 8.53 6.09
CA ALA A 59 2.19 9.48 7.19
C ALA A 59 1.10 10.46 6.77
N ARG A 60 0.97 10.71 5.50
CA ARG A 60 -0.09 11.64 5.03
C ARG A 60 -1.44 10.98 5.25
N LEU A 61 -1.54 9.73 4.90
CA LEU A 61 -2.81 8.99 5.08
C LEU A 61 -3.26 9.11 6.54
N SER A 62 -2.33 9.28 7.45
CA SER A 62 -2.71 9.40 8.88
C SER A 62 -3.24 10.81 9.12
N LYS A 63 -2.78 11.75 8.36
CA LYS A 63 -3.25 13.14 8.52
C LYS A 63 -4.74 13.22 8.19
N GLN A 64 -5.15 12.61 7.12
CA GLN A 64 -6.59 12.65 6.74
C GLN A 64 -7.37 11.60 7.55
N HIS A 65 -6.78 10.47 7.79
CA HIS A 65 -7.47 9.40 8.57
C HIS A 65 -8.11 10.01 9.81
N LEU A 66 -7.35 10.72 10.59
CA LEU A 66 -7.92 11.33 11.83
C LEU A 66 -8.78 12.53 11.47
N GLU A 67 -8.46 13.21 10.41
CA GLU A 67 -9.28 14.37 10.02
C GLU A 67 -10.61 13.85 9.47
N LYS A 68 -10.71 12.56 9.30
CA LYS A 68 -11.95 11.97 8.74
C LYS A 68 -13.03 11.82 9.81
N TYR A 69 -12.79 11.07 10.85
CA TYR A 69 -13.90 10.89 11.86
C TYR A 69 -13.57 11.38 13.30
N PRO A 70 -12.35 11.24 13.77
CA PRO A 70 -12.03 11.68 15.15
C PRO A 70 -11.94 13.19 15.21
N ASP A 71 -11.13 13.74 14.37
CA ASP A 71 -10.95 15.21 14.35
C ASP A 71 -12.22 15.87 13.79
N TYR A 72 -13.36 15.57 14.36
CA TYR A 72 -14.63 16.17 13.88
C TYR A 72 -14.58 17.69 14.05
N PRO A 3 -9.94 0.78 -4.26
CA PRO A 3 -10.75 1.78 -3.51
C PRO A 3 -11.46 1.10 -2.34
N HIS A 4 -12.08 -0.02 -2.57
CA HIS A 4 -12.78 -0.74 -1.47
C HIS A 4 -11.79 -1.63 -0.71
N ILE A 5 -10.71 -1.09 -0.24
CA ILE A 5 -9.73 -1.91 0.49
C ILE A 5 -9.69 -1.49 1.96
N LYS A 6 -9.97 -2.39 2.85
CA LYS A 6 -9.97 -2.05 4.29
C LYS A 6 -8.57 -2.29 4.88
N ARG A 7 -7.56 -1.87 4.19
CA ARG A 7 -6.17 -2.07 4.69
C ARG A 7 -5.72 -0.80 5.42
N PRO A 8 -4.73 -0.94 6.26
CA PRO A 8 -4.20 0.18 7.03
C PRO A 8 -3.33 1.06 6.16
N MET A 9 -2.55 1.86 6.80
CA MET A 9 -1.63 2.75 6.09
C MET A 9 -0.22 2.26 6.33
N ASN A 10 0.57 2.24 5.33
CA ASN A 10 1.95 1.79 5.51
C ASN A 10 2.67 1.96 4.19
N ALA A 11 3.94 2.04 4.23
CA ALA A 11 4.69 2.22 2.97
C ALA A 11 4.46 1.03 2.08
N PHE A 12 4.29 -0.11 2.67
CA PHE A 12 4.05 -1.33 1.89
C PHE A 12 2.66 -1.30 1.28
N MET A 13 1.66 -1.28 2.08
CA MET A 13 0.29 -1.24 1.53
C MET A 13 0.19 0.03 0.70
N VAL A 14 1.06 0.96 0.95
CA VAL A 14 1.03 2.21 0.18
C VAL A 14 1.74 2.00 -1.14
N TRP A 15 2.87 1.39 -1.08
CA TRP A 15 3.64 1.16 -2.32
C TRP A 15 3.04 -0.05 -3.04
N ALA A 16 2.56 -0.98 -2.28
CA ALA A 16 1.98 -2.21 -2.85
C ALA A 16 0.62 -1.88 -3.49
N LYS A 17 0.04 -0.76 -3.14
CA LYS A 17 -1.26 -0.39 -3.74
C LYS A 17 -1.06 -0.16 -5.23
N ASP A 18 0.09 0.34 -5.59
CA ASP A 18 0.36 0.57 -7.04
C ASP A 18 1.01 -0.69 -7.58
N GLU A 19 1.74 -1.36 -6.76
CA GLU A 19 2.38 -2.62 -7.19
C GLU A 19 1.25 -3.64 -7.39
N ARG A 20 0.22 -3.50 -6.62
CA ARG A 20 -0.97 -4.38 -6.75
C ARG A 20 -1.59 -4.07 -8.08
N ARG A 21 -1.72 -2.81 -8.34
CA ARG A 21 -2.30 -2.34 -9.60
C ARG A 21 -1.32 -2.69 -10.72
N LYS A 22 -0.06 -2.55 -10.44
CA LYS A 22 0.96 -2.87 -11.45
C LYS A 22 0.99 -4.38 -11.69
N ILE A 23 0.54 -5.13 -10.73
CA ILE A 23 0.52 -6.60 -10.90
C ILE A 23 -0.87 -7.04 -11.33
N LEU A 24 -1.86 -6.51 -10.70
CA LEU A 24 -3.25 -6.86 -11.05
C LEU A 24 -3.42 -6.71 -12.55
N GLN A 25 -2.71 -5.80 -13.12
CA GLN A 25 -2.81 -5.60 -14.57
C GLN A 25 -2.30 -6.86 -15.22
N ALA A 26 -1.31 -7.39 -14.60
CA ALA A 26 -0.69 -8.64 -15.07
C ALA A 26 -1.44 -9.83 -14.48
N PHE A 27 -2.27 -9.60 -13.50
CA PHE A 27 -3.03 -10.71 -12.87
C PHE A 27 -4.26 -10.14 -12.16
N PRO A 28 -5.22 -9.73 -12.94
CA PRO A 28 -6.48 -9.17 -12.43
C PRO A 28 -7.32 -10.26 -11.78
N ASP A 29 -6.89 -11.48 -11.93
CA ASP A 29 -7.60 -12.61 -11.29
C ASP A 29 -6.98 -12.77 -9.93
N MET A 30 -5.69 -12.67 -9.89
CA MET A 30 -4.96 -12.73 -8.60
C MET A 30 -5.44 -11.57 -7.76
N HIS A 31 -6.45 -11.80 -7.02
CA HIS A 31 -7.03 -10.71 -6.20
C HIS A 31 -6.19 -10.45 -4.94
N ASN A 32 -6.73 -9.68 -4.03
CA ASN A 32 -6.00 -9.33 -2.77
C ASN A 32 -5.53 -10.58 -2.04
N SER A 33 -6.44 -11.39 -1.55
CA SER A 33 -6.04 -12.60 -0.78
C SER A 33 -4.82 -13.26 -1.41
N ASN A 34 -4.61 -13.10 -2.68
CA ASN A 34 -3.41 -13.72 -3.32
C ASN A 34 -2.35 -12.67 -3.62
N ILE A 35 -2.74 -11.56 -4.18
CA ILE A 35 -1.74 -10.49 -4.49
C ILE A 35 -0.94 -10.19 -3.23
N SER A 36 -1.53 -10.42 -2.09
CA SER A 36 -0.82 -10.16 -0.80
C SER A 36 0.53 -10.85 -0.82
N LYS A 37 0.57 -12.09 -1.23
CA LYS A 37 1.85 -12.81 -1.26
C LYS A 37 2.71 -12.16 -2.32
N ILE A 38 2.06 -11.59 -3.30
CA ILE A 38 2.80 -10.91 -4.38
C ILE A 38 3.38 -9.61 -3.84
N LEU A 39 2.54 -8.76 -3.37
CA LEU A 39 2.99 -7.47 -2.80
C LEU A 39 3.99 -7.73 -1.68
N GLY A 40 3.53 -8.39 -0.65
CA GLY A 40 4.39 -8.69 0.52
C GLY A 40 5.64 -9.43 0.07
N SER A 41 5.65 -9.93 -1.12
CA SER A 41 6.85 -10.64 -1.61
C SER A 41 7.59 -9.69 -2.52
N ARG A 42 6.91 -8.65 -2.94
CA ARG A 42 7.54 -7.66 -3.80
C ARG A 42 8.15 -6.63 -2.87
N TRP A 43 7.51 -6.47 -1.74
CA TRP A 43 7.99 -5.53 -0.71
C TRP A 43 9.27 -6.06 -0.09
N LYS A 44 9.23 -7.22 0.48
CA LYS A 44 10.45 -7.77 1.07
C LYS A 44 11.50 -7.85 -0.03
N ALA A 45 11.03 -7.83 -1.24
CA ALA A 45 11.93 -7.91 -2.40
C ALA A 45 12.39 -6.52 -2.82
N MET A 46 12.11 -5.49 -2.05
CA MET A 46 12.56 -4.14 -2.44
C MET A 46 13.95 -3.91 -1.85
N THR A 47 14.21 -2.79 -1.25
CA THR A 47 15.57 -2.58 -0.70
C THR A 47 15.53 -2.02 0.72
N ASN A 48 14.39 -2.05 1.34
CA ASN A 48 14.29 -1.55 2.74
C ASN A 48 14.44 -0.02 2.77
N LEU A 49 15.53 0.49 2.29
CA LEU A 49 15.72 1.96 2.32
C LEU A 49 14.97 2.62 1.15
N GLU A 50 14.43 1.84 0.26
CA GLU A 50 13.68 2.43 -0.89
C GLU A 50 12.27 2.79 -0.46
N LYS A 51 11.74 2.10 0.51
CA LYS A 51 10.34 2.40 0.97
C LYS A 51 10.31 3.61 1.91
N GLN A 52 11.39 4.33 2.02
CA GLN A 52 11.39 5.51 2.92
C GLN A 52 10.36 6.58 2.47
N PRO A 53 10.19 6.77 1.17
CA PRO A 53 9.26 7.78 0.63
C PRO A 53 7.82 7.27 0.62
N TYR A 54 7.62 6.01 0.38
CA TYR A 54 6.24 5.47 0.39
C TYR A 54 5.69 5.61 1.80
N TYR A 55 6.55 5.94 2.72
CA TYR A 55 6.11 6.11 4.12
C TYR A 55 5.33 7.42 4.26
N GLU A 56 6.00 8.52 4.06
CA GLU A 56 5.30 9.83 4.16
C GLU A 56 4.13 9.85 3.18
N GLU A 57 4.28 9.21 2.05
CA GLU A 57 3.18 9.18 1.06
C GLU A 57 1.98 8.47 1.68
N GLN A 58 2.19 7.75 2.74
CA GLN A 58 1.06 7.05 3.40
C GLN A 58 0.26 8.06 4.19
N ALA A 59 0.94 8.78 5.02
CA ALA A 59 0.25 9.82 5.84
C ALA A 59 -0.67 10.64 4.94
N ARG A 60 -0.26 10.86 3.71
CA ARG A 60 -1.11 11.64 2.78
C ARG A 60 -2.34 10.81 2.42
N LEU A 61 -2.12 9.65 1.89
CA LEU A 61 -3.25 8.77 1.50
C LEU A 61 -3.95 8.22 2.75
N SER A 62 -3.46 8.54 3.92
CA SER A 62 -4.13 8.05 5.15
C SER A 62 -5.37 8.93 5.36
N LYS A 63 -5.14 10.20 5.44
CA LYS A 63 -6.25 11.15 5.60
C LYS A 63 -7.17 11.02 4.39
N GLN A 64 -6.57 10.82 3.23
CA GLN A 64 -7.38 10.67 1.99
C GLN A 64 -8.04 9.29 2.00
N HIS A 65 -7.38 8.30 2.53
CA HIS A 65 -8.00 6.93 2.57
C HIS A 65 -9.44 7.06 3.01
N LEU A 66 -9.65 7.57 4.19
CA LEU A 66 -11.05 7.75 4.67
C LEU A 66 -11.83 8.56 3.65
N GLU A 67 -11.22 9.60 3.14
CA GLU A 67 -11.90 10.44 2.13
C GLU A 67 -12.13 9.62 0.86
N LYS A 68 -11.53 8.46 0.77
CA LYS A 68 -11.71 7.63 -0.44
C LYS A 68 -12.93 6.72 -0.27
N TYR A 69 -13.13 6.19 0.91
CA TYR A 69 -14.31 5.31 1.14
C TYR A 69 -15.03 5.75 2.42
N PRO A 70 -15.57 6.94 2.37
CA PRO A 70 -16.31 7.52 3.50
C PRO A 70 -17.71 6.91 3.56
N ASP A 71 -18.49 7.15 2.56
CA ASP A 71 -19.87 6.61 2.53
C ASP A 71 -19.84 5.12 2.19
N TYR A 72 -19.06 4.35 2.90
CA TYR A 72 -19.00 2.90 2.61
C TYR A 72 -20.39 2.29 2.81
N PRO A 3 -10.01 4.01 3.84
CA PRO A 3 -9.57 4.92 2.74
C PRO A 3 -9.24 6.30 3.31
N HIS A 4 -10.25 7.07 3.65
CA HIS A 4 -9.99 8.43 4.21
C HIS A 4 -10.15 8.40 5.73
N ILE A 5 -9.44 7.52 6.39
CA ILE A 5 -9.55 7.45 7.88
C ILE A 5 -8.20 7.02 8.47
N LYS A 6 -8.07 7.05 9.76
CA LYS A 6 -6.79 6.64 10.39
C LYS A 6 -6.64 5.13 10.27
N ARG A 7 -6.48 4.63 9.07
CA ARG A 7 -6.32 3.16 8.90
C ARG A 7 -4.87 2.76 9.08
N PRO A 8 -4.66 1.54 9.48
CA PRO A 8 -3.31 0.97 9.70
C PRO A 8 -2.69 0.59 8.36
N MET A 9 -2.24 1.56 7.63
CA MET A 9 -1.60 1.28 6.33
C MET A 9 -0.11 1.49 6.49
N ASN A 10 0.62 1.63 5.45
CA ASN A 10 2.07 1.83 5.61
C ASN A 10 2.72 1.94 4.24
N ALA A 11 4.00 2.10 4.20
CA ALA A 11 4.67 2.23 2.89
C ALA A 11 4.38 0.98 2.06
N PHE A 12 4.20 -0.12 2.72
CA PHE A 12 3.92 -1.37 1.99
C PHE A 12 2.55 -1.32 1.34
N MET A 13 1.52 -1.21 2.10
CA MET A 13 0.17 -1.14 1.48
C MET A 13 0.15 0.11 0.63
N VAL A 14 1.08 1.00 0.89
CA VAL A 14 1.15 2.25 0.11
C VAL A 14 1.90 2.01 -1.17
N TRP A 15 2.99 1.32 -1.08
CA TRP A 15 3.78 1.03 -2.30
C TRP A 15 3.16 -0.16 -3.01
N ALA A 16 2.59 -1.03 -2.25
CA ALA A 16 1.95 -2.25 -2.82
C ALA A 16 0.59 -1.93 -3.46
N LYS A 17 -0.02 -0.81 -3.14
CA LYS A 17 -1.33 -0.52 -3.76
C LYS A 17 -1.10 -0.23 -5.23
N ASP A 18 0.08 0.19 -5.54
CA ASP A 18 0.43 0.48 -6.93
C ASP A 18 1.15 -0.75 -7.47
N GLU A 19 1.95 -1.34 -6.65
CA GLU A 19 2.67 -2.56 -7.06
C GLU A 19 1.62 -3.64 -7.32
N ARG A 20 0.54 -3.60 -6.59
CA ARG A 20 -0.55 -4.59 -6.80
C ARG A 20 -1.31 -4.15 -8.03
N ARG A 21 -1.47 -2.88 -8.18
CA ARG A 21 -2.18 -2.35 -9.36
C ARG A 21 -1.32 -2.65 -10.57
N LYS A 22 -0.03 -2.56 -10.38
CA LYS A 22 0.91 -2.84 -11.49
C LYS A 22 0.95 -4.34 -11.74
N ILE A 23 0.58 -5.13 -10.77
CA ILE A 23 0.60 -6.60 -10.95
C ILE A 23 -0.80 -7.08 -11.34
N LEU A 24 -1.80 -6.61 -10.64
CA LEU A 24 -3.18 -7.01 -10.95
C LEU A 24 -3.45 -6.80 -12.43
N GLN A 25 -2.78 -5.87 -13.00
CA GLN A 25 -2.97 -5.61 -14.43
C GLN A 25 -2.48 -6.85 -15.15
N ALA A 26 -1.43 -7.38 -14.62
CA ALA A 26 -0.81 -8.60 -15.18
C ALA A 26 -1.46 -9.83 -14.53
N PHE A 27 -2.32 -9.60 -13.56
CA PHE A 27 -2.99 -10.73 -12.87
C PHE A 27 -4.32 -10.20 -12.30
N PRO A 28 -5.22 -9.89 -13.19
CA PRO A 28 -6.56 -9.38 -12.82
C PRO A 28 -7.40 -10.49 -12.21
N ASP A 29 -6.89 -11.68 -12.19
CA ASP A 29 -7.62 -12.81 -11.57
C ASP A 29 -7.01 -13.03 -10.19
N MET A 30 -5.72 -12.88 -10.11
CA MET A 30 -5.02 -13.00 -8.81
C MET A 30 -5.52 -11.89 -7.93
N HIS A 31 -6.55 -12.15 -7.21
CA HIS A 31 -7.15 -11.10 -6.36
C HIS A 31 -6.25 -10.76 -5.17
N ASN A 32 -6.67 -9.85 -4.34
CA ASN A 32 -5.85 -9.42 -3.16
C ASN A 32 -5.39 -10.63 -2.34
N SER A 33 -6.28 -11.43 -1.85
CA SER A 33 -5.89 -12.61 -1.02
C SER A 33 -4.61 -13.24 -1.58
N ASN A 34 -4.47 -13.29 -2.87
CA ASN A 34 -3.23 -13.90 -3.45
C ASN A 34 -2.23 -12.78 -3.76
N ILE A 35 -2.69 -11.71 -4.36
CA ILE A 35 -1.77 -10.59 -4.69
C ILE A 35 -1.06 -10.16 -3.41
N SER A 36 -1.69 -10.34 -2.29
CA SER A 36 -1.08 -9.97 -0.99
C SER A 36 0.27 -10.66 -0.87
N LYS A 37 0.33 -11.92 -1.20
CA LYS A 37 1.60 -12.66 -1.11
C LYS A 37 2.54 -12.10 -2.17
N ILE A 38 1.95 -11.58 -3.20
CA ILE A 38 2.78 -10.99 -4.28
C ILE A 38 3.37 -9.69 -3.77
N LEU A 39 2.54 -8.82 -3.31
CA LEU A 39 3.02 -7.52 -2.76
C LEU A 39 3.99 -7.79 -1.61
N GLY A 40 3.52 -8.46 -0.61
CA GLY A 40 4.39 -8.77 0.56
C GLY A 40 5.67 -9.45 0.08
N SER A 41 5.67 -9.94 -1.13
CA SER A 41 6.88 -10.58 -1.66
C SER A 41 7.57 -9.58 -2.56
N ARG A 42 6.83 -8.58 -2.96
CA ARG A 42 7.38 -7.52 -3.79
C ARG A 42 7.96 -6.50 -2.85
N TRP A 43 7.37 -6.43 -1.69
CA TRP A 43 7.83 -5.50 -0.64
C TRP A 43 9.19 -5.94 -0.14
N LYS A 44 9.28 -7.14 0.32
CA LYS A 44 10.58 -7.64 0.82
C LYS A 44 11.56 -7.64 -0.35
N ALA A 45 11.03 -7.52 -1.54
CA ALA A 45 11.87 -7.57 -2.76
C ALA A 45 12.49 -6.18 -3.06
N MET A 46 11.69 -5.15 -3.08
CA MET A 46 12.20 -3.78 -3.39
C MET A 46 13.40 -3.43 -2.51
N THR A 47 13.77 -2.18 -2.43
CA THR A 47 14.96 -1.85 -1.62
C THR A 47 14.56 -0.93 -0.50
N ASN A 48 14.50 -1.45 0.67
CA ASN A 48 14.14 -0.63 1.86
C ASN A 48 14.78 0.76 1.74
N LEU A 49 15.90 0.86 1.07
CA LEU A 49 16.57 2.19 0.91
C LEU A 49 15.71 3.06 -0.01
N GLU A 50 15.04 2.45 -0.95
CA GLU A 50 14.17 3.21 -1.88
C GLU A 50 12.82 3.49 -1.22
N LYS A 51 12.71 3.25 0.06
CA LYS A 51 11.41 3.44 0.77
C LYS A 51 11.19 4.90 1.17
N GLN A 52 12.05 5.79 0.78
CA GLN A 52 11.86 7.22 1.17
C GLN A 52 10.52 7.80 0.64
N PRO A 53 10.06 7.36 -0.53
CA PRO A 53 8.80 7.91 -1.10
C PRO A 53 7.58 7.19 -0.53
N TYR A 54 7.54 5.89 -0.61
CA TYR A 54 6.37 5.14 -0.08
C TYR A 54 6.29 5.38 1.40
N TYR A 55 7.34 5.90 1.97
CA TYR A 55 7.31 6.16 3.43
C TYR A 55 6.66 7.53 3.67
N GLU A 56 7.17 8.54 3.04
CA GLU A 56 6.60 9.90 3.22
C GLU A 56 5.21 9.96 2.61
N GLU A 57 4.94 9.17 1.60
CA GLU A 57 3.59 9.21 0.98
C GLU A 57 2.55 8.79 2.02
N GLN A 58 2.97 8.11 3.05
CA GLN A 58 2.00 7.67 4.09
C GLN A 58 1.76 8.84 5.04
N ALA A 59 2.83 9.39 5.52
CA ALA A 59 2.72 10.52 6.47
C ALA A 59 1.98 11.69 5.82
N ARG A 60 2.08 11.86 4.53
CA ARG A 60 1.36 13.00 3.89
C ARG A 60 -0.14 12.73 3.89
N LEU A 61 -0.56 11.59 3.41
CA LEU A 61 -2.02 11.30 3.39
C LEU A 61 -2.56 11.30 4.82
N SER A 62 -1.70 11.21 5.81
CA SER A 62 -2.19 11.22 7.22
C SER A 62 -2.46 12.67 7.62
N LYS A 63 -1.62 13.56 7.18
CA LYS A 63 -1.78 14.99 7.52
C LYS A 63 -3.08 15.53 6.92
N GLN A 64 -3.35 15.20 5.69
CA GLN A 64 -4.60 15.68 5.04
C GLN A 64 -5.80 14.95 5.65
N HIS A 65 -5.61 13.73 6.07
CA HIS A 65 -6.73 12.96 6.67
C HIS A 65 -7.36 13.77 7.80
N LEU A 66 -6.67 13.87 8.91
CA LEU A 66 -7.20 14.63 10.06
C LEU A 66 -7.73 15.97 9.58
N GLU A 67 -7.07 16.58 8.63
CA GLU A 67 -7.52 17.89 8.12
C GLU A 67 -8.96 17.79 7.63
N LYS A 68 -9.45 16.61 7.41
CA LYS A 68 -10.84 16.46 6.94
C LYS A 68 -11.78 16.34 8.13
N TYR A 69 -11.54 15.38 8.98
CA TYR A 69 -12.42 15.21 10.19
C TYR A 69 -11.66 14.46 11.29
N PRO A 70 -11.55 15.07 12.44
CA PRO A 70 -10.86 14.46 13.59
C PRO A 70 -11.79 13.45 14.27
N ASP A 71 -12.62 13.90 15.17
CA ASP A 71 -13.56 12.99 15.85
C ASP A 71 -14.73 12.68 14.91
N TYR A 72 -15.85 13.26 15.18
CA TYR A 72 -17.04 13.02 14.32
C TYR A 72 -16.75 13.50 12.90
N PRO A 3 -4.81 0.89 19.96
CA PRO A 3 -5.78 1.81 19.29
C PRO A 3 -6.67 1.03 18.33
N HIS A 4 -7.62 1.68 17.71
CA HIS A 4 -8.52 0.96 16.76
C HIS A 4 -8.42 1.59 15.37
N ILE A 5 -7.22 1.73 14.87
CA ILE A 5 -7.05 2.36 13.52
C ILE A 5 -6.31 1.38 12.60
N LYS A 6 -6.93 0.28 12.25
CA LYS A 6 -6.25 -0.69 11.34
C LYS A 6 -6.26 -0.17 9.91
N ARG A 7 -5.46 0.84 9.64
CA ARG A 7 -5.41 1.41 8.26
C ARG A 7 -4.02 1.17 7.68
N PRO A 8 -3.87 1.42 6.40
CA PRO A 8 -2.57 1.26 5.71
C PRO A 8 -1.62 2.36 6.17
N MET A 9 -1.01 2.14 7.30
CA MET A 9 -0.06 3.12 7.87
C MET A 9 1.36 2.70 7.53
N ASN A 10 1.45 1.75 6.69
CA ASN A 10 2.76 1.21 6.29
C ASN A 10 2.98 1.50 4.82
N ALA A 11 4.19 1.76 4.46
CA ALA A 11 4.50 2.08 3.05
C ALA A 11 4.21 0.88 2.18
N PHE A 12 4.05 -0.26 2.78
CA PHE A 12 3.79 -1.49 2.01
C PHE A 12 2.45 -1.40 1.30
N MET A 13 1.37 -1.40 2.02
CA MET A 13 0.05 -1.30 1.35
C MET A 13 0.05 -0.01 0.56
N VAL A 14 0.96 0.88 0.89
CA VAL A 14 1.04 2.16 0.18
C VAL A 14 1.79 1.96 -1.11
N TRP A 15 2.90 1.31 -1.02
CA TRP A 15 3.71 1.08 -2.25
C TRP A 15 3.12 -0.11 -3.00
N ALA A 16 2.59 -1.03 -2.25
CA ALA A 16 1.99 -2.25 -2.84
C ALA A 16 0.68 -1.94 -3.55
N LYS A 17 0.07 -0.82 -3.23
CA LYS A 17 -1.21 -0.48 -3.89
C LYS A 17 -0.94 -0.24 -5.37
N ASP A 18 0.23 0.25 -5.67
CA ASP A 18 0.58 0.49 -7.08
C ASP A 18 1.26 -0.77 -7.59
N GLU A 19 2.01 -1.40 -6.74
CA GLU A 19 2.70 -2.66 -7.10
C GLU A 19 1.63 -3.73 -7.36
N ARG A 20 0.56 -3.66 -6.64
CA ARG A 20 -0.55 -4.63 -6.86
C ARG A 20 -1.31 -4.18 -8.09
N ARG A 21 -1.45 -2.89 -8.23
CA ARG A 21 -2.16 -2.34 -9.39
C ARG A 21 -1.33 -2.62 -10.62
N LYS A 22 -0.04 -2.47 -10.51
CA LYS A 22 0.82 -2.73 -11.68
C LYS A 22 0.89 -4.24 -11.92
N ILE A 23 0.52 -5.02 -10.94
CA ILE A 23 0.54 -6.49 -11.10
C ILE A 23 -0.87 -6.96 -11.47
N LEU A 24 -1.82 -6.54 -10.71
CA LEU A 24 -3.24 -6.90 -10.97
C LEU A 24 -3.56 -6.68 -12.43
N GLN A 25 -2.89 -5.76 -13.01
CA GLN A 25 -3.11 -5.45 -14.43
C GLN A 25 -2.72 -6.68 -15.22
N ALA A 26 -1.67 -7.27 -14.76
CA ALA A 26 -1.14 -8.48 -15.39
C ALA A 26 -1.85 -9.71 -14.84
N PHE A 27 -2.52 -9.58 -13.71
CA PHE A 27 -3.24 -10.75 -13.15
C PHE A 27 -4.33 -10.27 -12.19
N PRO A 28 -5.37 -9.72 -12.75
CA PRO A 28 -6.53 -9.21 -11.99
C PRO A 28 -7.31 -10.37 -11.35
N ASP A 29 -6.96 -11.57 -11.70
CA ASP A 29 -7.66 -12.74 -11.10
C ASP A 29 -6.74 -13.37 -10.06
N MET A 30 -5.46 -13.20 -10.24
CA MET A 30 -4.47 -13.76 -9.27
C MET A 30 -4.68 -13.13 -7.90
N HIS A 31 -5.45 -12.10 -7.84
CA HIS A 31 -5.66 -11.42 -6.53
C HIS A 31 -6.14 -12.41 -5.49
N ASN A 32 -7.01 -13.31 -5.88
CA ASN A 32 -7.59 -14.31 -4.92
C ASN A 32 -6.70 -14.48 -3.69
N SER A 33 -6.83 -13.58 -2.75
CA SER A 33 -6.00 -13.65 -1.52
C SER A 33 -4.58 -14.10 -1.92
N ASN A 34 -4.17 -13.71 -3.10
CA ASN A 34 -2.83 -14.12 -3.61
C ASN A 34 -1.92 -12.90 -3.77
N ILE A 35 -2.37 -11.90 -4.47
CA ILE A 35 -1.54 -10.69 -4.69
C ILE A 35 -0.97 -10.19 -3.37
N SER A 36 -1.72 -10.29 -2.32
CA SER A 36 -1.22 -9.84 -1.00
C SER A 36 0.12 -10.51 -0.73
N LYS A 37 0.22 -11.77 -1.00
CA LYS A 37 1.50 -12.48 -0.75
C LYS A 37 2.49 -12.00 -1.81
N ILE A 38 1.97 -11.57 -2.91
CA ILE A 38 2.85 -11.07 -4.00
C ILE A 38 3.45 -9.74 -3.56
N LEU A 39 2.61 -8.82 -3.20
CA LEU A 39 3.09 -7.50 -2.74
C LEU A 39 4.06 -7.70 -1.59
N GLY A 40 3.59 -8.32 -0.55
CA GLY A 40 4.46 -8.56 0.65
C GLY A 40 5.70 -9.34 0.20
N SER A 41 5.67 -9.88 -0.97
CA SER A 41 6.84 -10.61 -1.47
C SER A 41 7.59 -9.67 -2.40
N ARG A 42 6.91 -8.65 -2.84
CA ARG A 42 7.54 -7.66 -3.70
C ARG A 42 8.16 -6.63 -2.78
N TRP A 43 7.52 -6.47 -1.65
CA TRP A 43 7.99 -5.53 -0.62
C TRP A 43 9.34 -5.99 -0.09
N LYS A 44 9.38 -7.17 0.46
CA LYS A 44 10.66 -7.67 0.99
C LYS A 44 11.63 -7.75 -0.18
N ALA A 45 11.07 -7.81 -1.35
CA ALA A 45 11.89 -7.89 -2.57
C ALA A 45 12.35 -6.48 -2.98
N MET A 46 11.81 -5.47 -2.34
CA MET A 46 12.19 -4.09 -2.69
C MET A 46 13.52 -3.74 -2.02
N THR A 47 13.81 -2.48 -1.91
CA THR A 47 15.08 -2.09 -1.27
C THR A 47 14.75 -1.11 -0.17
N ASN A 48 14.70 -1.59 1.03
CA ASN A 48 14.36 -0.73 2.21
C ASN A 48 14.72 0.74 1.96
N LEU A 49 15.82 1.00 1.32
CA LEU A 49 16.21 2.41 1.04
C LEU A 49 15.12 3.08 0.20
N GLU A 50 14.42 2.31 -0.58
CA GLU A 50 13.32 2.86 -1.42
C GLU A 50 12.03 2.96 -0.58
N LYS A 51 12.07 2.50 0.64
CA LYS A 51 10.86 2.52 1.50
C LYS A 51 10.71 3.88 2.22
N GLN A 52 11.72 4.70 2.20
CA GLN A 52 11.62 6.03 2.90
C GLN A 52 10.50 6.89 2.30
N PRO A 53 10.38 6.92 0.98
CA PRO A 53 9.37 7.75 0.30
C PRO A 53 7.98 7.13 0.42
N TYR A 54 7.84 5.87 0.16
CA TYR A 54 6.50 5.25 0.31
C TYR A 54 6.12 5.32 1.78
N TYR A 55 7.06 5.65 2.61
CA TYR A 55 6.76 5.73 4.05
C TYR A 55 6.00 7.02 4.35
N GLU A 56 6.60 8.14 4.09
CA GLU A 56 5.90 9.42 4.35
C GLU A 56 4.51 9.37 3.73
N GLU A 57 4.34 8.61 2.69
CA GLU A 57 3.00 8.51 2.07
C GLU A 57 2.03 7.92 3.10
N GLN A 58 2.56 7.20 4.06
CA GLN A 58 1.68 6.62 5.11
C GLN A 58 1.34 7.70 6.10
N ALA A 59 2.28 8.55 6.34
CA ALA A 59 2.07 9.67 7.28
C ALA A 59 0.85 10.46 6.81
N ARG A 60 0.65 10.53 5.52
CA ARG A 60 -0.53 11.26 4.99
C ARG A 60 -1.78 10.45 5.34
N LEU A 61 -1.68 9.17 5.22
CA LEU A 61 -2.85 8.29 5.55
C LEU A 61 -3.08 8.32 7.05
N SER A 62 -2.14 8.79 7.81
CA SER A 62 -2.31 8.85 9.29
C SER A 62 -3.17 10.08 9.63
N LYS A 63 -2.95 11.15 8.92
CA LYS A 63 -3.74 12.38 9.19
C LYS A 63 -5.17 12.19 8.67
N GLN A 64 -5.31 11.61 7.51
CA GLN A 64 -6.67 11.38 6.95
C GLN A 64 -7.36 10.27 7.75
N HIS A 65 -6.69 9.18 7.96
CA HIS A 65 -7.31 8.06 8.73
C HIS A 65 -8.00 8.62 9.97
N LEU A 66 -7.23 9.07 10.91
CA LEU A 66 -7.84 9.62 12.16
C LEU A 66 -8.95 10.60 11.78
N GLU A 67 -8.74 11.39 10.77
CA GLU A 67 -9.78 12.37 10.35
C GLU A 67 -11.01 11.61 9.85
N LYS A 68 -10.89 10.32 9.66
CA LYS A 68 -12.04 9.53 9.18
C LYS A 68 -12.87 9.04 10.36
N TYR A 69 -12.23 8.63 11.41
CA TYR A 69 -12.98 8.13 12.60
C TYR A 69 -12.81 9.11 13.76
N PRO A 70 -13.65 10.12 13.81
CA PRO A 70 -13.61 11.14 14.86
C PRO A 70 -14.24 10.61 16.15
N ASP A 71 -15.54 10.53 16.16
CA ASP A 71 -16.24 10.05 17.37
C ASP A 71 -16.40 8.52 17.34
N TYR A 72 -15.37 7.80 16.96
CA TYR A 72 -15.48 6.32 16.92
C TYR A 72 -15.77 5.81 18.33
N PRO A 3 -13.30 2.21 0.67
CA PRO A 3 -13.87 1.48 1.85
C PRO A 3 -13.49 2.19 3.15
N HIS A 4 -13.75 1.60 4.27
CA HIS A 4 -13.41 2.25 5.56
C HIS A 4 -12.94 1.20 6.57
N ILE A 5 -11.78 0.64 6.35
CA ILE A 5 -11.27 -0.39 7.29
C ILE A 5 -10.03 0.15 8.02
N LYS A 6 -9.91 -0.14 9.28
CA LYS A 6 -8.74 0.34 10.05
C LYS A 6 -7.59 -0.65 9.89
N ARG A 7 -6.96 -0.68 8.75
CA ARG A 7 -5.84 -1.63 8.54
C ARG A 7 -4.50 -0.93 8.77
N PRO A 8 -3.81 -1.33 9.81
CA PRO A 8 -2.50 -0.77 10.15
C PRO A 8 -1.47 -1.35 9.20
N MET A 9 -1.32 -0.74 8.06
CA MET A 9 -0.38 -1.23 7.07
C MET A 9 0.79 -0.27 7.05
N ASN A 10 1.28 0.09 5.91
CA ASN A 10 2.43 1.02 5.92
C ASN A 10 2.89 1.25 4.48
N ALA A 11 4.01 1.85 4.28
CA ALA A 11 4.49 2.12 2.90
C ALA A 11 4.27 0.87 2.05
N PHE A 12 4.18 -0.26 2.68
CA PHE A 12 3.98 -1.51 1.91
C PHE A 12 2.60 -1.53 1.25
N MET A 13 1.55 -1.59 2.02
CA MET A 13 0.20 -1.59 1.39
C MET A 13 0.10 -0.30 0.60
N VAL A 14 0.96 0.63 0.93
CA VAL A 14 0.94 1.93 0.26
C VAL A 14 1.65 1.81 -1.07
N TRP A 15 2.78 1.20 -1.06
CA TRP A 15 3.54 1.03 -2.31
C TRP A 15 2.96 -0.16 -3.06
N ALA A 16 2.46 -1.08 -2.33
CA ALA A 16 1.88 -2.31 -2.91
C ALA A 16 0.55 -1.99 -3.59
N LYS A 17 -0.09 -0.90 -3.24
CA LYS A 17 -1.38 -0.57 -3.88
C LYS A 17 -1.11 -0.28 -5.35
N ASP A 18 0.03 0.25 -5.64
CA ASP A 18 0.38 0.52 -7.04
C ASP A 18 1.12 -0.70 -7.57
N GLU A 19 1.91 -1.29 -6.73
CA GLU A 19 2.65 -2.51 -7.13
C GLU A 19 1.64 -3.63 -7.40
N ARG A 20 0.61 -3.68 -6.61
CA ARG A 20 -0.44 -4.72 -6.81
C ARG A 20 -1.29 -4.29 -7.99
N ARG A 21 -1.51 -3.02 -8.10
CA ARG A 21 -2.29 -2.49 -9.23
C ARG A 21 -1.46 -2.72 -10.47
N LYS A 22 -0.17 -2.53 -10.35
CA LYS A 22 0.74 -2.73 -11.49
C LYS A 22 0.89 -4.22 -11.77
N ILE A 23 0.58 -5.04 -10.80
CA ILE A 23 0.69 -6.50 -11.03
C ILE A 23 -0.69 -7.03 -11.40
N LEU A 24 -1.70 -6.53 -10.77
CA LEU A 24 -3.07 -6.98 -11.07
C LEU A 24 -3.34 -6.74 -12.54
N GLN A 25 -2.69 -5.78 -13.09
CA GLN A 25 -2.87 -5.47 -14.53
C GLN A 25 -2.42 -6.70 -15.29
N ALA A 26 -1.40 -7.28 -14.77
CA ALA A 26 -0.81 -8.48 -15.36
C ALA A 26 -1.55 -9.71 -14.82
N PHE A 27 -2.25 -9.54 -13.74
CA PHE A 27 -3.00 -10.67 -13.15
C PHE A 27 -4.28 -10.13 -12.51
N PRO A 28 -5.19 -9.74 -13.36
CA PRO A 28 -6.50 -9.19 -12.96
C PRO A 28 -7.36 -10.26 -12.29
N ASP A 29 -6.88 -11.48 -12.25
CA ASP A 29 -7.65 -12.56 -11.58
C ASP A 29 -6.98 -12.82 -10.24
N MET A 30 -5.71 -12.51 -10.16
CA MET A 30 -4.97 -12.71 -8.89
C MET A 30 -5.60 -11.82 -7.87
N HIS A 31 -6.48 -12.40 -7.17
CA HIS A 31 -7.24 -11.66 -6.17
C HIS A 31 -6.33 -10.97 -5.15
N ASN A 32 -6.71 -9.80 -4.72
CA ASN A 32 -5.90 -9.09 -3.71
C ASN A 32 -5.73 -10.04 -2.53
N SER A 33 -6.65 -10.96 -2.39
CA SER A 33 -6.55 -11.94 -1.27
C SER A 33 -5.25 -12.73 -1.42
N ASN A 34 -4.72 -12.77 -2.63
CA ASN A 34 -3.45 -13.51 -2.86
C ASN A 34 -2.36 -12.54 -3.28
N ILE A 35 -2.69 -11.55 -4.07
CA ILE A 35 -1.66 -10.56 -4.50
C ILE A 35 -0.95 -10.04 -3.25
N SER A 36 -1.63 -10.12 -2.14
CA SER A 36 -1.02 -9.65 -0.87
C SER A 36 0.30 -10.38 -0.66
N LYS A 37 0.31 -11.65 -0.92
CA LYS A 37 1.55 -12.43 -0.77
C LYS A 37 2.50 -12.00 -1.88
N ILE A 38 1.93 -11.58 -2.96
CA ILE A 38 2.75 -11.12 -4.10
C ILE A 38 3.39 -9.80 -3.68
N LEU A 39 2.60 -8.91 -3.20
CA LEU A 39 3.12 -7.60 -2.75
C LEU A 39 4.11 -7.82 -1.62
N GLY A 40 3.66 -8.47 -0.58
CA GLY A 40 4.55 -8.74 0.58
C GLY A 40 5.80 -9.46 0.09
N SER A 41 5.78 -9.95 -1.11
CA SER A 41 6.96 -10.63 -1.65
C SER A 41 7.65 -9.66 -2.59
N ARG A 42 6.94 -8.67 -3.02
CA ARG A 42 7.52 -7.65 -3.88
C ARG A 42 8.11 -6.60 -2.95
N TRP A 43 7.48 -6.46 -1.82
CA TRP A 43 7.92 -5.52 -0.79
C TRP A 43 9.25 -5.96 -0.23
N LYS A 44 9.29 -7.13 0.34
CA LYS A 44 10.57 -7.61 0.92
C LYS A 44 11.57 -7.67 -0.22
N ALA A 45 11.07 -7.70 -1.42
CA ALA A 45 11.94 -7.77 -2.61
C ALA A 45 12.44 -6.36 -2.94
N MET A 46 12.06 -5.37 -2.17
CA MET A 46 12.50 -3.98 -2.43
C MET A 46 13.89 -3.79 -1.84
N THR A 47 14.15 -2.71 -1.16
CA THR A 47 15.51 -2.52 -0.60
C THR A 47 15.46 -1.66 0.66
N ASN A 48 14.31 -1.39 1.19
CA ASN A 48 14.23 -0.54 2.41
C ASN A 48 14.56 0.90 2.03
N LEU A 49 15.73 1.13 1.49
CA LEU A 49 16.10 2.50 1.08
C LEU A 49 15.08 2.99 0.05
N GLU A 50 14.46 2.09 -0.65
CA GLU A 50 13.45 2.51 -1.68
C GLU A 50 12.11 2.77 -1.00
N LYS A 51 11.99 2.47 0.26
CA LYS A 51 10.71 2.69 0.97
C LYS A 51 10.60 4.14 1.48
N GLN A 52 11.58 4.95 1.22
CA GLN A 52 11.55 6.36 1.70
C GLN A 52 10.34 7.12 1.13
N PRO A 53 10.08 6.97 -0.15
CA PRO A 53 8.97 7.68 -0.81
C PRO A 53 7.62 7.08 -0.44
N TYR A 54 7.53 5.78 -0.41
CA TYR A 54 6.24 5.16 -0.02
C TYR A 54 6.09 5.27 1.49
N TYR A 55 7.10 5.79 2.14
CA TYR A 55 7.01 5.94 3.62
C TYR A 55 6.24 7.21 3.96
N GLU A 56 6.65 8.33 3.44
CA GLU A 56 5.93 9.58 3.72
C GLU A 56 4.51 9.50 3.16
N GLU A 57 4.35 8.89 2.02
CA GLU A 57 3.00 8.77 1.42
C GLU A 57 2.13 7.91 2.32
N GLN A 58 2.73 7.23 3.26
CA GLN A 58 1.94 6.38 4.20
C GLN A 58 1.44 7.29 5.31
N ALA A 59 2.34 7.85 6.03
CA ALA A 59 1.96 8.76 7.14
C ALA A 59 0.95 9.79 6.61
N ARG A 60 0.99 10.06 5.34
CA ARG A 60 0.04 11.06 4.76
C ARG A 60 -1.37 10.46 4.77
N LEU A 61 -1.55 9.38 4.08
CA LEU A 61 -2.88 8.73 4.03
C LEU A 61 -3.28 8.23 5.43
N SER A 62 -2.38 8.30 6.37
CA SER A 62 -2.73 7.85 7.76
C SER A 62 -3.54 8.96 8.41
N LYS A 63 -3.13 10.18 8.22
CA LYS A 63 -3.87 11.33 8.81
C LYS A 63 -5.26 11.37 8.18
N GLN A 64 -5.34 11.26 6.89
CA GLN A 64 -6.65 11.28 6.20
C GLN A 64 -7.42 10.00 6.56
N HIS A 65 -6.71 8.99 6.99
CA HIS A 65 -7.37 7.71 7.36
C HIS A 65 -8.41 7.98 8.45
N LEU A 66 -7.98 8.48 9.58
CA LEU A 66 -8.93 8.76 10.67
C LEU A 66 -9.88 9.87 10.24
N GLU A 67 -9.47 10.68 9.31
CA GLU A 67 -10.35 11.76 8.84
C GLU A 67 -11.41 11.14 7.92
N LYS A 68 -11.26 9.88 7.61
CA LYS A 68 -12.21 9.21 6.70
C LYS A 68 -13.46 8.71 7.44
N TYR A 69 -13.31 7.85 8.41
CA TYR A 69 -14.55 7.32 9.07
C TYR A 69 -14.69 7.64 10.58
N PRO A 70 -13.63 7.70 11.35
CA PRO A 70 -13.75 7.98 12.78
C PRO A 70 -14.00 9.46 12.99
N ASP A 71 -13.13 10.25 12.46
CA ASP A 71 -13.26 11.71 12.58
C ASP A 71 -14.10 12.26 11.43
N TYR A 72 -15.04 11.49 10.96
CA TYR A 72 -15.89 11.95 9.83
C TYR A 72 -16.75 13.14 10.28
N PRO A 3 -13.23 1.93 11.43
CA PRO A 3 -13.87 3.22 11.84
C PRO A 3 -12.79 4.30 11.97
N HIS A 4 -12.04 4.28 13.04
CA HIS A 4 -10.98 5.32 13.22
C HIS A 4 -9.94 4.80 14.23
N ILE A 5 -9.05 3.95 13.79
CA ILE A 5 -8.02 3.40 14.72
C ILE A 5 -6.71 3.24 13.98
N LYS A 6 -5.79 2.51 14.53
CA LYS A 6 -4.48 2.32 13.83
C LYS A 6 -4.70 1.45 12.60
N ARG A 7 -5.25 2.03 11.55
CA ARG A 7 -5.51 1.26 10.31
C ARG A 7 -4.18 0.79 9.69
N PRO A 8 -4.29 -0.10 8.74
CA PRO A 8 -3.12 -0.66 8.04
C PRO A 8 -2.60 0.33 7.01
N MET A 9 -1.93 1.36 7.46
CA MET A 9 -1.34 2.35 6.56
C MET A 9 0.12 2.17 6.71
N ASN A 10 0.75 1.84 5.68
CA ASN A 10 2.18 1.56 5.79
C ASN A 10 2.83 1.68 4.42
N ALA A 11 4.11 1.94 4.38
CA ALA A 11 4.79 2.09 3.09
C ALA A 11 4.53 0.87 2.24
N PHE A 12 4.34 -0.24 2.86
CA PHE A 12 4.10 -1.47 2.09
C PHE A 12 2.75 -1.41 1.42
N MET A 13 1.69 -1.43 2.18
CA MET A 13 0.36 -1.35 1.56
C MET A 13 0.29 -0.02 0.82
N VAL A 14 1.19 0.86 1.15
CA VAL A 14 1.22 2.17 0.47
C VAL A 14 1.91 2.01 -0.85
N TRP A 15 3.00 1.34 -0.85
CA TRP A 15 3.74 1.14 -2.12
C TRP A 15 3.08 -0.01 -2.88
N ALA A 16 2.56 -0.94 -2.15
CA ALA A 16 1.92 -2.13 -2.75
C ALA A 16 0.58 -1.75 -3.41
N LYS A 17 0.01 -0.63 -3.07
CA LYS A 17 -1.28 -0.24 -3.69
C LYS A 17 -1.07 -0.04 -5.19
N ASP A 18 0.06 0.48 -5.55
CA ASP A 18 0.34 0.68 -7.00
C ASP A 18 0.97 -0.60 -7.52
N GLU A 19 1.71 -1.26 -6.67
CA GLU A 19 2.33 -2.54 -7.06
C GLU A 19 1.22 -3.55 -7.27
N ARG A 20 0.16 -3.41 -6.53
CA ARG A 20 -1.01 -4.30 -6.69
C ARG A 20 -1.60 -4.03 -8.05
N ARG A 21 -1.80 -2.78 -8.31
CA ARG A 21 -2.35 -2.35 -9.60
C ARG A 21 -1.35 -2.68 -10.68
N LYS A 22 -0.10 -2.47 -10.41
CA LYS A 22 0.91 -2.76 -11.43
C LYS A 22 1.06 -4.28 -11.58
N ILE A 23 0.59 -5.03 -10.61
CA ILE A 23 0.68 -6.51 -10.71
C ILE A 23 -0.66 -7.05 -11.20
N LEU A 24 -1.73 -6.61 -10.62
CA LEU A 24 -3.07 -7.08 -11.05
C LEU A 24 -3.18 -6.94 -12.56
N GLN A 25 -2.47 -6.01 -13.09
CA GLN A 25 -2.50 -5.81 -14.55
C GLN A 25 -1.97 -7.07 -15.17
N ALA A 26 -1.00 -7.60 -14.51
CA ALA A 26 -0.34 -8.83 -14.96
C ALA A 26 -1.05 -10.05 -14.35
N PHE A 27 -1.96 -9.82 -13.45
CA PHE A 27 -2.69 -10.94 -12.82
C PHE A 27 -4.04 -10.44 -12.32
N PRO A 28 -4.93 -10.19 -13.25
CA PRO A 28 -6.29 -9.69 -12.97
C PRO A 28 -7.14 -10.78 -12.29
N ASP A 29 -6.61 -11.96 -12.16
CA ASP A 29 -7.37 -13.03 -11.47
C ASP A 29 -6.79 -13.17 -10.07
N MET A 30 -5.51 -12.97 -9.95
CA MET A 30 -4.86 -13.03 -8.63
C MET A 30 -5.43 -11.91 -7.79
N HIS A 31 -6.44 -12.21 -7.06
CA HIS A 31 -7.11 -11.16 -6.26
C HIS A 31 -6.31 -10.84 -4.98
N ASN A 32 -6.79 -9.88 -4.23
CA ASN A 32 -6.08 -9.46 -2.98
C ASN A 32 -5.55 -10.67 -2.19
N SER A 33 -6.42 -11.43 -1.59
CA SER A 33 -5.99 -12.60 -0.78
C SER A 33 -4.75 -13.25 -1.40
N ASN A 34 -4.62 -13.20 -2.69
CA ASN A 34 -3.42 -13.82 -3.34
C ASN A 34 -2.38 -12.73 -3.65
N ILE A 35 -2.82 -11.60 -4.15
CA ILE A 35 -1.85 -10.51 -4.46
C ILE A 35 -1.09 -10.18 -3.19
N SER A 36 -1.74 -10.27 -2.06
CA SER A 36 -1.08 -9.98 -0.77
C SER A 36 0.26 -10.70 -0.73
N LYS A 37 0.28 -11.94 -1.11
CA LYS A 37 1.55 -12.71 -1.09
C LYS A 37 2.44 -12.12 -2.17
N ILE A 38 1.82 -11.57 -3.17
CA ILE A 38 2.59 -10.96 -4.27
C ILE A 38 3.18 -9.64 -3.77
N LEU A 39 2.32 -8.77 -3.35
CA LEU A 39 2.79 -7.46 -2.83
C LEU A 39 3.84 -7.68 -1.76
N GLY A 40 3.44 -8.32 -0.70
CA GLY A 40 4.39 -8.56 0.43
C GLY A 40 5.60 -9.33 -0.07
N SER A 41 5.51 -9.89 -1.24
CA SER A 41 6.67 -10.61 -1.79
C SER A 41 7.36 -9.67 -2.75
N ARG A 42 6.66 -8.67 -3.17
CA ARG A 42 7.24 -7.66 -4.06
C ARG A 42 7.88 -6.64 -3.15
N TRP A 43 7.30 -6.49 -2.00
CA TRP A 43 7.81 -5.56 -0.98
C TRP A 43 9.20 -5.97 -0.56
N LYS A 44 9.33 -7.14 -0.01
CA LYS A 44 10.66 -7.60 0.42
C LYS A 44 11.54 -7.69 -0.83
N ALA A 45 10.92 -7.65 -1.97
CA ALA A 45 11.66 -7.78 -3.25
C ALA A 45 12.14 -6.41 -3.76
N MET A 46 11.63 -5.31 -3.25
CA MET A 46 12.10 -3.99 -3.74
C MET A 46 13.43 -3.67 -3.06
N THR A 47 13.52 -2.62 -2.32
CA THR A 47 14.81 -2.35 -1.67
C THR A 47 14.55 -1.90 -0.26
N ASN A 48 14.64 -2.82 0.65
CA ASN A 48 14.37 -2.50 2.08
C ASN A 48 14.86 -1.09 2.44
N LEU A 49 15.88 -0.61 1.77
CA LEU A 49 16.39 0.76 2.08
C LEU A 49 15.51 1.81 1.36
N GLU A 50 14.81 1.41 0.35
CA GLU A 50 13.95 2.34 -0.43
C GLU A 50 12.58 2.55 0.26
N LYS A 51 12.51 2.32 1.55
CA LYS A 51 11.21 2.49 2.26
C LYS A 51 11.00 3.97 2.63
N GLN A 52 12.03 4.77 2.51
CA GLN A 52 11.92 6.22 2.89
C GLN A 52 10.78 6.94 2.15
N PRO A 53 10.67 6.73 0.87
CA PRO A 53 9.64 7.40 0.04
C PRO A 53 8.26 6.83 0.30
N TYR A 54 8.11 5.53 0.30
CA TYR A 54 6.77 4.97 0.56
C TYR A 54 6.45 5.18 2.03
N TYR A 55 7.43 5.61 2.78
CA TYR A 55 7.19 5.84 4.23
C TYR A 55 6.55 7.20 4.44
N GLU A 56 6.98 8.19 3.71
CA GLU A 56 6.41 9.54 3.88
C GLU A 56 4.95 9.53 3.42
N GLU A 57 4.63 8.69 2.49
CA GLU A 57 3.22 8.64 2.01
C GLU A 57 2.34 8.11 3.13
N GLN A 58 2.92 7.46 4.10
CA GLN A 58 2.11 6.92 5.24
C GLN A 58 1.96 8.03 6.27
N ALA A 59 3.05 8.61 6.62
CA ALA A 59 3.03 9.71 7.62
C ALA A 59 2.18 10.87 7.09
N ARG A 60 2.15 11.07 5.80
CA ARG A 60 1.32 12.20 5.25
C ARG A 60 -0.15 11.84 5.38
N LEU A 61 -0.52 10.67 4.93
CA LEU A 61 -1.94 10.25 5.03
C LEU A 61 -2.31 10.08 6.51
N SER A 62 -1.32 9.96 7.35
CA SER A 62 -1.60 9.82 8.81
C SER A 62 -2.03 11.19 9.32
N LYS A 63 -1.47 12.22 8.76
CA LYS A 63 -1.84 13.59 9.18
C LYS A 63 -3.33 13.80 8.89
N GLN A 64 -3.76 13.38 7.73
CA GLN A 64 -5.21 13.53 7.38
C GLN A 64 -6.01 12.54 8.22
N HIS A 65 -5.36 11.56 8.78
CA HIS A 65 -6.07 10.55 9.60
C HIS A 65 -6.30 11.12 11.00
N LEU A 66 -5.25 11.33 11.74
CA LEU A 66 -5.39 11.88 13.12
C LEU A 66 -6.11 13.22 13.06
N GLU A 67 -5.83 14.00 12.05
CA GLU A 67 -6.50 15.32 11.94
C GLU A 67 -8.02 15.13 11.95
N LYS A 68 -8.47 13.93 11.69
CA LYS A 68 -9.93 13.66 11.70
C LYS A 68 -10.39 13.37 13.12
N TYR A 69 -9.81 12.38 13.73
CA TYR A 69 -10.22 12.02 15.13
C TYR A 69 -9.06 11.27 15.81
N PRO A 70 -8.56 11.83 16.88
CA PRO A 70 -7.46 11.22 17.64
C PRO A 70 -8.02 10.08 18.50
N ASP A 71 -8.36 10.36 19.73
CA ASP A 71 -8.92 9.32 20.60
C ASP A 71 -10.44 9.38 20.48
N TYR A 72 -11.08 9.82 21.52
CA TYR A 72 -12.56 9.93 21.48
C TYR A 72 -12.98 11.06 20.53
N PRO A 3 -14.74 -1.96 9.67
CA PRO A 3 -15.86 -2.14 8.70
C PRO A 3 -15.39 -1.80 7.28
N HIS A 4 -14.61 -0.76 7.15
CA HIS A 4 -14.09 -0.38 5.80
C HIS A 4 -13.16 0.82 5.93
N ILE A 5 -11.94 0.59 6.32
CA ILE A 5 -10.99 1.73 6.48
C ILE A 5 -9.59 1.29 6.08
N LYS A 6 -9.32 1.23 4.80
CA LYS A 6 -7.97 0.81 4.35
C LYS A 6 -6.98 1.92 4.71
N ARG A 7 -6.68 2.06 5.98
CA ARG A 7 -5.75 3.14 6.41
C ARG A 7 -4.31 2.80 5.99
N PRO A 8 -3.72 3.69 5.22
CA PRO A 8 -2.34 3.54 4.74
C PRO A 8 -1.38 3.91 5.86
N MET A 9 -0.98 2.95 6.63
CA MET A 9 -0.08 3.22 7.76
C MET A 9 1.32 2.73 7.41
N ASN A 10 1.38 1.90 6.42
CA ASN A 10 2.67 1.32 5.99
C ASN A 10 2.95 1.71 4.55
N ALA A 11 4.19 1.97 4.26
CA ALA A 11 4.58 2.32 2.86
C ALA A 11 4.34 1.11 1.97
N PHE A 12 4.14 -0.02 2.57
CA PHE A 12 3.92 -1.25 1.80
C PHE A 12 2.55 -1.19 1.15
N MET A 13 1.52 -1.04 1.91
CA MET A 13 0.19 -0.93 1.28
C MET A 13 0.22 0.31 0.41
N VAL A 14 1.19 1.16 0.63
CA VAL A 14 1.30 2.39 -0.18
C VAL A 14 2.02 2.05 -1.46
N TRP A 15 3.10 1.35 -1.32
CA TRP A 15 3.89 0.99 -2.51
C TRP A 15 3.23 -0.20 -3.20
N ALA A 16 2.69 -1.08 -2.42
CA ALA A 16 2.03 -2.29 -2.95
C ALA A 16 0.68 -1.93 -3.58
N LYS A 17 0.09 -0.82 -3.21
CA LYS A 17 -1.21 -0.44 -3.79
C LYS A 17 -1.01 -0.13 -5.27
N ASP A 18 0.17 0.28 -5.62
CA ASP A 18 0.47 0.58 -7.04
C ASP A 18 1.06 -0.67 -7.64
N GLU A 19 1.70 -1.45 -6.82
CA GLU A 19 2.30 -2.71 -7.28
C GLU A 19 1.16 -3.70 -7.51
N ARG A 20 0.17 -3.66 -6.65
CA ARG A 20 -1.01 -4.53 -6.81
C ARG A 20 -1.68 -4.10 -8.09
N ARG A 21 -1.81 -2.83 -8.23
CA ARG A 21 -2.42 -2.26 -9.42
C ARG A 21 -1.50 -2.53 -10.60
N LYS A 22 -0.22 -2.45 -10.35
CA LYS A 22 0.76 -2.70 -11.44
C LYS A 22 0.79 -4.19 -11.74
N ILE A 23 0.41 -5.00 -10.80
CA ILE A 23 0.42 -6.46 -11.06
C ILE A 23 -0.98 -6.92 -11.42
N LEU A 24 -1.95 -6.49 -10.69
CA LEU A 24 -3.34 -6.88 -10.99
C LEU A 24 -3.63 -6.65 -12.45
N GLN A 25 -2.98 -5.68 -13.00
CA GLN A 25 -3.18 -5.38 -14.43
C GLN A 25 -2.71 -6.59 -15.19
N ALA A 26 -1.64 -7.12 -14.70
CA ALA A 26 -1.04 -8.31 -15.32
C ALA A 26 -1.67 -9.57 -14.73
N PHE A 27 -2.39 -9.45 -13.64
CA PHE A 27 -3.02 -10.64 -13.03
C PHE A 27 -4.19 -10.22 -12.14
N PRO A 28 -5.24 -9.75 -12.77
CA PRO A 28 -6.46 -9.32 -12.07
C PRO A 28 -7.22 -10.53 -11.52
N ASP A 29 -6.77 -11.70 -11.84
CA ASP A 29 -7.42 -12.93 -11.31
C ASP A 29 -6.53 -13.50 -10.21
N MET A 30 -5.25 -13.26 -10.33
CA MET A 30 -4.27 -13.76 -9.32
C MET A 30 -4.57 -13.12 -7.96
N HIS A 31 -5.42 -12.16 -7.93
CA HIS A 31 -5.70 -11.48 -6.63
C HIS A 31 -6.13 -12.49 -5.58
N ASN A 32 -7.01 -13.40 -5.93
CA ASN A 32 -7.55 -14.41 -4.95
C ASN A 32 -6.67 -14.49 -3.71
N SER A 33 -6.79 -13.52 -2.82
CA SER A 33 -5.95 -13.52 -1.59
C SER A 33 -4.55 -14.03 -1.96
N ASN A 34 -4.13 -13.74 -3.17
CA ASN A 34 -2.81 -14.21 -3.66
C ASN A 34 -1.85 -13.04 -3.80
N ILE A 35 -2.29 -11.99 -4.44
CA ILE A 35 -1.40 -10.81 -4.64
C ILE A 35 -0.79 -10.40 -3.31
N SER A 36 -1.52 -10.52 -2.25
CA SER A 36 -0.96 -10.16 -0.93
C SER A 36 0.41 -10.82 -0.78
N LYS A 37 0.51 -12.05 -1.19
CA LYS A 37 1.81 -12.75 -1.07
C LYS A 37 2.74 -12.17 -2.12
N ILE A 38 2.16 -11.63 -3.16
CA ILE A 38 2.98 -11.02 -4.23
C ILE A 38 3.53 -9.70 -3.72
N LEU A 39 2.67 -8.86 -3.26
CA LEU A 39 3.10 -7.55 -2.73
C LEU A 39 4.06 -7.78 -1.56
N GLY A 40 3.55 -8.41 -0.54
CA GLY A 40 4.36 -8.68 0.68
C GLY A 40 5.62 -9.45 0.30
N SER A 41 5.66 -9.99 -0.87
CA SER A 41 6.87 -10.72 -1.29
C SER A 41 7.64 -9.80 -2.22
N ARG A 42 6.98 -8.79 -2.70
CA ARG A 42 7.64 -7.82 -3.57
C ARG A 42 8.21 -6.77 -2.65
N TRP A 43 7.53 -6.59 -1.55
CA TRP A 43 7.95 -5.61 -0.53
C TRP A 43 9.22 -6.07 0.16
N LYS A 44 9.19 -7.21 0.77
CA LYS A 44 10.39 -7.73 1.46
C LYS A 44 11.47 -7.91 0.41
N ALA A 45 11.06 -7.96 -0.83
CA ALA A 45 12.01 -8.14 -1.93
C ALA A 45 12.51 -6.78 -2.40
N MET A 46 12.14 -5.72 -1.72
CA MET A 46 12.59 -4.37 -2.13
C MET A 46 14.04 -4.14 -1.67
N THR A 47 14.34 -3.03 -1.05
CA THR A 47 15.75 -2.77 -0.63
C THR A 47 15.82 -2.11 0.74
N ASN A 48 14.78 -1.41 1.13
CA ASN A 48 14.73 -0.67 2.43
C ASN A 48 14.94 0.81 2.13
N LEU A 49 15.85 1.11 1.26
CA LEU A 49 16.08 2.53 0.86
C LEU A 49 15.00 2.90 -0.14
N GLU A 50 14.51 1.91 -0.85
CA GLU A 50 13.43 2.15 -1.84
C GLU A 50 12.11 2.15 -1.08
N LYS A 51 12.08 1.51 0.06
CA LYS A 51 10.85 1.47 0.89
C LYS A 51 10.70 2.79 1.66
N GLN A 52 11.79 3.45 1.92
CA GLN A 52 11.76 4.72 2.72
C GLN A 52 10.92 5.83 2.06
N PRO A 53 11.03 6.00 0.78
CA PRO A 53 10.30 7.06 0.07
C PRO A 53 8.81 6.74 -0.06
N TYR A 54 8.46 5.49 0.00
CA TYR A 54 7.01 5.15 -0.07
C TYR A 54 6.40 5.38 1.30
N TYR A 55 7.21 5.79 2.22
CA TYR A 55 6.72 6.04 3.60
C TYR A 55 6.10 7.44 3.65
N GLU A 56 6.78 8.40 3.08
CA GLU A 56 6.26 9.80 3.08
C GLU A 56 5.01 9.90 2.19
N GLU A 57 5.06 9.37 1.00
CA GLU A 57 3.87 9.46 0.11
C GLU A 57 2.68 8.79 0.79
N GLN A 58 2.94 8.03 1.83
CA GLN A 58 1.83 7.36 2.55
C GLN A 58 1.11 8.42 3.37
N ALA A 59 1.84 9.05 4.23
CA ALA A 59 1.25 10.12 5.06
C ALA A 59 0.41 11.03 4.15
N ARG A 60 0.87 11.26 2.96
CA ARG A 60 0.11 12.13 2.02
C ARG A 60 -1.17 11.43 1.60
N LEU A 61 -1.03 10.27 0.99
CA LEU A 61 -2.21 9.52 0.54
C LEU A 61 -3.08 9.14 1.75
N SER A 62 -2.60 9.34 2.95
CA SER A 62 -3.43 9.00 4.13
C SER A 62 -4.47 10.09 4.28
N LYS A 63 -4.05 11.31 4.14
CA LYS A 63 -5.00 12.46 4.25
C LYS A 63 -5.92 12.43 3.03
N GLN A 64 -5.45 11.92 1.92
CA GLN A 64 -6.29 11.86 0.70
C GLN A 64 -7.31 10.72 0.83
N HIS A 65 -6.97 9.71 1.59
CA HIS A 65 -7.92 8.57 1.75
C HIS A 65 -9.17 9.05 2.49
N LEU A 66 -9.03 9.49 3.70
CA LEU A 66 -10.22 9.95 4.45
C LEU A 66 -11.00 10.94 3.60
N GLU A 67 -10.33 11.83 2.93
CA GLU A 67 -11.03 12.81 2.08
C GLU A 67 -11.63 12.10 0.87
N LYS A 68 -11.30 10.86 0.67
CA LYS A 68 -11.84 10.12 -0.51
C LYS A 68 -13.23 9.58 -0.21
N TYR A 69 -13.50 9.22 1.02
CA TYR A 69 -14.85 8.69 1.34
C TYR A 69 -15.48 9.52 2.46
N PRO A 70 -15.88 10.72 2.12
CA PRO A 70 -16.51 11.65 3.07
C PRO A 70 -17.98 11.28 3.26
N ASP A 71 -18.76 11.45 2.25
CA ASP A 71 -20.20 11.13 2.33
C ASP A 71 -20.44 9.66 1.98
N TYR A 72 -19.52 8.80 2.34
CA TYR A 72 -19.70 7.35 2.02
C TYR A 72 -20.96 6.82 2.72
N PRO A 3 -13.34 10.12 -0.97
CA PRO A 3 -14.34 10.12 0.15
C PRO A 3 -13.76 9.41 1.37
N HIS A 4 -13.25 8.22 1.19
CA HIS A 4 -12.67 7.47 2.34
C HIS A 4 -11.62 6.47 1.84
N ILE A 5 -10.37 6.86 1.86
CA ILE A 5 -9.31 5.94 1.37
C ILE A 5 -8.49 5.43 2.56
N LYS A 6 -9.11 4.70 3.45
CA LYS A 6 -8.36 4.18 4.64
C LYS A 6 -7.66 2.87 4.28
N ARG A 7 -7.08 2.80 3.11
CA ARG A 7 -6.39 1.54 2.70
C ARG A 7 -4.87 1.62 2.99
N PRO A 8 -4.24 2.65 2.50
CA PRO A 8 -2.79 2.84 2.66
C PRO A 8 -2.48 3.38 4.05
N MET A 9 -2.21 2.50 4.95
CA MET A 9 -1.89 2.91 6.33
C MET A 9 -0.39 2.75 6.53
N ASN A 10 0.19 1.94 5.70
CA ASN A 10 1.63 1.66 5.78
C ASN A 10 2.27 1.93 4.41
N ALA A 11 3.56 2.03 4.37
CA ALA A 11 4.25 2.28 3.09
C ALA A 11 4.08 1.06 2.19
N PHE A 12 3.89 -0.07 2.78
CA PHE A 12 3.73 -1.31 2.00
C PHE A 12 2.40 -1.31 1.27
N MET A 13 1.32 -1.25 1.99
CA MET A 13 0.01 -1.20 1.32
C MET A 13 -0.01 0.08 0.49
N VAL A 14 0.89 0.97 0.80
CA VAL A 14 0.97 2.24 0.06
C VAL A 14 1.76 2.01 -1.21
N TRP A 15 2.86 1.36 -1.08
CA TRP A 15 3.69 1.09 -2.29
C TRP A 15 3.10 -0.12 -3.03
N ALA A 16 2.56 -1.03 -2.28
CA ALA A 16 1.97 -2.26 -2.87
C ALA A 16 0.62 -1.98 -3.54
N LYS A 17 -0.04 -0.89 -3.22
CA LYS A 17 -1.34 -0.64 -3.89
C LYS A 17 -1.06 -0.36 -5.35
N ASP A 18 0.11 0.12 -5.61
CA ASP A 18 0.49 0.40 -7.00
C ASP A 18 1.21 -0.84 -7.51
N GLU A 19 2.05 -1.40 -6.70
CA GLU A 19 2.76 -2.64 -7.09
C GLU A 19 1.71 -3.71 -7.39
N ARG A 20 0.64 -3.69 -6.64
CA ARG A 20 -0.45 -4.67 -6.87
C ARG A 20 -1.24 -4.22 -8.08
N ARG A 21 -1.40 -2.94 -8.22
CA ARG A 21 -2.11 -2.41 -9.39
C ARG A 21 -1.26 -2.73 -10.60
N LYS A 22 0.03 -2.63 -10.42
CA LYS A 22 0.96 -2.93 -11.52
C LYS A 22 0.95 -4.43 -11.80
N ILE A 23 0.55 -5.21 -10.85
CA ILE A 23 0.52 -6.68 -11.04
C ILE A 23 -0.91 -7.09 -11.43
N LEU A 24 -1.86 -6.62 -10.68
CA LEU A 24 -3.28 -6.95 -10.97
C LEU A 24 -3.57 -6.66 -12.43
N GLN A 25 -2.85 -5.73 -12.98
CA GLN A 25 -3.05 -5.38 -14.40
C GLN A 25 -2.68 -6.61 -15.18
N ALA A 26 -1.68 -7.25 -14.70
CA ALA A 26 -1.18 -8.49 -15.33
C ALA A 26 -1.89 -9.70 -14.74
N PHE A 27 -2.61 -9.51 -13.67
CA PHE A 27 -3.34 -10.64 -13.03
C PHE A 27 -4.59 -10.11 -12.32
N PRO A 28 -5.53 -9.69 -13.11
CA PRO A 28 -6.82 -9.15 -12.62
C PRO A 28 -7.68 -10.27 -12.01
N ASP A 29 -7.19 -11.48 -12.04
CA ASP A 29 -7.94 -12.62 -11.45
C ASP A 29 -7.24 -12.97 -10.14
N MET A 30 -5.99 -12.62 -10.05
CA MET A 30 -5.23 -12.89 -8.83
C MET A 30 -5.89 -12.15 -7.72
N HIS A 31 -6.59 -12.89 -6.98
CA HIS A 31 -7.37 -12.36 -5.88
C HIS A 31 -6.52 -11.55 -4.92
N ASN A 32 -7.06 -10.49 -4.38
CA ASN A 32 -6.30 -9.69 -3.40
C ASN A 32 -5.75 -10.64 -2.35
N SER A 33 -6.46 -11.73 -2.13
CA SER A 33 -5.99 -12.73 -1.13
C SER A 33 -4.68 -13.35 -1.62
N ASN A 34 -4.32 -13.11 -2.86
CA ASN A 34 -3.07 -13.68 -3.42
C ASN A 34 -2.09 -12.54 -3.73
N ILE A 35 -2.56 -11.47 -4.28
CA ILE A 35 -1.63 -10.33 -4.60
C ILE A 35 -0.84 -9.99 -3.34
N SER A 36 -1.45 -10.16 -2.20
CA SER A 36 -0.75 -9.86 -0.92
C SER A 36 0.56 -10.64 -0.84
N LYS A 37 0.53 -11.89 -1.19
CA LYS A 37 1.77 -12.70 -1.14
C LYS A 37 2.71 -12.14 -2.18
N ILE A 38 2.15 -11.59 -3.21
CA ILE A 38 2.96 -11.00 -4.28
C ILE A 38 3.54 -9.69 -3.76
N LEU A 39 2.68 -8.85 -3.26
CA LEU A 39 3.13 -7.56 -2.71
C LEU A 39 4.06 -7.82 -1.54
N GLY A 40 3.57 -8.50 -0.54
CA GLY A 40 4.41 -8.79 0.66
C GLY A 40 5.69 -9.51 0.22
N SER A 41 5.72 -10.00 -0.98
CA SER A 41 6.93 -10.69 -1.47
C SER A 41 7.65 -9.71 -2.37
N ARG A 42 6.94 -8.72 -2.82
CA ARG A 42 7.54 -7.70 -3.67
C ARG A 42 8.08 -6.64 -2.73
N TRP A 43 7.42 -6.52 -1.62
CA TRP A 43 7.82 -5.58 -0.57
C TRP A 43 9.15 -5.99 0.00
N LYS A 44 9.24 -7.16 0.56
CA LYS A 44 10.53 -7.60 1.14
C LYS A 44 11.57 -7.68 0.01
N ALA A 45 11.10 -7.56 -1.20
CA ALA A 45 11.98 -7.62 -2.37
C ALA A 45 12.43 -6.20 -2.71
N MET A 46 12.71 -5.44 -1.70
CA MET A 46 13.09 -4.03 -1.89
C MET A 46 14.35 -3.73 -1.06
N THR A 47 14.66 -2.48 -0.83
CA THR A 47 15.85 -2.17 -0.02
C THR A 47 15.41 -1.58 1.32
N ASN A 48 14.15 -1.29 1.46
CA ASN A 48 13.65 -0.70 2.73
C ASN A 48 14.04 0.77 2.78
N LEU A 49 15.30 1.04 2.61
CA LEU A 49 15.77 2.46 2.63
C LEU A 49 15.13 3.17 1.43
N GLU A 50 14.82 2.43 0.40
CA GLU A 50 14.19 3.06 -0.79
C GLU A 50 12.76 3.44 -0.45
N LYS A 51 12.21 2.86 0.60
CA LYS A 51 10.81 3.15 0.97
C LYS A 51 10.71 4.38 1.86
N GLN A 52 11.71 5.20 1.88
CA GLN A 52 11.64 6.42 2.73
C GLN A 52 10.48 7.33 2.26
N PRO A 53 10.22 7.40 0.96
CA PRO A 53 9.13 8.24 0.43
C PRO A 53 7.78 7.54 0.58
N TYR A 54 7.73 6.28 0.22
CA TYR A 54 6.46 5.53 0.40
C TYR A 54 6.16 5.52 1.88
N TYR A 55 7.17 5.81 2.66
CA TYR A 55 7.01 5.82 4.11
C TYR A 55 6.25 7.09 4.54
N GLU A 56 6.76 8.23 4.19
CA GLU A 56 6.06 9.48 4.58
C GLU A 56 4.71 9.54 3.87
N GLU A 57 4.64 9.01 2.67
CA GLU A 57 3.35 9.03 1.94
C GLU A 57 2.31 8.24 2.73
N GLN A 58 2.72 7.42 3.64
CA GLN A 58 1.72 6.65 4.43
C GLN A 58 1.18 7.53 5.55
N ALA A 59 2.07 8.12 6.27
CA ALA A 59 1.66 9.00 7.38
C ALA A 59 0.86 10.19 6.85
N ARG A 60 1.09 10.58 5.62
CA ARG A 60 0.34 11.74 5.05
C ARG A 60 -1.10 11.32 4.76
N LEU A 61 -1.31 10.09 4.38
CA LEU A 61 -2.68 9.64 4.05
C LEU A 61 -3.52 9.48 5.32
N SER A 62 -2.91 9.21 6.43
CA SER A 62 -3.72 9.08 7.68
C SER A 62 -4.06 10.49 8.17
N LYS A 63 -3.13 11.40 7.97
CA LYS A 63 -3.36 12.80 8.40
C LYS A 63 -4.42 13.45 7.51
N GLN A 64 -4.26 13.35 6.22
CA GLN A 64 -5.26 13.98 5.30
C GLN A 64 -6.55 13.16 5.27
N HIS A 65 -6.44 11.86 5.20
CA HIS A 65 -7.68 11.01 5.15
C HIS A 65 -8.68 11.50 6.19
N LEU A 66 -8.34 11.42 7.44
CA LEU A 66 -9.29 11.85 8.50
C LEU A 66 -9.46 13.37 8.47
N GLU A 67 -8.38 14.10 8.42
CA GLU A 67 -8.49 15.58 8.40
C GLU A 67 -9.29 16.02 7.18
N LYS A 68 -9.51 15.14 6.24
CA LYS A 68 -10.28 15.51 5.02
C LYS A 68 -11.78 15.32 5.27
N TYR A 69 -12.17 14.13 5.64
CA TYR A 69 -13.62 13.88 5.88
C TYR A 69 -13.79 12.71 6.85
N PRO A 70 -13.83 13.04 8.12
CA PRO A 70 -14.01 12.04 9.18
C PRO A 70 -15.47 11.61 9.27
N ASP A 71 -16.28 12.38 9.95
CA ASP A 71 -17.71 12.03 10.08
C ASP A 71 -18.50 12.67 8.94
N TYR A 72 -18.07 12.50 7.71
CA TYR A 72 -18.80 13.11 6.57
C TYR A 72 -20.22 12.56 6.53
#